data_1JFN
#
_entry.id   1JFN
#
_cell.length_a   ?
_cell.length_b   ?
_cell.length_c   ?
_cell.angle_alpha   ?
_cell.angle_beta   ?
_cell.angle_gamma   ?
#
_entity_poly.entity_id   1
_entity_poly.type   'polypeptide(L)'
_entity_poly.pdbx_seq_one_letter_code
;ARIHHHHHHIEGRAPTEQSPGVQDCYHGDGQSYRGSFSTTVTGRTCQSWSSMTPHWHQRTTEYYPNGGLTRNYCRNPDAE
ISPWCYTMDPNVRWEYCNLTQCPVTESSVLATSTAVSEQ
;
_entity_poly.pdbx_strand_id   A
#
# COMPACT_ATOMS: atom_id res chain seq x y z
N ALA A 1 -7.15 -16.74 21.22
CA ALA A 1 -7.83 -17.63 20.23
C ALA A 1 -6.88 -17.94 19.07
N ARG A 2 -6.48 -16.94 18.34
CA ARG A 2 -5.56 -17.17 17.19
C ARG A 2 -4.50 -16.07 17.13
N ILE A 3 -3.27 -16.44 16.93
CA ILE A 3 -2.18 -15.42 16.86
C ILE A 3 -1.08 -15.88 15.90
N HIS A 4 -0.60 -15.01 15.06
CA HIS A 4 0.47 -15.40 14.10
C HIS A 4 1.79 -15.64 14.84
N HIS A 5 2.65 -16.46 14.28
CA HIS A 5 3.95 -16.75 14.93
C HIS A 5 4.54 -15.48 15.54
N HIS A 6 5.22 -15.60 16.65
CA HIS A 6 5.82 -14.41 17.29
C HIS A 6 7.32 -14.64 17.53
N HIS A 7 7.90 -15.55 16.79
CA HIS A 7 9.36 -15.82 16.97
C HIS A 7 10.17 -15.20 15.83
N HIS A 8 10.30 -15.89 14.73
CA HIS A 8 11.07 -15.35 13.59
C HIS A 8 10.14 -14.68 12.57
N HIS A 9 10.68 -13.85 11.72
CA HIS A 9 9.83 -13.17 10.70
C HIS A 9 10.09 -13.77 9.31
N ILE A 10 11.30 -14.19 9.07
CA ILE A 10 11.62 -14.78 7.73
C ILE A 10 11.79 -16.30 7.86
N GLU A 11 10.78 -16.99 8.29
CA GLU A 11 10.89 -18.48 8.43
C GLU A 11 11.10 -19.11 7.06
N GLY A 12 12.28 -18.99 6.51
CA GLY A 12 12.55 -19.59 5.18
C GLY A 12 14.03 -19.97 5.07
N ARG A 13 14.88 -19.00 4.83
CA ARG A 13 16.33 -19.32 4.72
C ARG A 13 17.12 -18.66 5.87
N ALA A 14 18.41 -18.81 5.87
CA ALA A 14 19.22 -18.21 6.96
C ALA A 14 19.38 -16.70 6.75
N PRO A 15 19.92 -16.34 5.61
CA PRO A 15 20.12 -14.91 5.29
C PRO A 15 18.79 -14.21 4.99
N THR A 16 18.09 -14.65 3.98
CA THR A 16 16.78 -14.01 3.66
C THR A 16 15.84 -15.00 2.95
N GLU A 17 14.57 -14.77 3.01
CA GLU A 17 13.60 -15.70 2.36
C GLU A 17 13.85 -15.76 0.85
N GLN A 18 14.24 -16.91 0.36
CA GLN A 18 14.51 -17.04 -1.10
C GLN A 18 13.27 -16.61 -1.91
N SER A 19 12.23 -17.39 -1.86
CA SER A 19 11.00 -17.04 -2.63
C SER A 19 10.56 -15.61 -2.31
N PRO A 20 9.72 -15.08 -3.16
CA PRO A 20 9.22 -13.69 -2.97
C PRO A 20 8.19 -13.64 -1.84
N GLY A 21 8.15 -12.56 -1.10
CA GLY A 21 7.16 -12.46 0.01
C GLY A 21 6.00 -11.57 -0.43
N VAL A 22 5.66 -10.59 0.35
CA VAL A 22 4.54 -9.68 -0.03
C VAL A 22 4.93 -8.84 -1.25
N GLN A 23 4.04 -8.69 -2.19
CA GLN A 23 4.35 -7.90 -3.40
C GLN A 23 3.06 -7.48 -4.09
N ASP A 24 2.35 -6.54 -3.53
CA ASP A 24 1.08 -6.08 -4.14
C ASP A 24 1.34 -5.38 -5.47
N CYS A 25 0.36 -4.66 -5.96
CA CYS A 25 0.53 -3.93 -7.25
C CYS A 25 -0.51 -2.81 -7.37
N TYR A 26 -0.43 -2.00 -8.40
CA TYR A 26 -1.41 -0.90 -8.57
C TYR A 26 -1.57 -0.55 -10.05
N HIS A 27 -2.70 0.01 -10.43
CA HIS A 27 -2.91 0.37 -11.85
C HIS A 27 -2.88 1.90 -12.00
N GLY A 28 -2.00 2.41 -12.83
CA GLY A 28 -1.92 3.89 -13.01
C GLY A 28 -0.91 4.46 -12.00
N ASP A 29 -1.37 5.23 -11.06
CA ASP A 29 -0.44 5.79 -10.04
C ASP A 29 -1.02 5.62 -8.65
N GLY A 30 -1.35 4.41 -8.30
CA GLY A 30 -1.95 4.18 -6.95
C GLY A 30 -3.37 4.74 -6.97
N GLN A 31 -3.80 5.28 -8.08
CA GLN A 31 -5.18 5.85 -8.16
C GLN A 31 -6.20 4.73 -8.39
N SER A 32 -5.83 3.74 -9.15
CA SER A 32 -6.77 2.62 -9.42
C SER A 32 -6.64 1.54 -8.34
N TYR A 33 -6.06 1.88 -7.22
CA TYR A 33 -5.90 0.88 -6.13
C TYR A 33 -7.25 0.28 -5.75
N ARG A 34 -8.17 1.09 -5.29
CA ARG A 34 -9.50 0.57 -4.91
C ARG A 34 -9.37 -0.56 -3.90
N GLY A 35 -8.33 -0.57 -3.13
CA GLY A 35 -8.14 -1.67 -2.13
C GLY A 35 -7.55 -1.09 -0.85
N SER A 36 -7.86 -1.68 0.28
CA SER A 36 -7.31 -1.18 1.56
C SER A 36 -6.02 -1.92 1.92
N PHE A 37 -5.04 -1.83 1.07
CA PHE A 37 -3.75 -2.52 1.35
C PHE A 37 -2.94 -1.76 2.40
N SER A 38 -3.41 -1.74 3.61
CA SER A 38 -2.67 -1.00 4.69
C SER A 38 -1.29 -1.63 4.97
N THR A 39 -0.55 -2.01 3.96
CA THR A 39 0.79 -2.60 4.20
C THR A 39 1.86 -1.67 3.60
N THR A 40 2.80 -1.24 4.40
CA THR A 40 3.85 -0.32 3.87
C THR A 40 4.94 -1.09 3.15
N VAL A 41 5.72 -0.41 2.36
CA VAL A 41 6.83 -1.09 1.61
C VAL A 41 7.74 -1.83 2.59
N THR A 42 7.79 -1.40 3.82
CA THR A 42 8.66 -2.10 4.81
C THR A 42 7.89 -3.20 5.52
N GLY A 43 6.67 -3.45 5.12
CA GLY A 43 5.88 -4.53 5.78
C GLY A 43 5.11 -3.94 6.96
N ARG A 44 5.23 -2.67 7.20
CA ARG A 44 4.50 -2.06 8.35
C ARG A 44 3.00 -2.01 8.04
N THR A 45 2.26 -1.23 8.79
CA THR A 45 0.79 -1.15 8.55
C THR A 45 0.36 0.32 8.41
N CYS A 46 -0.50 0.60 7.46
CA CYS A 46 -0.95 2.00 7.27
C CYS A 46 -1.68 2.49 8.52
N GLN A 47 -1.04 3.28 9.33
CA GLN A 47 -1.71 3.78 10.56
C GLN A 47 -3.00 4.51 10.19
N SER A 48 -4.02 4.43 11.00
CA SER A 48 -5.28 5.14 10.67
C SER A 48 -4.96 6.59 10.32
N TRP A 49 -5.51 7.09 9.26
CA TRP A 49 -5.22 8.51 8.91
C TRP A 49 -5.61 9.37 10.11
N SER A 50 -6.70 9.04 10.71
CA SER A 50 -7.18 9.80 11.91
C SER A 50 -6.43 9.35 13.17
N SER A 51 -5.19 8.94 13.06
CA SER A 51 -4.44 8.50 14.28
C SER A 51 -3.67 9.68 14.85
N MET A 52 -4.16 10.28 15.90
CA MET A 52 -3.45 11.43 16.49
C MET A 52 -2.64 10.98 17.71
N THR A 53 -2.20 9.75 17.71
CA THR A 53 -1.40 9.24 18.87
C THR A 53 0.10 9.30 18.54
N PRO A 54 0.52 8.49 17.60
CA PRO A 54 1.96 8.48 17.22
C PRO A 54 2.30 9.74 16.41
N HIS A 55 2.23 9.66 15.10
CA HIS A 55 2.54 10.87 14.28
C HIS A 55 1.27 11.68 14.03
N TRP A 56 1.21 12.89 14.52
CA TRP A 56 -0.01 13.72 14.32
C TRP A 56 0.09 14.53 13.02
N HIS A 57 -1.02 14.72 12.36
CA HIS A 57 -1.02 15.53 11.11
C HIS A 57 -2.45 15.96 10.77
N GLN A 58 -2.62 17.18 10.33
CA GLN A 58 -4.00 17.66 10.00
C GLN A 58 -4.36 17.25 8.57
N ARG A 59 -5.49 17.69 8.09
CA ARG A 59 -5.91 17.32 6.70
C ARG A 59 -5.83 15.81 6.51
N THR A 60 -6.72 15.09 7.11
CA THR A 60 -6.71 13.60 6.95
C THR A 60 -7.72 13.16 5.91
N THR A 61 -7.59 11.96 5.44
CA THR A 61 -8.57 11.44 4.47
C THR A 61 -9.80 10.96 5.22
N GLU A 62 -9.71 10.85 6.52
CA GLU A 62 -10.88 10.41 7.30
C GLU A 62 -11.93 11.49 7.20
N TYR A 63 -11.49 12.69 7.02
CA TYR A 63 -12.44 13.82 6.87
C TYR A 63 -12.68 14.09 5.39
N TYR A 64 -12.06 13.30 4.53
CA TYR A 64 -12.24 13.52 3.07
C TYR A 64 -12.52 12.18 2.37
N PRO A 65 -13.78 11.89 2.22
CA PRO A 65 -14.20 10.63 1.56
C PRO A 65 -13.95 10.71 0.05
N ASN A 66 -13.72 11.88 -0.46
CA ASN A 66 -13.47 12.01 -1.93
C ASN A 66 -12.31 11.10 -2.35
N GLY A 67 -11.53 10.66 -1.41
CA GLY A 67 -10.38 9.77 -1.76
C GLY A 67 -10.83 8.31 -1.67
N GLY A 68 -11.58 7.97 -0.66
CA GLY A 68 -12.05 6.57 -0.51
C GLY A 68 -11.06 5.79 0.36
N LEU A 69 -10.17 6.48 1.02
CA LEU A 69 -9.18 5.78 1.88
C LEU A 69 -9.30 6.26 3.33
N THR A 70 -10.33 5.82 4.01
CA THR A 70 -10.52 6.25 5.42
C THR A 70 -9.99 5.17 6.37
N ARG A 71 -9.72 5.54 7.60
CA ARG A 71 -9.20 4.56 8.60
C ARG A 71 -7.73 4.24 8.34
N ASN A 72 -7.34 3.01 8.54
CA ASN A 72 -5.92 2.63 8.32
C ASN A 72 -5.70 2.14 6.88
N TYR A 73 -6.60 2.43 5.99
CA TYR A 73 -6.44 1.97 4.59
C TYR A 73 -5.29 2.73 3.91
N CYS A 74 -4.51 2.04 3.12
CA CYS A 74 -3.38 2.71 2.42
C CYS A 74 -3.82 3.16 1.03
N ARG A 75 -3.66 4.41 0.70
CA ARG A 75 -4.10 4.89 -0.64
C ARG A 75 -3.17 6.01 -1.13
N ASN A 76 -3.41 6.51 -2.32
CA ASN A 76 -2.54 7.59 -2.86
C ASN A 76 -3.37 8.87 -3.04
N PRO A 77 -3.41 9.67 -2.01
CA PRO A 77 -4.16 10.94 -2.06
C PRO A 77 -3.40 11.98 -2.90
N ASP A 78 -2.29 11.59 -3.45
CA ASP A 78 -1.50 12.56 -4.28
C ASP A 78 -1.36 12.03 -5.71
N ALA A 79 -1.88 10.87 -5.97
CA ALA A 79 -1.78 10.29 -7.35
C ALA A 79 -0.32 10.10 -7.74
N GLU A 80 0.55 10.00 -6.76
CA GLU A 80 2.00 9.80 -7.06
C GLU A 80 2.23 8.42 -7.67
N ILE A 81 3.47 8.04 -7.85
CA ILE A 81 3.77 6.70 -8.43
C ILE A 81 2.90 5.62 -7.77
N SER A 82 2.62 5.79 -6.50
CA SER A 82 1.77 4.78 -5.79
C SER A 82 1.21 5.38 -4.51
N PRO A 83 0.35 4.64 -3.87
CA PRO A 83 -0.27 5.10 -2.62
C PRO A 83 0.69 4.93 -1.43
N TRP A 84 0.42 5.62 -0.36
CA TRP A 84 1.30 5.51 0.84
C TRP A 84 0.48 5.81 2.09
N CYS A 85 1.08 5.81 3.24
CA CYS A 85 0.27 6.10 4.46
C CYS A 85 1.15 6.07 5.72
N TYR A 86 0.66 6.67 6.77
CA TYR A 86 1.43 6.67 8.05
C TYR A 86 1.55 5.24 8.57
N THR A 87 2.51 4.97 9.42
CA THR A 87 2.65 3.58 9.93
C THR A 87 2.24 3.51 11.40
N MET A 88 1.67 2.41 11.80
CA MET A 88 1.25 2.26 13.22
C MET A 88 2.49 2.26 14.14
N ASP A 89 3.67 2.29 13.58
CA ASP A 89 4.89 2.29 14.42
C ASP A 89 5.47 3.70 14.49
N PRO A 90 5.77 4.12 15.69
CA PRO A 90 6.34 5.46 15.90
C PRO A 90 7.76 5.53 15.34
N ASN A 91 8.29 4.42 14.92
CA ASN A 91 9.66 4.42 14.35
C ASN A 91 9.58 4.66 12.84
N VAL A 92 8.39 4.67 12.29
CA VAL A 92 8.24 4.89 10.84
C VAL A 92 7.18 5.96 10.58
N ARG A 93 7.58 7.22 10.54
CA ARG A 93 6.59 8.30 10.29
C ARG A 93 5.60 7.89 9.23
N TRP A 94 6.07 7.62 8.04
CA TRP A 94 5.15 7.20 6.93
C TRP A 94 5.96 6.47 5.85
N GLU A 95 5.30 5.92 4.87
CA GLU A 95 6.05 5.21 3.80
C GLU A 95 5.10 4.71 2.71
N TYR A 96 5.62 4.41 1.55
CA TYR A 96 4.75 3.90 0.45
C TYR A 96 4.43 2.43 0.69
N CYS A 97 3.26 2.00 0.35
CA CYS A 97 2.92 0.56 0.56
C CYS A 97 3.56 -0.28 -0.54
N ASN A 98 3.49 -1.57 -0.44
CA ASN A 98 4.11 -2.44 -1.47
C ASN A 98 3.32 -2.39 -2.79
N LEU A 99 3.24 -1.26 -3.44
CA LEU A 99 2.49 -1.20 -4.72
C LEU A 99 3.46 -1.21 -5.91
N THR A 100 2.96 -1.59 -7.06
CA THR A 100 3.80 -1.60 -8.28
C THR A 100 2.88 -1.65 -9.50
N GLN A 101 3.34 -1.26 -10.64
CA GLN A 101 2.45 -1.32 -11.83
C GLN A 101 2.04 -2.77 -12.09
N CYS A 102 0.85 -3.13 -11.67
CA CYS A 102 0.38 -4.54 -11.85
C CYS A 102 0.84 -5.10 -13.20
N PRO A 103 1.91 -5.84 -13.17
CA PRO A 103 2.45 -6.44 -14.41
C PRO A 103 1.71 -7.74 -14.73
N VAL A 104 0.44 -7.66 -14.99
CA VAL A 104 -0.34 -8.91 -15.30
C VAL A 104 -0.25 -9.24 -16.79
N THR A 105 -0.73 -10.39 -17.18
CA THR A 105 -0.68 -10.78 -18.62
C THR A 105 -2.09 -10.76 -19.22
N GLU A 106 -3.08 -11.06 -18.43
CA GLU A 106 -4.49 -11.04 -18.94
C GLU A 106 -4.75 -9.76 -19.72
N SER A 107 -5.93 -9.61 -20.27
CA SER A 107 -6.26 -8.38 -21.03
C SER A 107 -6.33 -7.17 -20.10
N SER A 108 -7.21 -7.21 -19.13
CA SER A 108 -7.33 -6.07 -18.17
C SER A 108 -7.74 -4.80 -18.93
N VAL A 109 -6.83 -4.21 -19.66
CA VAL A 109 -7.15 -2.98 -20.42
C VAL A 109 -8.42 -3.18 -21.27
N LEU A 110 -9.45 -2.43 -21.01
CA LEU A 110 -10.70 -2.60 -21.81
C LEU A 110 -10.69 -1.65 -23.01
N ALA A 111 -9.68 -0.85 -23.13
CA ALA A 111 -9.60 0.10 -24.29
C ALA A 111 -8.74 -0.50 -25.40
N THR A 112 -9.13 -0.31 -26.64
CA THR A 112 -8.33 -0.88 -27.77
C THR A 112 -8.19 0.17 -28.87
N SER A 113 -8.17 1.43 -28.53
CA SER A 113 -8.03 2.50 -29.56
C SER A 113 -6.67 2.36 -30.26
N THR A 114 -5.61 2.69 -29.59
CA THR A 114 -4.27 2.59 -30.21
C THR A 114 -3.48 1.44 -29.57
N ALA A 115 -2.52 0.89 -30.27
CA ALA A 115 -1.72 -0.23 -29.70
C ALA A 115 -0.25 0.17 -29.58
N VAL A 116 0.37 -0.15 -28.48
CA VAL A 116 1.81 0.21 -28.30
C VAL A 116 2.66 -1.07 -28.20
N SER A 117 3.69 -1.17 -28.99
CA SER A 117 4.55 -2.39 -28.94
C SER A 117 5.97 -2.02 -28.51
N GLU A 118 6.58 -2.82 -27.68
CA GLU A 118 7.97 -2.52 -27.23
C GLU A 118 8.03 -1.13 -26.60
N GLN A 119 6.98 -0.71 -25.94
CA GLN A 119 6.97 0.64 -25.31
C GLN A 119 6.14 0.62 -24.03
N ALA A 1 19.48 -6.11 8.54
CA ALA A 1 20.08 -7.10 7.61
C ALA A 1 20.73 -8.24 8.39
N ARG A 2 19.93 -9.09 8.99
CA ARG A 2 20.50 -10.23 9.76
C ARG A 2 19.38 -10.98 10.49
N ILE A 3 18.55 -11.67 9.76
CA ILE A 3 17.44 -12.43 10.40
C ILE A 3 16.67 -11.52 11.37
N HIS A 4 15.93 -10.59 10.86
CA HIS A 4 15.15 -9.68 11.75
C HIS A 4 13.78 -9.38 11.15
N HIS A 5 13.22 -10.32 10.44
CA HIS A 5 11.88 -10.09 9.82
C HIS A 5 10.90 -11.19 10.25
N HIS A 6 9.91 -11.46 9.45
CA HIS A 6 8.93 -12.52 9.80
C HIS A 6 8.42 -13.22 8.55
N HIS A 7 9.15 -13.15 7.48
CA HIS A 7 8.72 -13.81 6.21
C HIS A 7 8.99 -15.32 6.28
N HIS A 8 8.01 -16.13 5.99
CA HIS A 8 8.23 -17.60 6.04
C HIS A 8 9.32 -18.01 5.04
N HIS A 9 10.30 -18.75 5.49
CA HIS A 9 11.39 -19.18 4.57
C HIS A 9 11.26 -20.66 4.24
N ILE A 10 10.08 -21.21 4.37
CA ILE A 10 9.89 -22.65 4.04
C ILE A 10 9.16 -22.80 2.71
N GLU A 11 9.35 -23.90 2.03
CA GLU A 11 8.67 -24.10 0.72
C GLU A 11 7.19 -24.42 0.94
N GLY A 12 6.88 -25.66 1.18
CA GLY A 12 5.46 -26.05 1.40
C GLY A 12 5.04 -27.07 0.35
N ARG A 13 3.81 -27.50 0.37
CA ARG A 13 3.35 -28.49 -0.64
C ARG A 13 2.89 -27.77 -1.92
N ALA A 14 3.16 -26.50 -2.03
CA ALA A 14 2.74 -25.76 -3.25
C ALA A 14 3.60 -24.49 -3.41
N PRO A 15 4.12 -24.32 -4.59
CA PRO A 15 4.97 -23.14 -4.88
C PRO A 15 4.09 -21.88 -5.00
N THR A 16 4.69 -20.77 -5.35
CA THR A 16 3.91 -19.50 -5.47
C THR A 16 3.78 -19.11 -6.94
N GLU A 17 2.67 -19.39 -7.55
CA GLU A 17 2.49 -19.03 -8.98
C GLU A 17 2.61 -17.52 -9.18
N GLN A 18 3.02 -17.10 -10.35
CA GLN A 18 3.16 -15.64 -10.61
C GLN A 18 1.85 -14.90 -10.33
N SER A 19 0.74 -15.51 -10.68
CA SER A 19 -0.57 -14.83 -10.45
C SER A 19 -0.70 -14.37 -8.99
N PRO A 20 -0.67 -15.31 -8.09
CA PRO A 20 -0.79 -15.00 -6.64
C PRO A 20 0.49 -14.31 -6.13
N GLY A 21 0.34 -13.32 -5.30
CA GLY A 21 1.55 -12.62 -4.77
C GLY A 21 1.31 -11.10 -4.83
N VAL A 22 0.89 -10.51 -3.73
CA VAL A 22 0.65 -9.04 -3.73
C VAL A 22 0.98 -8.45 -2.36
N GLN A 23 1.82 -7.45 -2.32
CA GLN A 23 2.20 -6.82 -1.05
C GLN A 23 2.86 -5.49 -1.33
N ASP A 24 3.79 -5.11 -0.52
CA ASP A 24 4.51 -3.82 -0.71
C ASP A 24 4.67 -3.50 -2.20
N CYS A 25 3.76 -2.74 -2.76
CA CYS A 25 3.86 -2.39 -4.21
C CYS A 25 3.01 -1.17 -4.54
N TYR A 26 3.39 -0.45 -5.56
CA TYR A 26 2.61 0.73 -5.97
C TYR A 26 2.91 1.08 -7.43
N HIS A 27 2.04 1.79 -8.09
CA HIS A 27 2.30 2.14 -9.51
C HIS A 27 2.52 3.66 -9.64
N GLY A 28 3.69 4.07 -10.02
CA GLY A 28 3.96 5.53 -10.18
C GLY A 28 3.92 6.20 -8.81
N ASP A 29 2.76 6.35 -8.23
CA ASP A 29 2.66 7.01 -6.90
C ASP A 29 1.76 6.22 -5.97
N GLY A 30 1.49 4.98 -6.29
CA GLY A 30 0.59 4.18 -5.43
C GLY A 30 -0.72 4.94 -5.24
N GLN A 31 -0.92 6.00 -5.99
CA GLN A 31 -2.18 6.78 -5.84
C GLN A 31 -3.39 5.90 -6.20
N SER A 32 -3.20 4.96 -7.08
CA SER A 32 -4.33 4.08 -7.47
C SER A 32 -4.40 2.87 -6.54
N TYR A 33 -3.62 2.89 -5.48
CA TYR A 33 -3.65 1.74 -4.53
C TYR A 33 -5.04 1.60 -3.93
N ARG A 34 -5.90 0.84 -4.57
CA ARG A 34 -7.28 0.67 -4.05
C ARG A 34 -7.31 -0.49 -3.04
N GLY A 35 -6.62 -0.35 -1.94
CA GLY A 35 -6.63 -1.44 -0.92
C GLY A 35 -6.44 -0.85 0.48
N SER A 36 -6.17 -1.68 1.44
CA SER A 36 -5.98 -1.17 2.83
C SER A 36 -4.60 -1.56 3.35
N PHE A 37 -3.57 -1.05 2.75
CA PHE A 37 -2.18 -1.39 3.20
C PHE A 37 -1.70 -0.41 4.25
N SER A 38 -2.29 -0.42 5.42
CA SER A 38 -1.86 0.52 6.49
C SER A 38 -0.49 0.15 7.08
N THR A 39 0.44 -0.29 6.28
CA THR A 39 1.78 -0.63 6.83
C THR A 39 2.74 0.51 6.54
N THR A 40 3.35 1.08 7.53
CA THR A 40 4.29 2.21 7.29
C THR A 40 5.68 1.70 6.89
N VAL A 41 6.54 2.58 6.48
CA VAL A 41 7.91 2.16 6.06
C VAL A 41 8.59 1.38 7.21
N THR A 42 8.44 1.87 8.42
CA THR A 42 9.07 1.16 9.58
C THR A 42 8.41 -0.21 9.79
N GLY A 43 7.29 -0.43 9.15
CA GLY A 43 6.60 -1.75 9.31
C GLY A 43 5.46 -1.60 10.33
N ARG A 44 5.23 -0.41 10.82
CA ARG A 44 4.14 -0.22 11.81
C ARG A 44 2.78 -0.17 11.11
N THR A 45 1.75 0.21 11.81
CA THR A 45 0.39 0.27 11.19
C THR A 45 -0.05 1.72 11.04
N CYS A 46 -0.67 2.04 9.94
CA CYS A 46 -1.14 3.44 9.71
C CYS A 46 -2.33 3.73 10.65
N GLN A 47 -2.45 4.95 11.10
CA GLN A 47 -3.58 5.30 12.00
C GLN A 47 -4.78 5.81 11.18
N SER A 48 -5.98 5.59 11.65
CA SER A 48 -7.17 6.09 10.91
C SER A 48 -7.02 7.59 10.65
N TRP A 49 -7.54 8.08 9.57
CA TRP A 49 -7.43 9.53 9.30
C TRP A 49 -8.30 10.28 10.31
N SER A 50 -9.48 9.76 10.55
CA SER A 50 -10.40 10.40 11.53
C SER A 50 -10.02 10.05 12.97
N SER A 51 -8.77 9.75 13.23
CA SER A 51 -8.37 9.39 14.62
C SER A 51 -7.89 10.64 15.35
N MET A 52 -8.79 11.30 16.02
CA MET A 52 -8.40 12.54 16.75
C MET A 52 -7.96 12.18 18.17
N THR A 53 -7.27 11.08 18.33
CA THR A 53 -6.81 10.68 19.68
C THR A 53 -5.32 10.96 19.86
N PRO A 54 -4.49 10.25 19.12
CA PRO A 54 -3.02 10.47 19.22
C PRO A 54 -2.62 11.78 18.55
N HIS A 55 -2.22 11.75 17.30
CA HIS A 55 -1.83 13.02 16.61
C HIS A 55 -3.04 13.60 15.89
N TRP A 56 -3.54 14.72 16.37
CA TRP A 56 -4.72 15.34 15.70
C TRP A 56 -4.30 16.08 14.43
N HIS A 57 -5.13 16.07 13.43
CA HIS A 57 -4.77 16.79 12.17
C HIS A 57 -6.00 16.99 11.29
N GLN A 58 -5.81 17.58 10.14
CA GLN A 58 -6.96 17.80 9.21
C GLN A 58 -7.00 16.68 8.17
N ARG A 59 -7.53 16.95 7.01
CA ARG A 59 -7.60 15.89 5.96
C ARG A 59 -8.02 14.55 6.57
N THR A 60 -9.29 14.36 6.77
CA THR A 60 -9.78 13.08 7.36
C THR A 60 -10.79 12.42 6.44
N THR A 61 -11.10 11.18 6.68
CA THR A 61 -12.10 10.49 5.83
C THR A 61 -13.47 11.10 6.12
N GLU A 62 -13.57 11.85 7.19
CA GLU A 62 -14.86 12.49 7.50
C GLU A 62 -15.09 13.60 6.50
N TYR A 63 -14.02 14.18 6.04
CA TYR A 63 -14.14 15.24 5.03
C TYR A 63 -13.84 14.65 3.65
N TYR A 64 -13.60 13.36 3.59
CA TYR A 64 -13.30 12.72 2.28
C TYR A 64 -13.92 11.33 2.22
N PRO A 65 -15.16 11.29 1.80
CA PRO A 65 -15.89 10.01 1.70
C PRO A 65 -15.41 9.22 0.47
N ASN A 66 -14.53 9.80 -0.30
CA ASN A 66 -14.02 9.09 -1.51
C ASN A 66 -12.49 9.03 -1.49
N GLY A 67 -11.89 9.29 -0.36
CA GLY A 67 -10.40 9.24 -0.30
C GLY A 67 -9.92 7.84 -0.66
N GLY A 68 -10.73 6.84 -0.41
CA GLY A 68 -10.32 5.45 -0.73
C GLY A 68 -9.44 4.93 0.40
N LEU A 69 -9.18 5.75 1.38
CA LEU A 69 -8.33 5.32 2.51
C LEU A 69 -9.16 5.30 3.80
N THR A 70 -10.33 4.77 3.71
CA THR A 70 -11.24 4.71 4.90
C THR A 70 -10.49 4.16 6.11
N ARG A 71 -11.01 4.41 7.28
CA ARG A 71 -10.35 3.91 8.52
C ARG A 71 -8.84 4.21 8.48
N ASN A 72 -8.02 3.24 8.76
CA ASN A 72 -6.54 3.49 8.74
C ASN A 72 -5.94 2.99 7.43
N TYR A 73 -6.65 3.09 6.34
CA TYR A 73 -6.07 2.60 5.05
C TYR A 73 -5.02 3.58 4.53
N CYS A 74 -3.89 3.05 4.13
CA CYS A 74 -2.79 3.94 3.61
C CYS A 74 -3.13 4.44 2.21
N ARG A 75 -2.76 5.65 1.90
CA ARG A 75 -3.07 6.21 0.56
C ARG A 75 -2.14 7.39 0.24
N ASN A 76 -2.22 7.92 -0.96
CA ASN A 76 -1.33 9.06 -1.33
C ASN A 76 -2.17 10.22 -1.90
N PRO A 77 -2.67 11.04 -1.01
CA PRO A 77 -3.48 12.20 -1.43
C PRO A 77 -2.58 13.29 -2.03
N ASP A 78 -1.29 13.05 -2.08
CA ASP A 78 -0.36 14.07 -2.64
C ASP A 78 0.32 13.54 -3.90
N ALA A 79 0.08 12.30 -4.23
CA ALA A 79 0.72 11.71 -5.45
C ALA A 79 2.24 11.70 -5.29
N GLU A 80 2.73 11.91 -4.10
CA GLU A 80 4.21 11.91 -3.89
C GLU A 80 4.80 10.57 -4.31
N ILE A 81 5.96 10.22 -3.81
CA ILE A 81 6.56 8.92 -4.19
C ILE A 81 5.55 7.79 -4.03
N SER A 82 4.72 7.88 -3.03
CA SER A 82 3.70 6.81 -2.81
C SER A 82 2.76 7.21 -1.67
N PRO A 83 1.83 6.33 -1.37
CA PRO A 83 0.85 6.59 -0.30
C PRO A 83 1.47 6.47 1.09
N TRP A 84 1.01 7.27 2.01
CA TRP A 84 1.54 7.25 3.40
C TRP A 84 0.38 7.41 4.39
N CYS A 85 0.65 7.63 5.64
CA CYS A 85 -0.47 7.79 6.62
C CYS A 85 0.06 8.01 8.04
N TYR A 86 -0.79 8.47 8.93
CA TYR A 86 -0.36 8.68 10.34
C TYR A 86 -0.07 7.32 10.99
N THR A 87 0.57 7.31 12.12
CA THR A 87 0.87 6.01 12.79
C THR A 87 -0.09 5.78 13.94
N MET A 88 -0.60 4.58 14.08
CA MET A 88 -1.54 4.30 15.20
C MET A 88 -0.79 4.32 16.54
N ASP A 89 0.50 4.57 16.52
CA ASP A 89 1.26 4.61 17.79
C ASP A 89 1.65 6.06 18.09
N PRO A 90 1.58 6.39 19.35
CA PRO A 90 1.93 7.75 19.80
C PRO A 90 3.44 7.97 19.69
N ASN A 91 4.16 6.97 19.28
CA ASN A 91 5.64 7.12 19.14
C ASN A 91 5.97 7.60 17.74
N VAL A 92 5.01 7.62 16.85
CA VAL A 92 5.28 8.07 15.46
C VAL A 92 4.24 9.09 15.00
N ARG A 93 4.64 10.08 14.25
CA ARG A 93 3.68 11.08 13.76
C ARG A 93 3.06 10.60 12.46
N TRP A 94 3.86 10.34 11.46
CA TRP A 94 3.35 9.85 10.16
C TRP A 94 4.48 9.17 9.39
N GLU A 95 4.16 8.43 8.35
CA GLU A 95 5.25 7.76 7.59
C GLU A 95 4.71 7.15 6.30
N TYR A 96 5.57 6.87 5.36
CA TYR A 96 5.10 6.26 4.08
C TYR A 96 4.81 4.77 4.29
N CYS A 97 4.23 4.11 3.33
CA CYS A 97 3.93 2.67 3.52
C CYS A 97 4.89 1.79 2.71
N ASN A 98 5.23 0.64 3.23
CA ASN A 98 6.15 -0.27 2.50
C ASN A 98 5.62 -0.53 1.09
N LEU A 99 5.93 0.32 0.16
CA LEU A 99 5.41 0.10 -1.22
C LEU A 99 6.54 0.23 -2.25
N THR A 100 6.56 -0.66 -3.20
CA THR A 100 7.60 -0.60 -4.27
C THR A 100 6.97 -0.26 -5.61
N GLN A 101 7.73 0.24 -6.54
CA GLN A 101 7.15 0.57 -7.86
C GLN A 101 6.73 -0.70 -8.59
N CYS A 102 5.54 -1.19 -8.34
CA CYS A 102 5.09 -2.44 -9.01
C CYS A 102 5.50 -2.46 -10.48
N PRO A 103 5.17 -1.41 -11.19
CA PRO A 103 5.51 -1.33 -12.63
C PRO A 103 7.01 -1.09 -12.81
N VAL A 104 7.72 -2.06 -13.34
CA VAL A 104 9.18 -1.89 -13.54
C VAL A 104 9.60 -2.50 -14.89
N THR A 105 9.82 -3.79 -14.92
CA THR A 105 10.23 -4.44 -16.19
C THR A 105 9.15 -5.42 -16.67
N GLU A 106 9.22 -5.84 -17.90
CA GLU A 106 8.20 -6.80 -18.42
C GLU A 106 8.37 -6.96 -19.94
N SER A 107 8.89 -8.08 -20.37
CA SER A 107 9.06 -8.29 -21.84
C SER A 107 7.80 -8.91 -22.44
N SER A 108 7.19 -9.85 -21.75
CA SER A 108 5.95 -10.48 -22.28
C SER A 108 4.91 -10.65 -21.17
N VAL A 109 3.66 -10.39 -21.47
CA VAL A 109 2.60 -10.52 -20.42
C VAL A 109 2.15 -11.99 -20.33
N LEU A 110 1.89 -12.47 -19.14
CA LEU A 110 1.45 -13.88 -18.99
C LEU A 110 0.09 -14.09 -19.68
N ALA A 111 -0.75 -13.08 -19.69
CA ALA A 111 -2.08 -13.23 -20.33
C ALA A 111 -1.94 -13.23 -21.86
N THR A 112 -2.91 -13.75 -22.55
CA THR A 112 -2.83 -13.77 -24.04
C THR A 112 -3.68 -12.64 -24.63
N SER A 113 -3.12 -11.48 -24.80
CA SER A 113 -3.89 -10.34 -25.37
C SER A 113 -4.03 -10.49 -26.89
N THR A 114 -5.23 -10.52 -27.38
CA THR A 114 -5.43 -10.66 -28.86
C THR A 114 -6.59 -9.77 -29.31
N ALA A 115 -6.30 -8.73 -30.02
CA ALA A 115 -7.38 -7.82 -30.50
C ALA A 115 -7.73 -8.13 -31.96
N VAL A 116 -7.25 -9.23 -32.47
CA VAL A 116 -7.56 -9.59 -33.89
C VAL A 116 -9.07 -9.50 -34.14
N SER A 117 -9.85 -9.61 -33.11
CA SER A 117 -11.33 -9.53 -33.29
C SER A 117 -11.84 -8.13 -32.93
N GLU A 118 -12.79 -7.63 -33.67
CA GLU A 118 -13.32 -6.26 -33.36
C GLU A 118 -14.85 -6.25 -33.48
N GLN A 119 -15.52 -5.84 -32.44
CA GLN A 119 -17.02 -5.80 -32.50
C GLN A 119 -17.50 -4.36 -32.70
N ALA A 1 5.50 -17.17 16.87
CA ALA A 1 6.54 -17.67 17.82
C ALA A 1 7.36 -18.78 17.17
N ARG A 2 6.71 -19.77 16.61
CA ARG A 2 7.46 -20.88 15.96
C ARG A 2 7.29 -20.82 14.44
N ILE A 3 8.21 -20.20 13.75
CA ILE A 3 8.10 -20.11 12.27
C ILE A 3 6.66 -19.75 11.87
N HIS A 4 6.40 -18.48 11.69
CA HIS A 4 5.02 -18.06 11.30
C HIS A 4 4.01 -18.50 12.36
N HIS A 5 2.83 -17.95 12.33
CA HIS A 5 1.80 -18.34 13.33
C HIS A 5 0.41 -17.88 12.87
N HIS A 6 0.07 -18.16 11.64
CA HIS A 6 -1.27 -17.74 11.14
C HIS A 6 -1.47 -16.23 11.33
N HIS A 7 -1.04 -15.43 10.39
CA HIS A 7 -1.20 -13.96 10.54
C HIS A 7 -2.50 -13.50 9.87
N HIS A 8 -2.52 -12.29 9.38
CA HIS A 8 -3.75 -11.78 8.70
C HIS A 8 -3.49 -11.61 7.20
N HIS A 9 -2.88 -12.57 6.57
CA HIS A 9 -2.61 -12.45 5.11
C HIS A 9 -1.60 -11.33 4.85
N ILE A 10 -1.01 -10.80 5.89
CA ILE A 10 -0.01 -9.71 5.71
C ILE A 10 1.37 -10.29 5.40
N GLU A 11 1.96 -9.89 4.31
CA GLU A 11 3.32 -10.42 3.95
C GLU A 11 4.21 -9.28 3.43
N GLY A 12 3.97 -8.08 3.88
CA GLY A 12 4.80 -6.94 3.41
C GLY A 12 6.28 -7.30 3.49
N ARG A 13 6.64 -8.17 4.40
CA ARG A 13 8.08 -8.57 4.52
C ARG A 13 8.37 -9.78 3.64
N ALA A 14 9.61 -9.99 3.29
CA ALA A 14 9.95 -11.16 2.43
C ALA A 14 11.16 -11.91 3.02
N PRO A 15 11.34 -13.12 2.56
CA PRO A 15 12.46 -13.96 3.06
C PRO A 15 13.78 -13.48 2.47
N THR A 16 14.20 -14.05 1.36
CA THR A 16 15.49 -13.62 0.74
C THR A 16 15.32 -13.50 -0.77
N GLU A 17 14.61 -14.41 -1.38
CA GLU A 17 14.42 -14.36 -2.85
C GLU A 17 13.71 -13.06 -3.25
N GLN A 18 14.18 -12.42 -4.30
CA GLN A 18 13.54 -11.16 -4.75
C GLN A 18 12.03 -11.37 -4.93
N SER A 19 11.28 -11.20 -3.88
CA SER A 19 9.81 -11.40 -3.98
C SER A 19 9.17 -10.26 -4.79
N PRO A 20 7.98 -10.53 -5.26
CA PRO A 20 7.24 -9.52 -6.06
C PRO A 20 6.70 -8.41 -5.16
N GLY A 21 6.09 -7.42 -5.74
CA GLY A 21 5.54 -6.30 -4.92
C GLY A 21 6.39 -5.04 -5.13
N VAL A 22 6.73 -4.74 -6.36
CA VAL A 22 7.55 -3.53 -6.63
C VAL A 22 6.82 -2.59 -7.57
N GLN A 23 6.85 -1.31 -7.30
CA GLN A 23 6.16 -0.33 -8.19
C GLN A 23 6.10 1.05 -7.53
N ASP A 24 7.23 1.56 -7.13
CA ASP A 24 7.24 2.91 -6.48
C ASP A 24 6.99 4.00 -7.53
N CYS A 25 5.77 4.11 -7.99
CA CYS A 25 5.46 5.15 -9.01
C CYS A 25 3.95 5.41 -9.04
N TYR A 26 3.52 6.42 -9.76
CA TYR A 26 2.06 6.71 -9.83
C TYR A 26 1.74 7.44 -11.13
N HIS A 27 0.54 7.94 -11.27
CA HIS A 27 0.18 8.66 -12.52
C HIS A 27 -0.35 10.06 -12.21
N GLY A 28 0.52 11.01 -11.99
CA GLY A 28 0.04 12.40 -11.70
C GLY A 28 0.23 12.72 -10.22
N ASP A 29 -0.62 12.21 -9.38
CA ASP A 29 -0.49 12.49 -7.91
C ASP A 29 -0.81 11.25 -7.11
N GLY A 30 -0.65 10.09 -7.70
CA GLY A 30 -0.96 8.85 -6.96
C GLY A 30 -2.41 8.94 -6.46
N GLN A 31 -3.15 9.91 -6.94
CA GLN A 31 -4.56 10.06 -6.49
C GLN A 31 -5.39 8.85 -6.94
N SER A 32 -5.20 8.41 -8.15
CA SER A 32 -5.99 7.23 -8.63
C SER A 32 -5.25 5.93 -8.29
N TYR A 33 -4.39 5.98 -7.30
CA TYR A 33 -3.64 4.75 -6.91
C TYR A 33 -4.60 3.70 -6.35
N ARG A 34 -4.74 2.58 -7.01
CA ARG A 34 -5.65 1.52 -6.50
C ARG A 34 -4.87 0.23 -6.22
N GLY A 35 -4.23 0.14 -5.09
CA GLY A 35 -3.45 -1.08 -4.76
C GLY A 35 -3.09 -1.08 -3.28
N SER A 36 -2.11 -1.84 -2.89
CA SER A 36 -1.71 -1.89 -1.46
C SER A 36 -0.24 -1.53 -1.31
N PHE A 37 0.18 -0.44 -1.88
CA PHE A 37 1.60 -0.02 -1.77
C PHE A 37 1.83 0.77 -0.49
N SER A 38 1.64 0.14 0.65
CA SER A 38 1.84 0.86 1.94
C SER A 38 3.32 1.16 2.20
N THR A 39 4.03 1.65 1.22
CA THR A 39 5.47 1.97 1.45
C THR A 39 5.60 3.48 1.68
N THR A 40 6.16 3.89 2.79
CA THR A 40 6.30 5.34 3.06
C THR A 40 7.49 5.92 2.30
N VAL A 41 7.50 7.20 2.06
CA VAL A 41 8.62 7.83 1.32
C VAL A 41 9.97 7.46 1.97
N THR A 42 9.97 7.18 3.24
CA THR A 42 11.24 6.82 3.94
C THR A 42 11.53 5.32 3.76
N GLY A 43 10.64 4.61 3.12
CA GLY A 43 10.86 3.15 2.92
C GLY A 43 10.16 2.37 4.04
N ARG A 44 9.53 3.05 4.95
CA ARG A 44 8.82 2.35 6.06
C ARG A 44 7.57 1.64 5.54
N THR A 45 6.64 1.39 6.41
CA THR A 45 5.39 0.70 6.00
C THR A 45 4.18 1.38 6.64
N CYS A 46 3.25 1.83 5.85
CA CYS A 46 2.07 2.52 6.44
C CYS A 46 1.27 1.55 7.29
N GLN A 47 0.75 2.02 8.40
CA GLN A 47 -0.03 1.14 9.31
C GLN A 47 -1.53 1.18 8.97
N SER A 48 -2.25 0.14 9.29
CA SER A 48 -3.72 0.14 9.02
C SER A 48 -4.33 1.44 9.52
N TRP A 49 -5.27 2.00 8.81
CA TRP A 49 -5.90 3.25 9.29
C TRP A 49 -6.65 2.96 10.58
N SER A 50 -7.37 1.88 10.59
CA SER A 50 -8.14 1.48 11.79
C SER A 50 -7.24 0.81 12.85
N SER A 51 -5.96 1.05 12.80
CA SER A 51 -5.04 0.43 13.79
C SER A 51 -5.20 1.10 15.15
N MET A 52 -5.46 0.33 16.17
CA MET A 52 -5.63 0.94 17.52
C MET A 52 -4.42 0.64 18.40
N THR A 53 -3.34 0.21 17.81
CA THR A 53 -2.12 -0.10 18.62
C THR A 53 -1.19 1.12 18.65
N PRO A 54 -0.66 1.47 17.51
CA PRO A 54 0.26 2.64 17.44
C PRO A 54 -0.54 3.95 17.54
N HIS A 55 -0.93 4.50 16.41
CA HIS A 55 -1.71 5.77 16.45
C HIS A 55 -3.22 5.45 16.49
N TRP A 56 -3.90 5.88 17.51
CA TRP A 56 -5.36 5.60 17.60
C TRP A 56 -6.18 6.77 17.06
N HIS A 57 -7.26 6.48 16.39
CA HIS A 57 -8.11 7.59 15.85
C HIS A 57 -9.47 7.03 15.38
N GLN A 58 -10.41 7.89 15.10
CA GLN A 58 -11.74 7.41 14.65
C GLN A 58 -12.21 8.23 13.44
N ARG A 59 -11.29 8.76 12.69
CA ARG A 59 -11.67 9.58 11.50
C ARG A 59 -10.84 9.15 10.27
N THR A 60 -10.85 7.88 9.96
CA THR A 60 -10.07 7.40 8.79
C THR A 60 -10.84 7.59 7.50
N THR A 61 -10.20 7.35 6.40
CA THR A 61 -10.88 7.46 5.10
C THR A 61 -11.67 6.18 4.87
N GLU A 62 -11.43 5.17 5.66
CA GLU A 62 -12.18 3.90 5.49
C GLU A 62 -13.65 4.21 5.71
N TYR A 63 -13.91 5.25 6.44
CA TYR A 63 -15.32 5.65 6.68
C TYR A 63 -15.76 6.62 5.58
N TYR A 64 -14.87 6.93 4.66
CA TYR A 64 -15.22 7.87 3.57
C TYR A 64 -15.29 7.10 2.25
N PRO A 65 -16.31 7.38 1.49
CA PRO A 65 -16.49 6.69 0.19
C PRO A 65 -15.48 7.22 -0.83
N ASN A 66 -14.73 8.23 -0.48
CA ASN A 66 -13.72 8.78 -1.42
C ASN A 66 -12.33 8.23 -1.08
N GLY A 67 -12.17 7.65 0.08
CA GLY A 67 -10.85 7.09 0.46
C GLY A 67 -11.04 5.69 1.03
N GLY A 68 -11.11 4.71 0.18
CA GLY A 68 -11.26 3.32 0.68
C GLY A 68 -9.88 2.80 1.04
N LEU A 69 -9.19 3.53 1.88
CA LEU A 69 -7.83 3.10 2.29
C LEU A 69 -7.93 1.85 3.16
N THR A 70 -8.47 0.82 2.59
CA THR A 70 -8.65 -0.46 3.34
C THR A 70 -7.33 -0.89 3.97
N ARG A 71 -7.40 -1.60 5.07
CA ARG A 71 -6.14 -2.07 5.74
C ARG A 71 -5.11 -0.94 5.77
N ASN A 72 -3.87 -1.27 5.92
CA ASN A 72 -2.81 -0.22 5.96
C ASN A 72 -2.41 0.21 4.54
N TYR A 73 -3.30 0.10 3.59
CA TYR A 73 -2.95 0.49 2.20
C TYR A 73 -2.62 1.98 2.14
N CYS A 74 -1.65 2.34 1.36
CA CYS A 74 -1.28 3.78 1.24
C CYS A 74 -2.16 4.44 0.18
N ARG A 75 -2.70 5.59 0.48
CA ARG A 75 -3.57 6.28 -0.52
C ARG A 75 -3.34 7.79 -0.48
N ASN A 76 -4.06 8.53 -1.29
CA ASN A 76 -3.88 10.00 -1.30
C ASN A 76 -5.24 10.70 -1.17
N PRO A 77 -5.73 10.72 0.05
CA PRO A 77 -7.04 11.36 0.32
C PRO A 77 -6.92 12.89 0.32
N ASP A 78 -5.76 13.41 -0.01
CA ASP A 78 -5.59 14.88 -0.02
C ASP A 78 -5.25 15.37 -1.44
N ALA A 79 -5.15 14.47 -2.37
CA ALA A 79 -4.83 14.88 -3.77
C ALA A 79 -3.51 15.66 -3.79
N GLU A 80 -2.69 15.49 -2.80
CA GLU A 80 -1.39 16.21 -2.76
C GLU A 80 -0.40 15.61 -3.76
N ILE A 81 0.86 15.93 -3.63
CA ILE A 81 1.87 15.38 -4.57
C ILE A 81 1.68 13.87 -4.74
N SER A 82 1.34 13.19 -3.66
CA SER A 82 1.14 11.72 -3.74
C SER A 82 0.38 11.23 -2.52
N PRO A 83 0.22 9.94 -2.44
CA PRO A 83 -0.51 9.33 -1.30
C PRO A 83 0.37 9.31 -0.04
N TRP A 84 -0.25 9.13 1.09
CA TRP A 84 0.50 9.11 2.37
C TRP A 84 -0.34 8.41 3.45
N CYS A 85 0.25 8.05 4.56
CA CYS A 85 -0.56 7.36 5.62
C CYS A 85 0.28 7.12 6.88
N TYR A 86 -0.36 6.72 7.95
CA TYR A 86 0.38 6.44 9.22
C TYR A 86 1.31 5.26 9.03
N THR A 87 2.37 5.18 9.80
CA THR A 87 3.32 4.03 9.65
C THR A 87 3.13 3.03 10.79
N MET A 88 3.44 1.78 10.54
CA MET A 88 3.30 0.74 11.62
C MET A 88 4.15 1.11 12.84
N ASP A 89 4.99 2.11 12.73
CA ASP A 89 5.84 2.50 13.89
C ASP A 89 5.24 3.73 14.58
N PRO A 90 5.07 3.62 15.87
CA PRO A 90 4.49 4.74 16.65
C PRO A 90 5.49 5.90 16.69
N ASN A 91 6.71 5.67 16.31
CA ASN A 91 7.71 6.76 16.29
C ASN A 91 7.55 7.59 15.03
N VAL A 92 6.79 7.10 14.09
CA VAL A 92 6.59 7.86 12.82
C VAL A 92 5.09 8.17 12.65
N ARG A 93 4.64 9.27 13.17
CA ARG A 93 3.20 9.63 13.05
C ARG A 93 2.67 9.26 11.66
N TRP A 94 3.11 9.96 10.65
CA TRP A 94 2.65 9.63 9.27
C TRP A 94 3.76 9.98 8.26
N GLU A 95 3.56 9.67 7.01
CA GLU A 95 4.61 9.98 6.01
C GLU A 95 4.13 9.61 4.60
N TYR A 96 4.49 10.38 3.62
CA TYR A 96 4.07 10.06 2.23
C TYR A 96 4.59 8.68 1.84
N CYS A 97 4.28 8.23 0.65
CA CYS A 97 4.77 6.89 0.21
C CYS A 97 5.81 7.04 -0.90
N ASN A 98 6.58 6.01 -1.15
CA ASN A 98 7.60 6.08 -2.24
C ASN A 98 6.89 6.22 -3.59
N LEU A 99 6.25 7.34 -3.81
CA LEU A 99 5.50 7.51 -5.09
C LEU A 99 6.23 8.47 -6.04
N THR A 100 6.22 8.14 -7.30
CA THR A 100 6.87 8.99 -8.33
C THR A 100 6.13 8.83 -9.66
N GLN A 101 6.26 9.75 -10.56
CA GLN A 101 5.55 9.60 -11.87
C GLN A 101 6.05 8.35 -12.61
N CYS A 102 5.22 7.35 -12.75
CA CYS A 102 5.65 6.11 -13.45
C CYS A 102 6.33 6.46 -14.78
N PRO A 103 7.43 5.81 -15.03
CA PRO A 103 8.18 6.06 -16.29
C PRO A 103 7.51 5.31 -17.46
N VAL A 104 8.13 5.30 -18.60
CA VAL A 104 7.54 4.60 -19.77
C VAL A 104 8.60 3.74 -20.48
N THR A 105 9.79 3.71 -19.95
CA THR A 105 10.87 2.90 -20.58
C THR A 105 10.79 1.45 -20.09
N GLU A 106 9.62 0.89 -20.05
CA GLU A 106 9.47 -0.51 -19.59
C GLU A 106 7.98 -0.90 -19.53
N SER A 107 7.27 -0.68 -20.60
CA SER A 107 5.83 -1.03 -20.61
C SER A 107 5.44 -1.65 -21.96
N SER A 108 5.95 -2.80 -22.27
CA SER A 108 5.60 -3.44 -23.57
C SER A 108 4.95 -4.81 -23.33
N VAL A 109 4.22 -4.95 -22.26
CA VAL A 109 3.57 -6.26 -21.98
C VAL A 109 2.63 -6.64 -23.13
N LEU A 110 2.48 -7.91 -23.40
CA LEU A 110 1.58 -8.33 -24.51
C LEU A 110 0.48 -9.25 -23.98
N ALA A 111 -0.59 -8.70 -23.49
CA ALA A 111 -1.69 -9.55 -22.96
C ALA A 111 -2.55 -10.06 -24.12
N THR A 112 -3.62 -10.75 -23.81
CA THR A 112 -4.50 -11.28 -24.90
C THR A 112 -5.97 -11.22 -24.46
N SER A 113 -6.82 -11.93 -25.14
CA SER A 113 -8.27 -11.91 -24.76
C SER A 113 -8.52 -12.87 -23.58
N THR A 114 -9.37 -12.49 -22.68
CA THR A 114 -9.67 -13.37 -21.51
C THR A 114 -10.10 -14.75 -21.99
N ALA A 115 -9.42 -15.77 -21.54
CA ALA A 115 -9.78 -17.16 -21.96
C ALA A 115 -9.78 -18.11 -20.75
N VAL A 116 -9.32 -19.31 -20.93
CA VAL A 116 -9.29 -20.27 -19.79
C VAL A 116 -7.86 -20.74 -19.53
N SER A 117 -7.54 -21.04 -18.30
CA SER A 117 -6.16 -21.50 -17.98
C SER A 117 -6.06 -23.02 -18.11
N GLU A 118 -4.96 -23.52 -18.58
CA GLU A 118 -4.80 -24.99 -18.72
C GLU A 118 -3.73 -25.51 -17.75
N GLN A 119 -4.13 -26.25 -16.74
CA GLN A 119 -3.14 -26.78 -15.77
C GLN A 119 -3.05 -28.30 -15.89
N ALA A 1 6.45 -35.08 9.73
CA ALA A 1 7.37 -35.53 10.81
C ALA A 1 8.82 -35.18 10.46
N ARG A 2 9.24 -35.51 9.26
CA ARG A 2 10.64 -35.20 8.85
C ARG A 2 10.64 -34.37 7.57
N ILE A 3 10.09 -34.88 6.51
CA ILE A 3 10.07 -34.12 5.22
C ILE A 3 9.34 -32.79 5.42
N HIS A 4 9.59 -31.82 4.57
CA HIS A 4 8.92 -30.50 4.71
C HIS A 4 8.58 -29.94 3.33
N HIS A 5 7.32 -29.93 2.97
CA HIS A 5 6.93 -29.39 1.65
C HIS A 5 7.84 -29.96 0.55
N HIS A 6 7.65 -31.20 0.20
CA HIS A 6 8.50 -31.81 -0.85
C HIS A 6 8.08 -31.30 -2.24
N HIS A 7 6.94 -30.66 -2.32
CA HIS A 7 6.48 -30.13 -3.63
C HIS A 7 5.38 -29.08 -3.43
N HIS A 8 5.47 -27.97 -4.11
CA HIS A 8 4.43 -26.92 -3.95
C HIS A 8 3.94 -26.43 -5.32
N HIS A 9 2.68 -26.61 -5.60
CA HIS A 9 2.14 -26.15 -6.92
C HIS A 9 0.90 -25.29 -6.72
N ILE A 10 -0.15 -25.85 -6.18
CA ILE A 10 -1.39 -25.05 -5.96
C ILE A 10 -1.84 -25.16 -4.50
N GLU A 11 -2.18 -26.35 -4.06
CA GLU A 11 -2.63 -26.53 -2.66
C GLU A 11 -1.44 -26.33 -1.70
N GLY A 12 -1.68 -25.72 -0.56
CA GLY A 12 -0.57 -25.49 0.41
C GLY A 12 -1.15 -25.05 1.76
N ARG A 13 -0.72 -23.93 2.26
CA ARG A 13 -1.25 -23.44 3.56
C ARG A 13 -1.65 -21.97 3.47
N ALA A 14 -0.77 -21.14 2.97
CA ALA A 14 -1.09 -19.69 2.84
C ALA A 14 -0.47 -19.12 1.57
N PRO A 15 -0.84 -19.69 0.46
CA PRO A 15 -0.31 -19.24 -0.85
C PRO A 15 -0.90 -17.88 -1.23
N THR A 16 -2.09 -17.58 -0.75
CA THR A 16 -2.72 -16.28 -1.07
C THR A 16 -2.64 -15.33 0.13
N GLU A 17 -3.64 -14.52 0.31
CA GLU A 17 -3.63 -13.57 1.46
C GLU A 17 -3.57 -14.35 2.78
N GLN A 18 -2.80 -13.86 3.72
CA GLN A 18 -2.69 -14.57 5.03
C GLN A 18 -2.92 -13.60 6.17
N SER A 19 -2.18 -13.74 7.24
CA SER A 19 -2.36 -12.81 8.40
C SER A 19 -2.49 -11.37 7.91
N PRO A 20 -3.70 -10.89 7.91
CA PRO A 20 -3.97 -9.51 7.45
C PRO A 20 -3.48 -8.49 8.48
N GLY A 21 -2.35 -7.88 8.24
CA GLY A 21 -1.82 -6.89 9.21
C GLY A 21 -0.56 -6.23 8.64
N VAL A 22 0.47 -6.14 9.43
CA VAL A 22 1.74 -5.51 8.93
C VAL A 22 2.15 -6.13 7.59
N GLN A 23 2.43 -5.32 6.60
CA GLN A 23 2.83 -5.87 5.28
C GLN A 23 3.12 -4.72 4.31
N ASP A 24 4.37 -4.35 4.16
CA ASP A 24 4.71 -3.24 3.22
C ASP A 24 4.31 -3.63 1.79
N CYS A 25 3.12 -3.28 1.38
CA CYS A 25 2.68 -3.64 0.00
C CYS A 25 1.52 -2.76 -0.44
N TYR A 26 1.36 -2.58 -1.72
CA TYR A 26 0.24 -1.76 -2.25
C TYR A 26 0.00 -2.11 -3.72
N HIS A 27 -1.23 -2.02 -4.16
CA HIS A 27 -1.52 -2.35 -5.58
C HIS A 27 -1.62 -1.06 -6.41
N GLY A 28 -1.43 -1.16 -7.70
CA GLY A 28 -1.51 0.07 -8.55
C GLY A 28 -0.59 1.14 -7.98
N ASP A 29 -1.14 2.25 -7.59
CA ASP A 29 -0.29 3.33 -7.00
C ASP A 29 -0.83 3.70 -5.63
N GLY A 30 -0.88 2.76 -4.74
CA GLY A 30 -1.42 3.06 -3.38
C GLY A 30 -2.90 3.44 -3.54
N GLN A 31 -3.43 3.28 -4.72
CA GLN A 31 -4.86 3.64 -4.95
C GLN A 31 -5.79 2.55 -4.40
N SER A 32 -5.40 1.31 -4.50
CA SER A 32 -6.27 0.21 -3.97
C SER A 32 -6.22 0.17 -2.45
N TYR A 33 -5.50 1.07 -1.83
CA TYR A 33 -5.43 1.07 -0.34
C TYR A 33 -6.73 1.62 0.25
N ARG A 34 -7.37 0.86 1.11
CA ARG A 34 -8.64 1.34 1.71
C ARG A 34 -8.65 1.01 3.21
N GLY A 35 -7.52 0.72 3.77
CA GLY A 35 -7.46 0.40 5.22
C GLY A 35 -6.90 1.60 5.99
N SER A 36 -6.44 1.38 7.20
CA SER A 36 -5.89 2.51 7.99
C SER A 36 -4.41 2.28 8.29
N PHE A 37 -3.61 2.11 7.28
CA PHE A 37 -2.15 1.88 7.50
C PHE A 37 -1.46 3.20 7.86
N SER A 38 -1.72 3.72 9.02
CA SER A 38 -1.09 5.00 9.44
C SER A 38 0.38 4.80 9.82
N THR A 39 1.12 4.04 9.07
CA THR A 39 2.56 3.84 9.41
C THR A 39 3.44 4.52 8.36
N THR A 40 4.31 5.40 8.79
CA THR A 40 5.20 6.09 7.80
C THR A 40 6.35 5.17 7.39
N VAL A 41 7.11 5.57 6.41
CA VAL A 41 8.25 4.72 5.96
C VAL A 41 9.24 4.51 7.10
N THR A 42 9.54 5.53 7.85
CA THR A 42 10.50 5.38 8.98
C THR A 42 9.94 4.40 10.03
N GLY A 43 8.65 4.19 10.02
CA GLY A 43 8.06 3.24 11.01
C GLY A 43 7.45 4.04 12.17
N ARG A 44 7.35 5.33 12.03
CA ARG A 44 6.76 6.17 13.11
C ARG A 44 5.24 6.19 13.00
N THR A 45 4.62 7.15 13.61
CA THR A 45 3.13 7.25 13.55
C THR A 45 2.75 8.52 12.78
N CYS A 46 1.95 8.40 11.76
CA CYS A 46 1.59 9.59 10.96
C CYS A 46 0.57 10.46 11.70
N GLN A 47 0.55 11.73 11.38
CA GLN A 47 -0.42 12.65 12.03
C GLN A 47 -1.70 12.71 11.18
N SER A 48 -2.84 12.46 11.77
CA SER A 48 -4.10 12.51 10.98
C SER A 48 -4.12 13.71 10.04
N TRP A 49 -5.00 13.71 9.09
CA TRP A 49 -5.08 14.84 8.14
C TRP A 49 -5.71 16.05 8.83
N SER A 50 -6.67 15.81 9.69
CA SER A 50 -7.33 16.92 10.42
C SER A 50 -6.47 17.38 11.62
N SER A 51 -5.21 17.06 11.61
CA SER A 51 -4.33 17.48 12.74
C SER A 51 -3.74 18.87 12.50
N MET A 52 -3.59 19.62 13.55
CA MET A 52 -3.03 20.99 13.41
C MET A 52 -2.37 21.41 14.72
N THR A 53 -2.08 20.46 15.56
CA THR A 53 -1.43 20.79 16.87
C THR A 53 0.05 21.11 16.69
N PRO A 54 0.79 20.11 16.25
CA PRO A 54 2.25 20.30 16.03
C PRO A 54 2.49 21.22 14.84
N HIS A 55 2.54 20.67 13.64
CA HIS A 55 2.77 21.52 12.45
C HIS A 55 1.48 21.58 11.61
N TRP A 56 0.63 22.54 11.88
CA TRP A 56 -0.64 22.63 11.10
C TRP A 56 -0.35 22.71 9.61
N HIS A 57 -0.97 21.84 8.85
CA HIS A 57 -0.78 21.87 7.37
C HIS A 57 -2.12 22.06 6.67
N GLN A 58 -2.20 22.99 5.76
CA GLN A 58 -3.47 23.24 5.04
C GLN A 58 -4.12 21.92 4.59
N ARG A 59 -3.34 21.02 4.05
CA ARG A 59 -3.90 19.72 3.59
C ARG A 59 -4.56 18.99 4.77
N THR A 60 -5.69 18.40 4.55
CA THR A 60 -6.38 17.66 5.65
C THR A 60 -7.71 17.10 5.16
N THR A 61 -8.42 16.44 6.03
CA THR A 61 -9.73 15.89 5.64
C THR A 61 -10.71 17.05 5.51
N GLU A 62 -10.33 18.21 5.98
CA GLU A 62 -11.23 19.37 5.84
C GLU A 62 -11.37 19.70 4.37
N TYR A 63 -10.32 19.48 3.64
CA TYR A 63 -10.37 19.73 2.19
C TYR A 63 -10.87 18.46 1.50
N TYR A 64 -11.03 17.39 2.24
CA TYR A 64 -11.53 16.13 1.63
C TYR A 64 -12.48 15.41 2.60
N PRO A 65 -13.73 15.76 2.51
CA PRO A 65 -14.77 15.16 3.38
C PRO A 65 -15.04 13.71 2.98
N ASN A 66 -14.76 13.37 1.75
CA ASN A 66 -15.00 11.96 1.30
C ASN A 66 -13.76 11.39 0.62
N GLY A 67 -12.63 11.47 1.28
CA GLY A 67 -11.38 10.93 0.68
C GLY A 67 -11.02 9.60 1.32
N GLY A 68 -11.72 9.22 2.35
CA GLY A 68 -11.41 7.93 3.04
C GLY A 68 -10.31 8.20 4.07
N LEU A 69 -10.08 9.44 4.39
CA LEU A 69 -9.03 9.77 5.38
C LEU A 69 -9.62 9.80 6.79
N THR A 70 -10.11 8.68 7.24
CA THR A 70 -10.71 8.63 8.61
C THR A 70 -9.60 8.59 9.67
N ARG A 71 -9.65 9.47 10.63
CA ARG A 71 -8.60 9.48 11.69
C ARG A 71 -7.21 9.59 11.06
N ASN A 72 -6.25 8.90 11.60
CA ASN A 72 -4.89 8.95 11.03
C ASN A 72 -4.70 7.77 10.07
N TYR A 73 -5.36 7.78 8.96
CA TYR A 73 -5.22 6.66 7.99
C TYR A 73 -4.41 7.11 6.76
N CYS A 74 -3.41 6.35 6.40
CA CYS A 74 -2.58 6.71 5.21
C CYS A 74 -3.39 6.58 3.93
N ARG A 75 -3.08 7.37 2.95
CA ARG A 75 -3.84 7.30 1.66
C ARG A 75 -2.99 7.89 0.52
N ASN A 76 -3.30 7.56 -0.70
CA ASN A 76 -2.50 8.10 -1.83
C ASN A 76 -3.42 8.77 -2.87
N PRO A 77 -3.86 9.95 -2.53
CA PRO A 77 -4.75 10.72 -3.43
C PRO A 77 -3.94 11.36 -4.57
N ASP A 78 -2.70 11.00 -4.72
CA ASP A 78 -1.87 11.60 -5.81
C ASP A 78 -1.51 10.53 -6.85
N ALA A 79 -1.83 9.30 -6.58
CA ALA A 79 -1.51 8.21 -7.55
C ALA A 79 0.01 8.00 -7.63
N GLU A 80 0.71 8.18 -6.55
CA GLU A 80 2.19 7.98 -6.57
C GLU A 80 2.52 6.51 -6.26
N ILE A 81 3.79 6.17 -6.22
CA ILE A 81 4.16 4.76 -5.93
C ILE A 81 3.29 4.21 -4.80
N SER A 82 3.00 5.02 -3.82
CA SER A 82 2.15 4.56 -2.69
C SER A 82 1.58 5.77 -1.95
N PRO A 83 0.83 5.49 -0.92
CA PRO A 83 0.22 6.58 -0.12
C PRO A 83 1.25 7.26 0.77
N TRP A 84 0.96 8.44 1.21
CA TRP A 84 1.92 9.16 2.12
C TRP A 84 1.17 9.58 3.38
N CYS A 85 1.83 10.23 4.30
CA CYS A 85 1.10 10.64 5.54
C CYS A 85 1.95 11.57 6.40
N TYR A 86 1.35 12.55 7.00
CA TYR A 86 2.12 13.48 7.88
C TYR A 86 2.67 12.71 9.08
N THR A 87 3.34 13.37 9.97
CA THR A 87 3.89 12.65 11.17
C THR A 87 3.27 13.21 12.45
N MET A 88 2.86 12.34 13.33
CA MET A 88 2.27 12.82 14.62
C MET A 88 3.32 13.55 15.46
N ASP A 89 4.55 13.60 15.01
CA ASP A 89 5.60 14.30 15.79
C ASP A 89 5.99 15.61 15.11
N PRO A 90 6.23 16.59 15.91
CA PRO A 90 6.63 17.93 15.41
C PRO A 90 8.06 17.89 14.86
N ASN A 91 8.69 16.75 14.92
CA ASN A 91 10.08 16.65 14.40
C ASN A 91 10.03 16.21 12.94
N VAL A 92 8.87 15.82 12.47
CA VAL A 92 8.76 15.36 11.06
C VAL A 92 7.59 16.07 10.37
N ARG A 93 7.78 16.53 9.17
CA ARG A 93 6.68 17.21 8.45
C ARG A 93 5.72 16.16 7.88
N TRP A 94 6.23 15.29 7.05
CA TRP A 94 5.38 14.22 6.46
C TRP A 94 6.27 13.10 5.92
N GLU A 95 5.71 11.98 5.56
CA GLU A 95 6.55 10.87 5.04
C GLU A 95 5.69 9.83 4.32
N TYR A 96 6.28 9.06 3.43
CA TYR A 96 5.50 8.02 2.70
C TYR A 96 5.19 6.86 3.63
N CYS A 97 4.30 5.99 3.24
CA CYS A 97 3.96 4.83 4.10
C CYS A 97 4.72 3.58 3.65
N ASN A 98 5.25 2.84 4.58
CA ASN A 98 6.00 1.61 4.21
C ASN A 98 5.15 0.71 3.32
N LEU A 99 5.16 0.95 2.03
CA LEU A 99 4.34 0.11 1.12
C LEU A 99 5.10 -0.20 -0.17
N THR A 100 5.02 -1.42 -0.62
CA THR A 100 5.72 -1.80 -1.88
C THR A 100 4.70 -2.15 -2.94
N GLN A 101 5.07 -2.10 -4.19
CA GLN A 101 4.09 -2.43 -5.28
C GLN A 101 3.78 -3.93 -5.23
N CYS A 102 2.78 -4.33 -4.50
CA CYS A 102 2.44 -5.77 -4.42
C CYS A 102 2.44 -6.38 -5.83
N PRO A 103 3.46 -7.16 -6.11
CA PRO A 103 3.59 -7.82 -7.42
C PRO A 103 2.58 -8.96 -7.56
N VAL A 104 2.10 -9.21 -8.75
CA VAL A 104 1.12 -10.31 -8.95
C VAL A 104 1.77 -11.67 -8.67
N THR A 105 1.16 -12.73 -9.10
CA THR A 105 1.73 -14.07 -8.86
C THR A 105 2.15 -14.71 -10.19
N GLU A 106 3.38 -15.13 -10.31
CA GLU A 106 3.83 -15.75 -11.58
C GLU A 106 3.43 -14.89 -12.78
N SER A 107 4.20 -13.89 -13.09
CA SER A 107 3.85 -13.01 -14.24
C SER A 107 4.18 -13.72 -15.56
N SER A 108 3.21 -13.96 -16.37
CA SER A 108 3.46 -14.65 -17.67
C SER A 108 2.39 -14.27 -18.70
N VAL A 109 2.53 -14.74 -19.91
CA VAL A 109 1.53 -14.42 -20.96
C VAL A 109 1.35 -15.62 -21.89
N LEU A 110 0.86 -15.38 -23.08
CA LEU A 110 0.68 -16.51 -24.04
C LEU A 110 2.00 -16.84 -24.74
N ALA A 111 1.98 -17.68 -25.74
CA ALA A 111 3.23 -18.03 -26.45
C ALA A 111 3.08 -17.79 -27.95
N THR A 112 2.23 -18.52 -28.60
CA THR A 112 2.04 -18.33 -30.07
C THR A 112 0.57 -18.56 -30.44
N SER A 113 -0.05 -17.60 -31.08
CA SER A 113 -1.47 -17.77 -31.48
C SER A 113 -1.60 -18.72 -32.66
N THR A 114 -1.28 -18.26 -33.84
CA THR A 114 -1.39 -19.15 -35.04
C THR A 114 -0.10 -19.07 -35.87
N ALA A 115 0.27 -17.89 -36.30
CA ALA A 115 1.50 -17.75 -37.12
C ALA A 115 2.23 -16.45 -36.77
N VAL A 116 1.60 -15.33 -37.01
CA VAL A 116 2.26 -14.03 -36.69
C VAL A 116 2.28 -13.80 -35.17
N SER A 117 2.85 -12.71 -34.74
CA SER A 117 2.90 -12.43 -33.28
C SER A 117 1.69 -11.59 -32.86
N GLU A 118 0.98 -12.02 -31.85
CA GLU A 118 -0.21 -11.24 -31.40
C GLU A 118 0.23 -10.08 -30.51
N GLN A 119 0.84 -9.07 -31.08
CA GLN A 119 1.29 -7.91 -30.27
C GLN A 119 0.09 -7.10 -29.78
N ALA A 1 11.12 -30.33 27.72
CA ALA A 1 10.37 -29.85 26.52
C ALA A 1 11.30 -29.80 25.31
N ARG A 2 12.39 -29.11 25.40
CA ARG A 2 13.33 -29.03 24.24
C ARG A 2 14.63 -29.76 24.58
N ILE A 3 14.54 -30.93 25.15
CA ILE A 3 15.78 -31.69 25.50
C ILE A 3 15.79 -33.04 24.78
N HIS A 4 14.68 -33.45 24.25
CA HIS A 4 14.63 -34.76 23.54
C HIS A 4 14.31 -34.55 22.05
N HIS A 5 13.63 -33.48 21.73
CA HIS A 5 13.30 -33.23 20.30
C HIS A 5 12.64 -31.85 20.14
N HIS A 6 13.14 -31.05 19.24
CA HIS A 6 12.55 -29.69 19.03
C HIS A 6 12.12 -29.53 17.57
N HIS A 7 11.46 -30.51 17.02
CA HIS A 7 11.01 -30.42 15.60
C HIS A 7 9.71 -29.63 15.50
N HIS A 8 8.81 -29.82 16.42
CA HIS A 8 7.51 -29.09 16.37
C HIS A 8 6.93 -29.14 14.95
N HIS A 9 5.88 -28.41 14.69
CA HIS A 9 5.27 -28.43 13.33
C HIS A 9 4.27 -27.28 13.18
N ILE A 10 4.72 -26.06 13.38
CA ILE A 10 3.80 -24.90 13.24
C ILE A 10 3.90 -24.32 11.83
N GLU A 11 5.07 -24.24 11.28
CA GLU A 11 5.24 -23.68 9.92
C GLU A 11 5.32 -24.82 8.89
N GLY A 12 4.36 -25.70 8.88
CA GLY A 12 4.39 -26.82 7.90
C GLY A 12 3.87 -26.35 6.56
N ARG A 13 4.16 -27.07 5.51
CA ARG A 13 3.69 -26.65 4.15
C ARG A 13 2.92 -27.80 3.48
N ALA A 14 1.99 -28.39 4.18
CA ALA A 14 1.21 -29.51 3.58
C ALA A 14 0.57 -29.07 2.27
N PRO A 15 -0.26 -28.07 2.36
CA PRO A 15 -0.95 -27.55 1.16
C PRO A 15 0.03 -26.77 0.28
N THR A 16 -0.42 -26.23 -0.81
CA THR A 16 0.48 -25.46 -1.71
C THR A 16 0.04 -24.00 -1.77
N GLU A 17 -1.24 -23.76 -1.84
CA GLU A 17 -1.74 -22.37 -1.91
C GLU A 17 -1.28 -21.58 -0.67
N GLN A 18 -0.49 -20.56 -0.86
CA GLN A 18 -0.02 -19.76 0.30
C GLN A 18 0.46 -18.39 -0.19
N SER A 19 -0.24 -17.81 -1.13
CA SER A 19 0.16 -16.48 -1.64
C SER A 19 0.37 -15.51 -0.47
N PRO A 20 1.52 -14.90 -0.43
CA PRO A 20 1.84 -13.94 0.65
C PRO A 20 1.06 -12.63 0.46
N GLY A 21 0.59 -12.06 1.54
CA GLY A 21 -0.18 -10.79 1.42
C GLY A 21 0.50 -9.86 0.42
N VAL A 22 0.01 -9.79 -0.78
CA VAL A 22 0.63 -8.91 -1.80
C VAL A 22 -0.40 -8.48 -2.84
N GLN A 23 -0.39 -7.23 -3.22
CA GLN A 23 -1.37 -6.74 -4.23
C GLN A 23 -1.22 -5.22 -4.41
N ASP A 24 -0.11 -4.79 -4.95
CA ASP A 24 0.09 -3.33 -5.15
C ASP A 24 -0.53 -2.88 -6.48
N CYS A 25 -1.61 -2.15 -6.43
CA CYS A 25 -2.26 -1.68 -7.69
C CYS A 25 -3.16 -0.48 -7.44
N TYR A 26 -3.34 0.35 -8.42
CA TYR A 26 -4.23 1.53 -8.27
C TYR A 26 -4.67 2.03 -9.65
N HIS A 27 -5.80 2.65 -9.73
CA HIS A 27 -6.27 3.15 -11.06
C HIS A 27 -6.06 4.66 -11.15
N GLY A 28 -5.78 5.17 -12.32
CA GLY A 28 -5.55 6.63 -12.47
C GLY A 28 -4.23 7.01 -11.79
N ASP A 29 -4.30 7.66 -10.66
CA ASP A 29 -3.05 8.04 -9.95
C ASP A 29 -3.26 7.91 -8.45
N GLY A 30 -3.73 6.77 -8.03
CA GLY A 30 -3.99 6.59 -6.57
C GLY A 30 -5.29 7.30 -6.24
N GLN A 31 -5.87 7.97 -7.19
CA GLN A 31 -7.16 8.70 -6.93
C GLN A 31 -8.31 7.69 -6.90
N SER A 32 -9.12 7.73 -5.88
CA SER A 32 -10.26 6.77 -5.79
C SER A 32 -9.74 5.34 -5.61
N TYR A 33 -8.57 5.20 -5.05
CA TYR A 33 -8.01 3.82 -4.84
C TYR A 33 -9.09 2.86 -4.38
N ARG A 34 -10.10 3.37 -3.71
CA ARG A 34 -11.19 2.47 -3.22
C ARG A 34 -10.60 1.26 -2.51
N GLY A 35 -10.24 1.41 -1.26
CA GLY A 35 -9.66 0.25 -0.51
C GLY A 35 -8.96 0.77 0.75
N SER A 36 -8.25 -0.09 1.42
CA SER A 36 -7.55 0.35 2.66
C SER A 36 -6.10 -0.12 2.64
N PHE A 37 -5.32 0.36 1.70
CA PHE A 37 -3.89 -0.06 1.63
C PHE A 37 -3.09 0.61 2.74
N SER A 38 -3.37 0.27 3.96
CA SER A 38 -2.61 0.87 5.09
C SER A 38 -1.16 0.41 5.12
N THR A 39 -0.49 0.37 4.00
CA THR A 39 0.94 -0.08 3.99
C THR A 39 1.80 0.87 3.13
N THR A 40 3.04 1.06 3.47
CA THR A 40 3.91 1.97 2.66
C THR A 40 4.64 1.19 1.56
N VAL A 41 5.31 1.89 0.68
CA VAL A 41 6.05 1.20 -0.40
C VAL A 41 7.14 0.30 0.19
N THR A 42 7.96 0.85 1.05
CA THR A 42 9.05 0.02 1.66
C THR A 42 8.45 -1.17 2.40
N GLY A 43 7.19 -1.09 2.75
CA GLY A 43 6.55 -2.23 3.47
C GLY A 43 6.32 -1.84 4.94
N ARG A 44 6.75 -0.67 5.33
CA ARG A 44 6.54 -0.24 6.74
C ARG A 44 5.07 0.06 7.00
N THR A 45 4.79 0.75 8.07
CA THR A 45 3.37 1.10 8.38
C THR A 45 3.21 2.61 8.50
N CYS A 46 2.21 3.17 7.87
CA CYS A 46 2.02 4.64 7.94
C CYS A 46 1.43 5.03 9.29
N GLN A 47 1.51 6.28 9.64
CA GLN A 47 0.95 6.73 10.94
C GLN A 47 -0.50 7.19 10.74
N SER A 48 -1.39 6.78 11.61
CA SER A 48 -2.82 7.19 11.47
C SER A 48 -2.89 8.68 11.13
N TRP A 49 -3.71 9.05 10.20
CA TRP A 49 -3.82 10.49 9.86
C TRP A 49 -4.18 11.24 11.13
N SER A 50 -5.06 10.66 11.90
CA SER A 50 -5.50 11.27 13.18
C SER A 50 -4.47 11.03 14.30
N SER A 51 -3.21 10.88 13.96
CA SER A 51 -2.19 10.64 15.02
C SER A 51 -1.52 11.96 15.40
N MET A 52 -1.76 12.43 16.58
CA MET A 52 -1.15 13.72 16.99
C MET A 52 0.05 13.48 17.91
N THR A 53 0.67 12.33 17.80
CA THR A 53 1.86 12.05 18.66
C THR A 53 3.16 12.35 17.87
N PRO A 54 3.40 11.56 16.84
CA PRO A 54 4.61 11.77 16.02
C PRO A 54 4.46 13.02 15.13
N HIS A 55 4.01 12.85 13.91
CA HIS A 55 3.84 14.03 13.02
C HIS A 55 2.43 14.62 13.21
N TRP A 56 2.36 15.83 13.68
CA TRP A 56 1.01 16.46 13.91
C TRP A 56 0.62 17.35 12.72
N HIS A 57 -0.61 17.29 12.31
CA HIS A 57 -1.05 18.16 11.17
C HIS A 57 -2.59 18.29 11.17
N GLN A 58 -3.17 18.43 10.02
CA GLN A 58 -4.66 18.57 9.96
C GLN A 58 -5.18 18.07 8.61
N ARG A 59 -5.54 16.82 8.52
CA ARG A 59 -6.05 16.27 7.24
C ARG A 59 -6.71 14.91 7.49
N THR A 60 -7.19 14.69 8.69
CA THR A 60 -7.85 13.39 9.02
C THR A 60 -9.18 13.28 8.30
N THR A 61 -9.92 12.27 8.63
CA THR A 61 -11.25 12.10 8.01
C THR A 61 -12.19 13.13 8.63
N GLU A 62 -11.79 13.75 9.71
CA GLU A 62 -12.65 14.77 10.33
C GLU A 62 -12.74 15.94 9.37
N TYR A 63 -11.73 16.11 8.58
CA TYR A 63 -11.75 17.20 7.58
C TYR A 63 -12.19 16.63 6.23
N TYR A 64 -12.50 15.36 6.19
CA TYR A 64 -12.95 14.74 4.91
C TYR A 64 -14.12 13.80 5.17
N PRO A 65 -15.28 14.20 4.71
CA PRO A 65 -16.50 13.39 4.89
C PRO A 65 -16.46 12.15 4.00
N ASN A 66 -15.44 12.03 3.19
CA ASN A 66 -15.33 10.85 2.29
C ASN A 66 -13.85 10.53 2.03
N GLY A 67 -12.98 11.02 2.86
CA GLY A 67 -11.53 10.74 2.67
C GLY A 67 -11.26 9.24 2.81
N GLY A 68 -11.82 8.63 3.82
CA GLY A 68 -11.59 7.18 4.03
C GLY A 68 -10.28 6.99 4.79
N LEU A 69 -9.77 8.04 5.37
CA LEU A 69 -8.49 7.95 6.13
C LEU A 69 -8.70 7.20 7.44
N THR A 70 -9.21 5.99 7.36
CA THR A 70 -9.44 5.21 8.60
C THR A 70 -8.09 4.77 9.20
N ARG A 71 -7.78 5.21 10.38
CA ARG A 71 -6.48 4.82 11.01
C ARG A 71 -5.32 5.24 10.10
N ASN A 72 -4.36 4.38 9.92
CA ASN A 72 -3.19 4.71 9.05
C ASN A 72 -3.55 4.41 7.59
N TYR A 73 -4.81 4.20 7.31
CA TYR A 73 -5.23 3.89 5.89
C TYR A 73 -4.43 4.72 4.91
N CYS A 74 -4.26 4.21 3.72
CA CYS A 74 -3.49 4.96 2.68
C CYS A 74 -4.45 5.61 1.68
N ARG A 75 -4.40 6.89 1.54
CA ARG A 75 -5.32 7.58 0.59
C ARG A 75 -4.52 8.55 -0.28
N ASN A 76 -5.14 9.11 -1.29
CA ASN A 76 -4.41 10.07 -2.18
C ASN A 76 -5.15 11.40 -2.27
N PRO A 77 -4.95 12.21 -1.26
CA PRO A 77 -5.60 13.55 -1.21
C PRO A 77 -4.87 14.54 -2.11
N ASP A 78 -4.48 14.14 -3.29
CA ASP A 78 -3.76 15.07 -4.20
C ASP A 78 -3.86 14.56 -5.64
N ALA A 79 -2.87 13.85 -6.10
CA ALA A 79 -2.91 13.31 -7.50
C ALA A 79 -1.52 12.83 -7.93
N GLU A 80 -0.87 12.05 -7.12
CA GLU A 80 0.49 11.55 -7.49
C GLU A 80 0.39 10.18 -8.16
N ILE A 81 1.50 9.57 -8.43
CA ILE A 81 1.48 8.23 -9.05
C ILE A 81 0.50 7.35 -8.29
N SER A 82 0.49 7.49 -6.99
CA SER A 82 -0.43 6.68 -6.16
C SER A 82 -0.66 7.38 -4.81
N PRO A 83 -1.40 6.73 -3.96
CA PRO A 83 -1.68 7.31 -2.62
C PRO A 83 -0.46 7.16 -1.71
N TRP A 84 -0.39 7.96 -0.69
CA TRP A 84 0.78 7.87 0.25
C TRP A 84 0.27 7.89 1.69
N CYS A 85 1.15 7.98 2.65
CA CYS A 85 0.69 8.00 4.07
C CYS A 85 1.85 8.28 5.01
N TYR A 86 1.62 9.07 6.03
CA TYR A 86 2.72 9.37 7.00
C TYR A 86 3.35 8.06 7.48
N THR A 87 4.28 8.11 8.39
CA THR A 87 4.89 6.84 8.88
C THR A 87 4.62 6.66 10.38
N MET A 88 4.23 5.48 10.77
CA MET A 88 3.96 5.23 12.21
C MET A 88 5.26 5.31 13.04
N ASP A 89 6.38 5.62 12.42
CA ASP A 89 7.65 5.71 13.18
C ASP A 89 8.13 7.17 13.21
N PRO A 90 8.74 7.52 14.30
CA PRO A 90 9.27 8.89 14.48
C PRO A 90 10.56 9.08 13.68
N ASN A 91 10.93 8.12 12.88
CA ASN A 91 12.17 8.26 12.08
C ASN A 91 11.80 8.55 10.61
N VAL A 92 10.52 8.54 10.31
CA VAL A 92 10.10 8.80 8.91
C VAL A 92 8.96 9.82 8.88
N ARG A 93 8.97 10.73 7.95
CA ARG A 93 7.87 11.73 7.88
C ARG A 93 6.66 11.11 7.17
N TRP A 94 6.87 10.57 6.00
CA TRP A 94 5.75 9.93 5.26
C TRP A 94 6.30 8.97 4.20
N GLU A 95 5.46 8.21 3.56
CA GLU A 95 5.97 7.26 2.53
C GLU A 95 4.85 6.89 1.55
N TYR A 96 5.21 6.56 0.34
CA TYR A 96 4.18 6.18 -0.67
C TYR A 96 3.65 4.78 -0.36
N CYS A 97 2.60 4.37 -1.02
CA CYS A 97 2.04 3.01 -0.76
C CYS A 97 2.37 2.06 -1.90
N ASN A 98 2.68 0.83 -1.58
CA ASN A 98 3.01 -0.16 -2.65
C ASN A 98 1.83 -0.31 -3.62
N LEU A 99 1.71 0.57 -4.57
CA LEU A 99 0.58 0.47 -5.53
C LEU A 99 1.05 0.74 -6.96
N THR A 100 0.60 -0.06 -7.88
CA THR A 100 1.00 0.14 -9.30
C THR A 100 -0.19 0.61 -10.13
N GLN A 101 0.05 1.22 -11.24
CA GLN A 101 -1.07 1.69 -12.10
C GLN A 101 -1.83 0.49 -12.67
N CYS A 102 -2.78 -0.04 -11.94
CA CYS A 102 -3.53 -1.22 -12.45
C CYS A 102 -3.87 -1.07 -13.94
N PRO A 103 -4.44 0.05 -14.28
CA PRO A 103 -4.83 0.29 -15.69
C PRO A 103 -3.61 0.58 -16.56
N VAL A 104 -3.23 1.82 -16.70
CA VAL A 104 -2.06 2.16 -17.55
C VAL A 104 -0.78 1.56 -16.97
N THR A 105 0.30 1.61 -17.71
CA THR A 105 1.59 1.05 -17.20
C THR A 105 2.77 1.77 -17.86
N GLU A 106 3.47 2.58 -17.10
CA GLU A 106 4.64 3.31 -17.68
C GLU A 106 4.25 3.90 -19.05
N SER A 107 3.72 5.09 -19.05
CA SER A 107 3.32 5.73 -20.35
C SER A 107 4.48 6.53 -20.92
N SER A 108 5.15 6.00 -21.91
CA SER A 108 6.29 6.73 -22.53
C SER A 108 6.06 6.91 -24.04
N VAL A 109 6.03 5.83 -24.78
CA VAL A 109 5.82 5.93 -26.24
C VAL A 109 4.32 5.86 -26.56
N LEU A 110 3.94 6.14 -27.78
CA LEU A 110 2.50 6.09 -28.15
C LEU A 110 2.33 5.57 -29.57
N ALA A 111 2.40 4.28 -29.77
CA ALA A 111 2.24 3.72 -31.14
C ALA A 111 0.78 3.36 -31.40
N THR A 112 0.19 3.93 -32.42
CA THR A 112 -1.24 3.61 -32.72
C THR A 112 -1.32 2.63 -33.89
N SER A 113 -0.20 2.09 -34.32
CA SER A 113 -0.22 1.13 -35.45
C SER A 113 -1.24 0.01 -35.19
N THR A 114 -1.50 -0.81 -36.15
CA THR A 114 -2.48 -1.92 -35.96
C THR A 114 -1.79 -3.27 -36.18
N ALA A 115 -0.78 -3.31 -37.00
CA ALA A 115 -0.07 -4.60 -37.25
C ALA A 115 0.95 -4.88 -36.14
N VAL A 116 0.91 -4.12 -35.08
CA VAL A 116 1.89 -4.35 -33.97
C VAL A 116 1.31 -5.34 -32.95
N SER A 117 0.14 -5.86 -33.21
CA SER A 117 -0.46 -6.84 -32.26
C SER A 117 -0.16 -8.27 -32.71
N GLU A 118 0.58 -9.01 -31.93
CA GLU A 118 0.90 -10.42 -32.31
C GLU A 118 1.56 -11.15 -31.14
N GLN A 119 0.79 -11.55 -30.17
CA GLN A 119 1.38 -12.27 -29.00
C GLN A 119 0.54 -13.50 -28.65
N ALA A 1 6.55 -28.17 12.76
CA ALA A 1 6.93 -28.98 13.94
C ALA A 1 7.41 -28.08 15.08
N ARG A 2 8.51 -27.40 14.89
CA ARG A 2 9.03 -26.50 15.95
C ARG A 2 8.93 -25.03 15.50
N ILE A 3 9.75 -24.63 14.57
CA ILE A 3 9.72 -23.22 14.09
C ILE A 3 8.52 -23.02 13.17
N HIS A 4 7.88 -21.88 13.23
CA HIS A 4 6.70 -21.62 12.36
C HIS A 4 5.70 -22.77 12.47
N HIS A 5 4.74 -22.82 11.58
CA HIS A 5 3.74 -23.93 11.63
C HIS A 5 3.11 -24.00 13.03
N HIS A 6 1.91 -23.53 13.18
CA HIS A 6 1.25 -23.56 14.52
C HIS A 6 -0.22 -23.98 14.38
N HIS A 7 -1.00 -23.22 13.66
CA HIS A 7 -2.44 -23.58 13.51
C HIS A 7 -2.86 -23.45 12.04
N HIS A 8 -2.18 -24.11 11.15
CA HIS A 8 -2.54 -24.03 9.70
C HIS A 8 -2.41 -22.59 9.21
N HIS A 9 -1.43 -21.87 9.67
CA HIS A 9 -1.25 -20.46 9.22
C HIS A 9 -2.40 -19.58 9.70
N ILE A 10 -2.72 -18.56 8.97
CA ILE A 10 -3.85 -17.67 9.39
C ILE A 10 -4.48 -17.01 8.16
N GLU A 11 -5.55 -17.54 7.66
CA GLU A 11 -6.21 -16.94 6.46
C GLU A 11 -7.44 -16.12 6.89
N GLY A 12 -7.26 -14.86 7.14
CA GLY A 12 -8.40 -14.01 7.56
C GLY A 12 -8.00 -12.53 7.46
N ARG A 13 -7.54 -12.11 6.31
CA ARG A 13 -7.13 -10.69 6.15
C ARG A 13 -7.91 -10.04 5.00
N ALA A 14 -8.07 -8.74 5.05
CA ALA A 14 -8.82 -8.05 3.95
C ALA A 14 -8.05 -8.19 2.64
N PRO A 15 -6.82 -7.73 2.65
CA PRO A 15 -5.97 -7.80 1.44
C PRO A 15 -5.49 -9.24 1.23
N THR A 16 -5.77 -9.80 0.09
CA THR A 16 -5.33 -11.20 -0.18
C THR A 16 -3.82 -11.25 -0.39
N GLU A 17 -3.24 -10.20 -0.92
CA GLU A 17 -1.78 -10.19 -1.14
C GLU A 17 -1.02 -10.37 0.18
N GLN A 18 -0.41 -11.51 0.38
CA GLN A 18 0.33 -11.74 1.64
C GLN A 18 1.52 -10.78 1.75
N SER A 19 2.52 -10.97 0.94
CA SER A 19 3.72 -10.08 1.00
C SER A 19 3.41 -8.72 0.36
N PRO A 20 3.73 -7.67 1.08
CA PRO A 20 3.49 -6.30 0.57
C PRO A 20 4.55 -5.93 -0.47
N GLY A 21 4.18 -5.19 -1.48
CA GLY A 21 5.16 -4.79 -2.53
C GLY A 21 4.72 -5.34 -3.89
N VAL A 22 3.44 -5.45 -4.10
CA VAL A 22 2.95 -5.98 -5.41
C VAL A 22 1.83 -5.08 -5.95
N GLN A 23 1.85 -4.83 -7.24
CA GLN A 23 0.79 -3.96 -7.83
C GLN A 23 0.92 -2.53 -7.31
N ASP A 24 2.01 -1.87 -7.61
CA ASP A 24 2.20 -0.48 -7.13
C ASP A 24 1.35 0.49 -7.95
N CYS A 25 0.05 0.44 -7.79
CA CYS A 25 -0.82 1.37 -8.56
C CYS A 25 -2.20 1.49 -7.90
N TYR A 26 -3.10 2.24 -8.50
CA TYR A 26 -4.46 2.37 -7.90
C TYR A 26 -5.51 2.43 -9.01
N HIS A 27 -6.72 2.05 -8.70
CA HIS A 27 -7.80 2.08 -9.73
C HIS A 27 -8.71 3.30 -9.52
N GLY A 28 -8.97 4.04 -10.57
CA GLY A 28 -9.85 5.23 -10.42
C GLY A 28 -9.08 6.36 -9.73
N ASP A 29 -9.02 6.32 -8.42
CA ASP A 29 -8.29 7.39 -7.69
C ASP A 29 -7.62 6.81 -6.44
N GLY A 30 -7.57 5.52 -6.34
CA GLY A 30 -6.96 4.91 -5.14
C GLY A 30 -7.92 5.07 -3.97
N GLN A 31 -8.98 5.81 -4.16
CA GLN A 31 -9.97 6.01 -3.07
C GLN A 31 -10.29 4.66 -2.41
N SER A 32 -10.04 4.53 -1.13
CA SER A 32 -10.33 3.24 -0.44
C SER A 32 -9.39 2.15 -0.93
N TYR A 33 -8.30 2.51 -1.55
CA TYR A 33 -7.33 1.48 -2.05
C TYR A 33 -7.19 0.36 -1.02
N ARG A 34 -7.87 -0.73 -1.23
CA ARG A 34 -7.79 -1.87 -0.26
C ARG A 34 -6.34 -2.38 -0.13
N GLY A 35 -5.58 -2.34 -1.18
CA GLY A 35 -4.17 -2.82 -1.10
C GLY A 35 -3.50 -2.22 0.14
N SER A 36 -2.44 -2.85 0.61
CA SER A 36 -1.74 -2.32 1.81
C SER A 36 -0.29 -1.93 1.45
N PHE A 37 -0.14 -0.87 0.69
CA PHE A 37 1.24 -0.45 0.30
C PHE A 37 1.80 0.53 1.33
N SER A 38 2.45 0.03 2.34
CA SER A 38 3.04 0.92 3.38
C SER A 38 4.31 1.60 2.87
N THR A 39 4.38 1.96 1.61
CA THR A 39 5.59 2.65 1.09
C THR A 39 5.21 3.98 0.45
N THR A 40 6.10 4.94 0.44
CA THR A 40 5.76 6.26 -0.16
C THR A 40 6.10 6.28 -1.65
N VAL A 41 5.76 7.34 -2.32
CA VAL A 41 6.05 7.44 -3.78
C VAL A 41 7.57 7.51 -4.02
N THR A 42 8.27 8.19 -3.16
CA THR A 42 9.76 8.29 -3.34
C THR A 42 10.43 6.97 -2.95
N GLY A 43 9.67 6.03 -2.47
CA GLY A 43 10.28 4.72 -2.08
C GLY A 43 10.55 4.69 -0.58
N ARG A 44 10.34 5.79 0.10
CA ARG A 44 10.58 5.83 1.56
C ARG A 44 9.51 5.01 2.29
N THR A 45 9.40 5.20 3.58
CA THR A 45 8.38 4.44 4.35
C THR A 45 7.50 5.41 5.12
N CYS A 46 6.20 5.33 4.95
CA CYS A 46 5.30 6.26 5.67
C CYS A 46 5.30 5.93 7.16
N GLN A 47 4.90 6.85 7.98
CA GLN A 47 4.87 6.59 9.45
C GLN A 47 3.49 6.04 9.85
N SER A 48 3.45 5.12 10.77
CA SER A 48 2.15 4.56 11.23
C SER A 48 1.14 5.69 11.36
N TRP A 49 -0.09 5.45 11.00
CA TRP A 49 -1.10 6.54 11.13
C TRP A 49 -1.13 6.96 12.59
N SER A 50 -1.00 6.01 13.47
CA SER A 50 -1.01 6.30 14.94
C SER A 50 0.35 6.87 15.39
N SER A 51 1.10 7.49 14.53
CA SER A 51 2.42 8.05 14.94
C SER A 51 2.19 9.12 16.01
N MET A 52 2.89 9.04 17.10
CA MET A 52 2.69 10.03 18.19
C MET A 52 4.03 10.58 18.67
N THR A 53 5.11 10.22 18.03
CA THR A 53 6.45 10.72 18.49
C THR A 53 6.92 11.90 17.62
N PRO A 54 6.87 11.72 16.32
CA PRO A 54 7.30 12.78 15.40
C PRO A 54 6.13 13.72 15.07
N HIS A 55 5.35 13.38 14.09
CA HIS A 55 4.18 14.24 13.74
C HIS A 55 2.89 13.58 14.25
N TRP A 56 2.63 13.72 15.53
CA TRP A 56 1.41 13.11 16.11
C TRP A 56 0.17 13.48 15.29
N HIS A 57 -0.71 12.54 15.05
CA HIS A 57 -1.95 12.85 14.28
C HIS A 57 -3.18 12.53 15.13
N GLN A 58 -4.36 12.60 14.57
CA GLN A 58 -5.58 12.28 15.35
C GLN A 58 -6.47 11.32 14.56
N ARG A 59 -5.98 10.76 13.49
CA ARG A 59 -6.80 9.80 12.69
C ARG A 59 -6.21 8.40 12.81
N THR A 60 -6.04 7.91 14.01
CA THR A 60 -5.47 6.55 14.20
C THR A 60 -6.46 5.48 13.73
N THR A 61 -6.09 4.25 13.91
CA THR A 61 -7.00 3.16 13.53
C THR A 61 -8.17 3.16 14.51
N GLU A 62 -8.04 3.89 15.59
CA GLU A 62 -9.15 3.95 16.56
C GLU A 62 -10.33 4.62 15.87
N TYR A 63 -10.03 5.44 14.91
CA TYR A 63 -11.10 6.12 14.15
C TYR A 63 -11.52 5.21 12.98
N TYR A 64 -10.81 4.13 12.79
CA TYR A 64 -11.15 3.19 11.68
C TYR A 64 -10.76 1.77 12.08
N PRO A 65 -11.71 1.05 12.59
CA PRO A 65 -11.47 -0.35 13.03
C PRO A 65 -11.27 -1.27 11.82
N ASN A 66 -11.84 -0.93 10.70
CA ASN A 66 -11.69 -1.79 9.50
C ASN A 66 -11.28 -0.95 8.29
N GLY A 67 -10.27 -0.13 8.44
CA GLY A 67 -9.83 0.71 7.30
C GLY A 67 -8.62 0.07 6.63
N GLY A 68 -7.99 -0.86 7.29
CA GLY A 68 -6.79 -1.51 6.69
C GLY A 68 -5.57 -0.61 6.94
N LEU A 69 -5.69 0.29 7.89
CA LEU A 69 -4.56 1.20 8.18
C LEU A 69 -3.57 0.55 9.14
N THR A 70 -3.04 -0.59 8.79
CA THR A 70 -2.06 -1.26 9.68
C THR A 70 -0.73 -0.50 9.66
N ARG A 71 -0.09 -0.35 10.79
CA ARG A 71 1.20 0.38 10.79
C ARG A 71 1.08 1.66 9.96
N ASN A 72 2.06 1.95 9.15
CA ASN A 72 2.00 3.18 8.30
C ASN A 72 1.30 2.86 6.97
N TYR A 73 0.59 1.77 6.90
CA TYR A 73 -0.09 1.39 5.63
C TYR A 73 -0.60 2.63 4.88
N CYS A 74 -0.78 2.51 3.59
CA CYS A 74 -1.27 3.66 2.78
C CYS A 74 -2.78 3.58 2.60
N ARG A 75 -3.47 4.68 2.76
CA ARG A 75 -4.94 4.66 2.58
C ARG A 75 -5.44 6.04 2.12
N ASN A 76 -6.51 6.08 1.39
CA ASN A 76 -7.04 7.40 0.91
C ASN A 76 -8.37 7.71 1.60
N PRO A 77 -8.28 8.46 2.66
CA PRO A 77 -9.49 8.84 3.44
C PRO A 77 -10.24 9.98 2.75
N ASP A 78 -9.98 10.22 1.49
CA ASP A 78 -10.69 11.32 0.78
C ASP A 78 -11.10 10.83 -0.61
N ALA A 79 -10.28 11.09 -1.60
CA ALA A 79 -10.62 10.63 -2.98
C ALA A 79 -9.73 11.34 -4.01
N GLU A 80 -8.45 11.44 -3.76
CA GLU A 80 -7.56 12.11 -4.74
C GLU A 80 -6.97 11.08 -5.71
N ILE A 81 -5.98 11.46 -6.47
CA ILE A 81 -5.37 10.50 -7.43
C ILE A 81 -5.09 9.16 -6.75
N SER A 82 -4.64 9.20 -5.52
CA SER A 82 -4.34 7.93 -4.80
C SER A 82 -4.20 8.20 -3.31
N PRO A 83 -4.02 7.13 -2.56
CA PRO A 83 -3.88 7.25 -1.09
C PRO A 83 -2.50 7.81 -0.74
N TRP A 84 -2.38 8.44 0.39
CA TRP A 84 -1.07 9.01 0.81
C TRP A 84 -0.68 8.43 2.17
N CYS A 85 0.30 9.01 2.82
CA CYS A 85 0.71 8.46 4.14
C CYS A 85 1.82 9.31 4.75
N TYR A 86 1.77 9.53 6.04
CA TYR A 86 2.84 10.33 6.69
C TYR A 86 4.21 9.73 6.36
N THR A 87 5.25 10.18 6.98
CA THR A 87 6.60 9.61 6.69
C THR A 87 7.21 9.03 7.96
N MET A 88 7.74 7.84 7.89
CA MET A 88 8.37 7.22 9.09
C MET A 88 9.65 7.97 9.50
N ASP A 89 9.90 9.14 8.94
CA ASP A 89 11.12 9.88 9.31
C ASP A 89 10.73 11.27 9.82
N PRO A 90 11.49 11.73 10.78
CA PRO A 90 11.24 13.07 11.38
C PRO A 90 11.70 14.18 10.43
N ASN A 91 12.08 13.84 9.23
CA ASN A 91 12.52 14.89 8.27
C ASN A 91 11.45 15.10 7.20
N VAL A 92 10.38 14.36 7.26
CA VAL A 92 9.30 14.51 6.25
C VAL A 92 7.93 14.54 6.93
N ARG A 93 7.06 15.42 6.51
CA ARG A 93 5.71 15.48 7.13
C ARG A 93 4.87 14.29 6.64
N TRP A 94 4.68 14.19 5.35
CA TRP A 94 3.88 13.06 4.80
C TRP A 94 4.24 12.88 3.31
N GLU A 95 3.68 11.90 2.66
CA GLU A 95 4.02 11.70 1.23
C GLU A 95 2.99 10.80 0.54
N TYR A 96 2.88 10.89 -0.75
CA TYR A 96 1.90 10.04 -1.48
C TYR A 96 2.44 8.61 -1.59
N CYS A 97 1.61 7.67 -1.91
CA CYS A 97 2.08 6.27 -2.02
C CYS A 97 2.34 5.92 -3.50
N ASN A 98 3.27 5.04 -3.75
CA ASN A 98 3.57 4.65 -5.16
C ASN A 98 2.30 4.15 -5.86
N LEU A 99 1.47 5.04 -6.32
CA LEU A 99 0.22 4.57 -6.99
C LEU A 99 -0.17 5.49 -8.15
N THR A 100 -0.56 4.91 -9.23
CA THR A 100 -0.98 5.69 -10.43
C THR A 100 -2.17 4.95 -11.05
N GLN A 101 -2.96 5.60 -11.84
CA GLN A 101 -4.11 4.88 -12.45
C GLN A 101 -3.60 3.56 -13.05
N CYS A 102 -3.77 2.48 -12.33
CA CYS A 102 -3.27 1.16 -12.83
C CYS A 102 -3.44 1.06 -14.36
N PRO A 103 -2.56 0.32 -14.97
CA PRO A 103 -2.60 0.15 -16.43
C PRO A 103 -3.76 -0.75 -16.86
N VAL A 104 -3.72 -1.26 -18.07
CA VAL A 104 -4.82 -2.13 -18.56
C VAL A 104 -5.00 -3.34 -17.63
N THR A 105 -6.02 -4.12 -17.87
CA THR A 105 -6.25 -5.32 -17.02
C THR A 105 -6.68 -6.50 -17.89
N GLU A 106 -7.71 -6.32 -18.69
CA GLU A 106 -8.17 -7.43 -19.57
C GLU A 106 -6.97 -8.14 -20.21
N SER A 107 -6.17 -7.42 -20.94
CA SER A 107 -4.98 -8.06 -21.59
C SER A 107 -3.70 -7.34 -21.17
N SER A 108 -2.56 -7.81 -21.62
CA SER A 108 -1.28 -7.15 -21.24
C SER A 108 -0.21 -7.44 -22.30
N VAL A 109 0.11 -6.47 -23.10
CA VAL A 109 1.15 -6.68 -24.15
C VAL A 109 1.71 -5.33 -24.61
N LEU A 110 3.01 -5.22 -24.71
CA LEU A 110 3.62 -3.93 -25.15
C LEU A 110 4.43 -4.14 -26.43
N ALA A 111 3.79 -4.57 -27.49
CA ALA A 111 4.53 -4.78 -28.77
C ALA A 111 4.79 -3.44 -29.46
N THR A 112 5.72 -2.68 -28.95
CA THR A 112 6.02 -1.36 -29.57
C THR A 112 7.13 -1.52 -30.62
N SER A 113 8.36 -1.62 -30.19
CA SER A 113 9.48 -1.78 -31.16
C SER A 113 9.34 -3.08 -31.95
N THR A 114 9.97 -3.16 -33.09
CA THR A 114 9.87 -4.41 -33.91
C THR A 114 11.26 -5.03 -34.09
N ALA A 115 11.56 -6.06 -33.36
CA ALA A 115 12.91 -6.70 -33.49
C ALA A 115 12.76 -8.21 -33.64
N VAL A 116 13.79 -8.88 -34.07
CA VAL A 116 13.72 -10.36 -34.22
C VAL A 116 14.59 -11.06 -33.17
N SER A 117 14.20 -10.97 -31.93
CA SER A 117 15.00 -11.63 -30.85
C SER A 117 14.19 -12.74 -30.19
N GLU A 118 14.83 -13.81 -29.81
CA GLU A 118 14.08 -14.93 -29.16
C GLU A 118 15.07 -15.91 -28.52
N GLN A 119 15.90 -15.44 -27.63
CA GLN A 119 16.89 -16.34 -26.97
C GLN A 119 17.00 -16.00 -25.48
N ALA A 1 13.67 -15.42 24.43
CA ALA A 1 13.86 -16.51 23.43
C ALA A 1 15.24 -16.40 22.79
N ARG A 2 15.92 -17.50 22.64
CA ARG A 2 17.29 -17.46 22.03
C ARG A 2 17.58 -18.78 21.30
N ILE A 3 16.64 -19.26 20.52
CA ILE A 3 16.87 -20.53 19.78
C ILE A 3 16.13 -20.49 18.44
N HIS A 4 16.85 -20.56 17.36
CA HIS A 4 16.19 -20.52 16.02
C HIS A 4 15.06 -21.56 15.96
N HIS A 5 13.84 -21.12 16.08
CA HIS A 5 12.69 -22.07 16.02
C HIS A 5 12.95 -23.25 16.97
N HIS A 6 12.10 -24.25 16.93
CA HIS A 6 12.30 -25.42 17.83
C HIS A 6 12.17 -26.73 17.04
N HIS A 7 11.81 -26.66 15.79
CA HIS A 7 11.66 -27.91 14.99
C HIS A 7 12.51 -27.83 13.72
N HIS A 8 12.69 -28.94 13.05
CA HIS A 8 13.51 -28.93 11.80
C HIS A 8 14.89 -28.34 12.07
N HIS A 9 15.66 -28.10 11.06
CA HIS A 9 17.02 -27.53 11.26
C HIS A 9 17.24 -26.33 10.34
N ILE A 10 16.74 -26.38 9.13
CA ILE A 10 16.92 -25.24 8.19
C ILE A 10 15.74 -25.16 7.21
N GLU A 11 14.70 -24.47 7.58
CA GLU A 11 13.53 -24.35 6.67
C GLU A 11 13.81 -23.31 5.58
N GLY A 12 12.80 -22.87 4.88
CA GLY A 12 13.01 -21.86 3.81
C GLY A 12 12.07 -20.68 4.04
N ARG A 13 10.83 -20.94 4.34
CA ARG A 13 9.87 -19.82 4.58
C ARG A 13 9.46 -19.80 6.05
N ALA A 14 9.71 -18.71 6.73
CA ALA A 14 9.35 -18.63 8.17
C ALA A 14 7.84 -18.80 8.34
N PRO A 15 7.09 -17.93 7.72
CA PRO A 15 5.61 -17.99 7.82
C PRO A 15 5.06 -19.13 6.94
N THR A 16 4.53 -20.16 7.53
CA THR A 16 3.98 -21.27 6.73
C THR A 16 2.81 -20.77 5.89
N GLU A 17 1.86 -20.12 6.51
CA GLU A 17 0.68 -19.60 5.76
C GLU A 17 1.16 -18.57 4.73
N GLN A 18 0.41 -18.40 3.66
CA GLN A 18 0.82 -17.41 2.63
C GLN A 18 -0.38 -17.03 1.75
N SER A 19 -1.54 -16.87 2.36
CA SER A 19 -2.74 -16.51 1.56
C SER A 19 -2.74 -15.00 1.27
N PRO A 20 -2.94 -14.67 0.03
CA PRO A 20 -2.98 -13.24 -0.38
C PRO A 20 -4.27 -12.57 0.09
N GLY A 21 -4.15 -11.46 0.78
CA GLY A 21 -5.37 -10.77 1.27
C GLY A 21 -6.13 -10.15 0.09
N VAL A 22 -6.16 -8.85 0.00
CA VAL A 22 -6.88 -8.20 -1.12
C VAL A 22 -5.93 -7.26 -1.88
N GLN A 23 -5.63 -7.57 -3.11
CA GLN A 23 -4.70 -6.71 -3.90
C GLN A 23 -3.54 -6.24 -3.02
N ASP A 24 -2.87 -7.16 -2.39
CA ASP A 24 -1.73 -6.78 -1.51
C ASP A 24 -0.46 -6.61 -2.34
N CYS A 25 -0.53 -5.84 -3.39
CA CYS A 25 0.67 -5.63 -4.24
C CYS A 25 0.50 -4.37 -5.10
N TYR A 26 1.45 -4.06 -5.94
CA TYR A 26 1.33 -2.85 -6.80
C TYR A 26 2.09 -3.04 -8.11
N HIS A 27 1.92 -2.14 -9.04
CA HIS A 27 2.63 -2.28 -10.34
C HIS A 27 3.48 -1.04 -10.62
N GLY A 28 4.74 -1.23 -10.94
CA GLY A 28 5.62 -0.06 -11.22
C GLY A 28 5.96 0.67 -9.93
N ASP A 29 5.09 1.53 -9.49
CA ASP A 29 5.36 2.28 -8.22
C ASP A 29 4.09 2.38 -7.39
N GLY A 30 3.08 1.65 -7.75
CA GLY A 30 1.81 1.74 -6.98
C GLY A 30 1.31 3.18 -7.05
N GLN A 31 1.95 4.01 -7.85
CA GLN A 31 1.50 5.43 -7.94
C GLN A 31 0.08 5.51 -8.50
N SER A 32 -0.22 4.71 -9.49
CA SER A 32 -1.59 4.75 -10.07
C SER A 32 -2.59 4.11 -9.11
N TYR A 33 -2.13 3.59 -8.00
CA TYR A 33 -3.05 2.95 -7.03
C TYR A 33 -4.12 3.96 -6.59
N ARG A 34 -5.16 4.12 -7.36
CA ARG A 34 -6.23 5.08 -6.99
C ARG A 34 -7.35 4.35 -6.23
N GLY A 35 -7.01 3.34 -5.49
CA GLY A 35 -8.05 2.58 -4.73
C GLY A 35 -8.07 3.08 -3.29
N SER A 36 -8.47 2.23 -2.37
CA SER A 36 -8.50 2.65 -0.94
C SER A 36 -7.77 1.64 -0.07
N PHE A 37 -6.53 1.37 -0.39
CA PHE A 37 -5.76 0.38 0.43
C PHE A 37 -5.48 0.93 1.81
N SER A 38 -6.51 1.14 2.59
CA SER A 38 -6.32 1.69 3.97
C SER A 38 -5.61 0.67 4.88
N THR A 39 -4.56 0.03 4.43
CA THR A 39 -3.84 -0.94 5.29
C THR A 39 -2.33 -0.72 5.18
N THR A 40 -1.65 -0.64 6.29
CA THR A 40 -0.17 -0.40 6.23
C THR A 40 0.60 -1.72 6.16
N VAL A 41 1.87 -1.64 5.89
CA VAL A 41 2.71 -2.88 5.78
C VAL A 41 2.61 -3.70 7.07
N THR A 42 2.58 -3.05 8.20
CA THR A 42 2.51 -3.79 9.49
C THR A 42 1.11 -4.39 9.68
N GLY A 43 0.22 -4.15 8.75
CA GLY A 43 -1.16 -4.70 8.89
C GLY A 43 -1.96 -3.83 9.86
N ARG A 44 -1.39 -2.72 10.27
CA ARG A 44 -2.09 -1.83 11.22
C ARG A 44 -3.15 -1.01 10.49
N THR A 45 -3.59 0.06 11.08
CA THR A 45 -4.61 0.92 10.42
C THR A 45 -4.03 2.31 10.18
N CYS A 46 -3.88 2.69 8.95
CA CYS A 46 -3.31 4.03 8.65
C CYS A 46 -4.27 5.13 9.11
N GLN A 47 -3.74 6.26 9.47
CA GLN A 47 -4.62 7.37 9.92
C GLN A 47 -5.01 8.23 8.71
N SER A 48 -6.28 8.32 8.40
CA SER A 48 -6.69 9.15 7.24
C SER A 48 -5.92 10.46 7.26
N TRP A 49 -5.74 11.08 6.13
CA TRP A 49 -4.99 12.36 6.11
C TRP A 49 -5.85 13.48 6.69
N SER A 50 -7.14 13.37 6.56
CA SER A 50 -8.05 14.42 7.12
C SER A 50 -8.18 14.26 8.64
N SER A 51 -7.46 13.33 9.22
CA SER A 51 -7.55 13.13 10.69
C SER A 51 -6.90 14.31 11.43
N MET A 52 -7.54 14.83 12.44
CA MET A 52 -6.95 15.96 13.18
C MET A 52 -6.64 15.56 14.63
N THR A 53 -6.73 14.29 14.93
CA THR A 53 -6.44 13.84 16.32
C THR A 53 -4.94 13.51 16.47
N PRO A 54 -4.50 12.51 15.76
CA PRO A 54 -3.07 12.11 15.82
C PRO A 54 -2.22 13.11 15.05
N HIS A 55 -1.98 12.86 13.79
CA HIS A 55 -1.15 13.81 12.96
C HIS A 55 -2.09 14.78 12.24
N TRP A 56 -1.83 16.05 12.34
CA TRP A 56 -2.72 17.03 11.65
C TRP A 56 -2.20 17.37 10.25
N HIS A 57 -3.11 17.61 9.34
CA HIS A 57 -2.70 17.94 7.95
C HIS A 57 -1.58 17.01 7.48
N GLN A 58 -0.39 17.50 7.25
CA GLN A 58 0.72 16.61 6.80
C GLN A 58 0.24 15.73 5.64
N ARG A 59 0.54 16.11 4.42
CA ARG A 59 0.10 15.31 3.25
C ARG A 59 -1.39 14.97 3.37
N THR A 60 -2.23 15.89 3.01
CA THR A 60 -3.70 15.64 3.11
C THR A 60 -4.41 16.15 1.86
N THR A 61 -5.66 15.84 1.73
CA THR A 61 -6.41 16.33 0.55
C THR A 61 -6.47 17.84 0.63
N GLU A 62 -6.14 18.40 1.76
CA GLU A 62 -6.15 19.88 1.87
C GLU A 62 -4.98 20.41 1.08
N TYR A 63 -3.97 19.62 0.95
CA TYR A 63 -2.80 20.04 0.15
C TYR A 63 -2.90 19.39 -1.22
N TYR A 64 -3.91 18.58 -1.45
CA TYR A 64 -4.05 17.92 -2.78
C TYR A 64 -5.52 17.66 -3.11
N PRO A 65 -6.03 18.49 -3.98
CA PRO A 65 -7.45 18.36 -4.42
C PRO A 65 -7.60 17.17 -5.37
N ASN A 66 -6.55 16.85 -6.09
CA ASN A 66 -6.62 15.71 -7.05
C ASN A 66 -5.63 14.61 -6.66
N GLY A 67 -5.59 14.26 -5.40
CA GLY A 67 -4.65 13.21 -4.95
C GLY A 67 -5.40 11.89 -4.76
N GLY A 68 -6.67 11.97 -4.43
CA GLY A 68 -7.46 10.73 -4.23
C GLY A 68 -7.34 10.31 -2.76
N LEU A 69 -6.77 11.15 -1.94
CA LEU A 69 -6.63 10.82 -0.51
C LEU A 69 -7.98 10.93 0.20
N THR A 70 -8.93 10.14 -0.23
CA THR A 70 -10.28 10.20 0.40
C THR A 70 -10.32 9.29 1.63
N ARG A 71 -10.63 9.84 2.77
CA ARG A 71 -10.69 9.02 4.01
C ARG A 71 -9.31 8.41 4.29
N ASN A 72 -9.27 7.19 4.77
CA ASN A 72 -7.98 6.54 5.05
C ASN A 72 -7.55 5.72 3.83
N TYR A 73 -7.24 6.37 2.74
CA TYR A 73 -6.81 5.64 1.52
C TYR A 73 -5.30 5.76 1.34
N CYS A 74 -4.62 4.66 1.18
CA CYS A 74 -3.13 4.70 0.99
C CYS A 74 -2.78 5.29 -0.37
N ARG A 75 -1.81 6.15 -0.42
CA ARG A 75 -1.42 6.76 -1.72
C ARG A 75 0.11 6.91 -1.79
N ASN A 76 0.63 7.22 -2.95
CA ASN A 76 2.12 7.38 -3.07
C ASN A 76 2.46 8.75 -3.66
N PRO A 77 2.26 9.76 -2.86
CA PRO A 77 2.55 11.15 -3.30
C PRO A 77 4.07 11.35 -3.40
N ASP A 78 4.84 10.37 -3.01
CA ASP A 78 6.32 10.50 -3.08
C ASP A 78 6.85 9.70 -4.26
N ALA A 79 6.03 8.85 -4.83
CA ALA A 79 6.49 8.04 -6.00
C ALA A 79 7.61 7.10 -5.59
N GLU A 80 7.49 6.45 -4.46
CA GLU A 80 8.56 5.52 -4.01
C GLU A 80 8.22 4.10 -4.46
N ILE A 81 8.82 3.11 -3.87
CA ILE A 81 8.51 1.71 -4.27
C ILE A 81 7.01 1.53 -4.36
N SER A 82 6.28 2.25 -3.54
CA SER A 82 4.79 2.12 -3.55
C SER A 82 4.18 3.19 -2.65
N PRO A 83 2.88 3.18 -2.57
CA PRO A 83 2.16 4.18 -1.74
C PRO A 83 2.31 3.84 -0.25
N TRP A 84 2.23 4.83 0.59
CA TRP A 84 2.35 4.59 2.06
C TRP A 84 1.13 5.18 2.76
N CYS A 85 1.18 5.37 4.06
CA CYS A 85 -0.01 5.94 4.74
C CYS A 85 0.28 6.20 6.22
N TYR A 86 -0.21 7.30 6.74
CA TYR A 86 0.02 7.61 8.17
C TYR A 86 -0.48 6.45 9.04
N THR A 87 -0.51 6.60 10.34
CA THR A 87 -1.00 5.49 11.20
C THR A 87 -2.12 5.97 12.12
N MET A 88 -3.18 5.22 12.23
CA MET A 88 -4.30 5.60 13.13
C MET A 88 -3.91 5.43 14.60
N ASP A 89 -2.65 5.20 14.89
CA ASP A 89 -2.24 5.03 16.30
C ASP A 89 -1.18 6.08 16.66
N PRO A 90 -1.24 6.51 17.89
CA PRO A 90 -0.29 7.53 18.40
C PRO A 90 1.08 6.90 18.66
N ASN A 91 1.27 5.67 18.27
CA ASN A 91 2.58 5.02 18.49
C ASN A 91 3.32 4.91 17.16
N VAL A 92 2.70 5.32 16.09
CA VAL A 92 3.37 5.24 14.76
C VAL A 92 3.15 6.55 14.00
N ARG A 93 4.16 7.07 13.38
CA ARG A 93 4.00 8.32 12.60
C ARG A 93 3.32 7.99 11.27
N TRP A 94 3.91 7.12 10.50
CA TRP A 94 3.32 6.71 9.20
C TRP A 94 3.83 5.31 8.85
N GLU A 95 3.33 4.71 7.82
CA GLU A 95 3.81 3.34 7.48
C GLU A 95 3.54 2.99 6.01
N TYR A 96 4.45 2.31 5.38
CA TYR A 96 4.24 1.92 3.96
C TYR A 96 3.05 0.96 3.86
N CYS A 97 2.58 0.70 2.69
CA CYS A 97 1.42 -0.22 2.55
C CYS A 97 1.89 -1.57 1.99
N ASN A 98 1.30 -2.66 2.45
CA ASN A 98 1.71 -4.00 1.95
C ASN A 98 1.62 -4.04 0.42
N LEU A 99 2.61 -3.57 -0.26
CA LEU A 99 2.55 -3.58 -1.75
C LEU A 99 3.91 -3.95 -2.35
N THR A 100 3.89 -4.52 -3.52
CA THR A 100 5.13 -4.92 -4.21
C THR A 100 4.82 -5.11 -5.69
N GLN A 101 5.80 -5.06 -6.54
CA GLN A 101 5.52 -5.26 -7.98
C GLN A 101 4.68 -6.52 -8.16
N CYS A 102 3.38 -6.38 -8.24
CA CYS A 102 2.50 -7.58 -8.38
C CYS A 102 3.15 -8.63 -9.29
N PRO A 103 3.51 -9.73 -8.70
CA PRO A 103 4.14 -10.83 -9.47
C PRO A 103 3.09 -11.64 -10.22
N VAL A 104 1.85 -11.55 -9.80
CA VAL A 104 0.78 -12.33 -10.49
C VAL A 104 -0.02 -11.43 -11.42
N THR A 105 0.22 -10.14 -11.38
CA THR A 105 -0.53 -9.22 -12.28
C THR A 105 -0.23 -9.54 -13.75
N GLU A 106 -0.89 -8.88 -14.65
CA GLU A 106 -0.63 -9.13 -16.10
C GLU A 106 -1.50 -8.20 -16.94
N SER A 107 -1.11 -7.97 -18.18
CA SER A 107 -1.91 -7.07 -19.05
C SER A 107 -1.79 -7.49 -20.51
N SER A 108 -2.54 -6.89 -21.39
CA SER A 108 -2.46 -7.26 -22.83
C SER A 108 -2.03 -6.06 -23.67
N VAL A 109 -1.00 -6.22 -24.47
CA VAL A 109 -0.53 -5.09 -25.31
C VAL A 109 -0.98 -5.29 -26.76
N LEU A 110 -2.08 -4.71 -27.14
CA LEU A 110 -2.56 -4.88 -28.54
C LEU A 110 -1.94 -3.82 -29.45
N ALA A 111 -1.45 -4.21 -30.59
CA ALA A 111 -0.82 -3.22 -31.51
C ALA A 111 -1.90 -2.59 -32.40
N THR A 112 -3.15 -2.83 -32.12
CA THR A 112 -4.24 -2.24 -32.94
C THR A 112 -5.45 -1.93 -32.06
N SER A 113 -5.24 -1.77 -30.78
CA SER A 113 -6.39 -1.46 -29.87
C SER A 113 -6.67 0.04 -29.88
N THR A 114 -6.70 0.65 -31.03
CA THR A 114 -6.98 2.11 -31.10
C THR A 114 -8.31 2.36 -31.80
N ALA A 115 -9.18 3.11 -31.19
CA ALA A 115 -10.51 3.39 -31.82
C ALA A 115 -11.06 4.72 -31.33
N VAL A 116 -12.32 4.99 -31.57
CA VAL A 116 -12.90 6.28 -31.11
C VAL A 116 -14.14 6.02 -30.24
N SER A 117 -13.94 5.78 -28.97
CA SER A 117 -15.11 5.53 -28.07
C SER A 117 -15.39 6.76 -27.21
N GLU A 118 -16.59 7.26 -27.25
CA GLU A 118 -16.93 8.46 -26.43
C GLU A 118 -18.36 8.34 -25.89
N GLN A 119 -18.50 8.06 -24.62
CA GLN A 119 -19.87 7.93 -24.03
C GLN A 119 -20.35 9.28 -23.51
N ALA A 1 6.98 -32.70 -2.00
CA ALA A 1 8.34 -32.24 -1.59
C ALA A 1 9.17 -33.43 -1.08
N ARG A 2 10.45 -33.40 -1.29
CA ARG A 2 11.31 -34.51 -0.82
C ARG A 2 12.42 -33.99 0.11
N ILE A 3 12.06 -33.43 1.23
CA ILE A 3 13.08 -32.90 2.16
C ILE A 3 12.55 -32.91 3.60
N HIS A 4 12.19 -34.08 4.09
CA HIS A 4 11.67 -34.16 5.49
C HIS A 4 10.51 -33.17 5.68
N HIS A 5 9.30 -33.66 5.69
CA HIS A 5 8.13 -32.74 5.87
C HIS A 5 7.85 -32.53 7.36
N HIS A 6 8.53 -31.61 7.98
CA HIS A 6 8.29 -31.36 9.43
C HIS A 6 8.45 -29.86 9.74
N HIS A 7 7.42 -29.24 10.24
CA HIS A 7 7.51 -27.79 10.56
C HIS A 7 8.64 -27.54 11.57
N HIS A 8 9.33 -26.44 11.42
CA HIS A 8 10.45 -26.15 12.37
C HIS A 8 9.94 -26.15 13.82
N HIS A 9 8.75 -25.67 14.03
CA HIS A 9 8.19 -25.64 15.42
C HIS A 9 7.05 -26.65 15.56
N ILE A 10 6.18 -26.44 16.50
CA ILE A 10 5.03 -27.37 16.69
C ILE A 10 3.75 -26.75 16.14
N GLU A 11 2.78 -27.56 15.79
CA GLU A 11 1.51 -27.01 15.24
C GLU A 11 0.30 -27.62 15.96
N GLY A 12 -0.57 -26.79 16.46
CA GLY A 12 -1.76 -27.32 17.18
C GLY A 12 -3.00 -26.52 16.77
N ARG A 13 -3.91 -26.30 17.67
CA ARG A 13 -5.14 -25.53 17.33
C ARG A 13 -5.04 -24.11 17.89
N ALA A 14 -4.33 -23.24 17.21
CA ALA A 14 -4.19 -21.84 17.68
C ALA A 14 -3.96 -20.91 16.51
N PRO A 15 -5.04 -20.39 15.99
CA PRO A 15 -4.96 -19.47 14.82
C PRO A 15 -4.40 -18.11 15.27
N THR A 16 -3.11 -18.02 15.45
CA THR A 16 -2.51 -16.71 15.88
C THR A 16 -1.22 -16.46 15.10
N GLU A 17 -0.98 -17.19 14.06
CA GLU A 17 0.26 -16.99 13.26
C GLU A 17 0.53 -15.50 13.03
N GLN A 18 1.63 -15.00 13.53
CA GLN A 18 1.95 -13.56 13.35
C GLN A 18 2.03 -13.23 11.85
N SER A 19 0.92 -12.95 11.23
CA SER A 19 0.94 -12.62 9.78
C SER A 19 1.13 -11.11 9.58
N PRO A 20 2.11 -10.77 8.79
CA PRO A 20 2.40 -9.34 8.51
C PRO A 20 1.34 -8.74 7.58
N GLY A 21 1.51 -8.92 6.29
CA GLY A 21 0.51 -8.37 5.34
C GLY A 21 1.12 -7.19 4.58
N VAL A 22 1.56 -7.41 3.37
CA VAL A 22 2.16 -6.31 2.58
C VAL A 22 1.49 -6.21 1.20
N GLN A 23 0.34 -5.58 1.15
CA GLN A 23 -0.38 -5.46 -0.13
C GLN A 23 0.31 -4.47 -1.07
N ASP A 24 1.58 -4.66 -1.32
CA ASP A 24 2.31 -3.74 -2.24
C ASP A 24 1.76 -3.87 -3.65
N CYS A 25 0.78 -3.09 -3.99
CA CYS A 25 0.18 -3.16 -5.36
C CYS A 25 -0.60 -1.89 -5.68
N TYR A 26 -0.76 -1.60 -6.94
CA TYR A 26 -1.53 -0.37 -7.32
C TYR A 26 -2.02 -0.44 -8.77
N HIS A 27 -2.77 0.52 -9.21
CA HIS A 27 -3.27 0.50 -10.61
C HIS A 27 -2.91 1.83 -11.30
N GLY A 28 -2.25 1.77 -12.43
CA GLY A 28 -1.88 3.02 -13.14
C GLY A 28 -1.02 3.89 -12.21
N ASP A 29 -1.65 4.66 -11.37
CA ASP A 29 -0.89 5.51 -10.42
C ASP A 29 -1.30 5.19 -9.00
N GLY A 30 -1.87 4.04 -8.79
CA GLY A 30 -2.32 3.68 -7.43
C GLY A 30 -3.39 4.69 -6.98
N GLN A 31 -3.77 5.60 -7.83
CA GLN A 31 -4.80 6.59 -7.44
C GLN A 31 -6.11 5.87 -7.08
N SER A 32 -6.26 4.65 -7.53
CA SER A 32 -7.49 3.89 -7.20
C SER A 32 -7.20 2.87 -6.11
N TYR A 33 -6.18 3.12 -5.31
CA TYR A 33 -5.83 2.17 -4.23
C TYR A 33 -6.81 2.32 -3.05
N ARG A 34 -7.09 1.24 -2.36
CA ARG A 34 -8.03 1.32 -1.21
C ARG A 34 -7.61 2.45 -0.26
N GLY A 35 -6.35 2.76 -0.19
CA GLY A 35 -5.88 3.85 0.71
C GLY A 35 -5.73 3.31 2.13
N SER A 36 -4.87 2.34 2.32
CA SER A 36 -4.67 1.78 3.69
C SER A 36 -3.27 1.16 3.80
N PHE A 37 -2.36 1.59 2.98
CA PHE A 37 -0.97 1.03 3.04
C PHE A 37 -0.11 1.86 3.99
N SER A 38 -0.26 1.66 5.27
CA SER A 38 0.54 2.42 6.28
C SER A 38 2.04 2.14 6.16
N THR A 39 2.47 1.33 5.23
CA THR A 39 3.94 1.06 5.11
C THR A 39 4.51 1.91 3.97
N THR A 40 5.50 2.71 4.26
CA THR A 40 6.08 3.57 3.19
C THR A 40 7.12 2.81 2.37
N VAL A 41 7.54 3.37 1.26
CA VAL A 41 8.55 2.69 0.40
C VAL A 41 9.76 2.28 1.25
N THR A 42 10.14 3.08 2.21
CA THR A 42 11.31 2.74 3.06
C THR A 42 10.93 1.66 4.08
N GLY A 43 9.68 1.33 4.16
CA GLY A 43 9.24 0.29 5.14
C GLY A 43 8.96 0.93 6.49
N ARG A 44 9.05 2.23 6.58
CA ARG A 44 8.79 2.92 7.88
C ARG A 44 7.29 2.89 8.20
N THR A 45 6.88 3.65 9.18
CA THR A 45 5.43 3.67 9.55
C THR A 45 4.79 4.98 9.06
N CYS A 46 3.72 4.89 8.34
CA CYS A 46 3.05 6.12 7.84
C CYS A 46 2.49 6.94 8.99
N GLN A 47 2.62 8.24 8.94
CA GLN A 47 2.07 9.08 10.03
C GLN A 47 0.62 9.48 9.70
N SER A 48 -0.28 9.38 10.65
CA SER A 48 -1.69 9.78 10.36
C SER A 48 -1.71 11.09 9.58
N TRP A 49 -2.67 11.27 8.70
CA TRP A 49 -2.71 12.54 7.92
C TRP A 49 -3.03 13.68 8.88
N SER A 50 -3.88 13.45 9.83
CA SER A 50 -4.24 14.51 10.82
C SER A 50 -3.15 14.63 11.90
N SER A 51 -1.97 14.13 11.64
CA SER A 51 -0.89 14.22 12.66
C SER A 51 -0.43 15.68 12.79
N MET A 52 -0.57 16.25 13.96
CA MET A 52 -0.14 17.66 14.15
C MET A 52 1.02 17.73 15.14
N THR A 53 1.72 16.64 15.33
CA THR A 53 2.86 16.64 16.29
C THR A 53 4.19 16.79 15.54
N PRO A 54 4.53 15.80 14.74
CA PRO A 54 5.81 15.86 13.98
C PRO A 54 5.68 16.86 12.81
N HIS A 55 5.36 16.39 11.64
CA HIS A 55 5.22 17.32 10.48
C HIS A 55 3.77 17.80 10.37
N TRP A 56 3.51 19.01 10.79
CA TRP A 56 2.11 19.52 10.74
C TRP A 56 1.74 19.97 9.33
N HIS A 57 0.57 19.60 8.87
CA HIS A 57 0.13 20.02 7.51
C HIS A 57 -1.30 20.54 7.55
N GLN A 58 -1.82 20.96 6.43
CA GLN A 58 -3.22 21.48 6.41
C GLN A 58 -4.04 20.78 5.32
N ARG A 59 -3.69 19.57 4.98
CA ARG A 59 -4.46 18.83 3.94
C ARG A 59 -4.97 17.50 4.50
N THR A 60 -5.24 17.46 5.78
CA THR A 60 -5.74 16.19 6.40
C THR A 60 -6.90 15.62 5.60
N THR A 61 -7.44 14.54 6.06
CA THR A 61 -8.59 13.94 5.37
C THR A 61 -9.83 14.76 5.71
N GLU A 62 -9.72 15.63 6.70
CA GLU A 62 -10.88 16.47 7.05
C GLU A 62 -11.21 17.35 5.86
N TYR A 63 -10.22 17.61 5.05
CA TYR A 63 -10.47 18.43 3.85
C TYR A 63 -10.97 17.51 2.72
N TYR A 64 -10.94 16.23 2.94
CA TYR A 64 -11.40 15.28 1.89
C TYR A 64 -12.34 14.23 2.50
N PRO A 65 -13.61 14.41 2.26
CA PRO A 65 -14.62 13.46 2.79
C PRO A 65 -14.57 12.13 2.05
N ASN A 66 -13.91 12.10 0.92
CA ASN A 66 -13.82 10.83 0.15
C ASN A 66 -12.36 10.51 -0.20
N GLY A 67 -11.47 10.74 0.73
CA GLY A 67 -10.03 10.46 0.45
C GLY A 67 -9.79 8.95 0.48
N GLY A 68 -10.29 8.28 1.48
CA GLY A 68 -10.08 6.81 1.57
C GLY A 68 -8.80 6.53 2.36
N LEU A 69 -8.09 7.57 2.73
CA LEU A 69 -6.82 7.37 3.48
C LEU A 69 -7.02 7.82 4.93
N THR A 70 -7.72 7.05 5.70
CA THR A 70 -7.97 7.42 7.12
C THR A 70 -6.74 7.13 7.97
N ARG A 71 -6.58 7.80 9.08
CA ARG A 71 -5.40 7.55 9.94
C ARG A 71 -4.12 7.71 9.13
N ASN A 72 -3.15 6.87 9.35
CA ASN A 72 -1.87 6.98 8.57
C ASN A 72 -2.01 6.26 7.24
N TYR A 73 -3.21 5.91 6.86
CA TYR A 73 -3.39 5.20 5.56
C TYR A 73 -2.61 5.91 4.46
N CYS A 74 -1.97 5.16 3.61
CA CYS A 74 -1.20 5.77 2.49
C CYS A 74 -2.08 5.87 1.25
N ARG A 75 -2.00 6.95 0.54
CA ARG A 75 -2.85 7.12 -0.67
C ARG A 75 -2.18 8.07 -1.67
N ASN A 76 -2.87 8.42 -2.72
CA ASN A 76 -2.26 9.35 -3.71
C ASN A 76 -3.23 10.50 -4.00
N PRO A 77 -3.06 11.55 -3.25
CA PRO A 77 -3.93 12.75 -3.39
C PRO A 77 -3.56 13.54 -4.66
N ASP A 78 -2.64 13.05 -5.44
CA ASP A 78 -2.25 13.80 -6.67
C ASP A 78 -2.13 12.84 -7.87
N ALA A 79 -2.59 11.63 -7.72
CA ALA A 79 -2.50 10.66 -8.85
C ALA A 79 -1.06 10.52 -9.33
N GLU A 80 -0.12 10.59 -8.44
CA GLU A 80 1.31 10.45 -8.84
C GLU A 80 1.59 9.00 -9.25
N ILE A 81 2.79 8.71 -9.68
CA ILE A 81 3.14 7.32 -10.08
C ILE A 81 2.52 6.33 -9.08
N SER A 82 2.61 6.65 -7.82
CA SER A 82 2.03 5.76 -6.79
C SER A 82 1.62 6.60 -5.57
N PRO A 83 0.87 6.00 -4.69
CA PRO A 83 0.40 6.70 -3.48
C PRO A 83 1.55 6.89 -2.49
N TRP A 84 1.47 7.90 -1.66
CA TRP A 84 2.54 8.14 -0.66
C TRP A 84 1.89 8.60 0.65
N CYS A 85 2.66 9.12 1.58
CA CYS A 85 2.05 9.57 2.86
C CYS A 85 3.13 10.08 3.82
N TYR A 86 2.73 10.65 4.92
CA TYR A 86 3.72 11.18 5.90
C TYR A 86 4.41 10.03 6.63
N THR A 87 5.43 10.33 7.39
CA THR A 87 6.15 9.26 8.14
C THR A 87 5.90 9.40 9.64
N MET A 88 5.57 8.34 10.31
CA MET A 88 5.34 8.42 11.78
C MET A 88 6.62 8.89 12.50
N ASP A 89 7.71 9.03 11.80
CA ASP A 89 8.96 9.48 12.45
C ASP A 89 9.22 10.95 12.08
N PRO A 90 9.63 11.69 13.07
CA PRO A 90 9.92 13.13 12.87
C PRO A 90 11.18 13.30 12.03
N ASN A 91 11.83 12.23 11.70
CA ASN A 91 13.06 12.34 10.87
C ASN A 91 12.68 12.29 9.39
N VAL A 92 11.46 11.96 9.09
CA VAL A 92 11.02 11.89 7.66
C VAL A 92 9.81 12.80 7.45
N ARG A 93 9.86 13.65 6.47
CA ARG A 93 8.70 14.54 6.21
C ARG A 93 7.57 13.75 5.54
N TRP A 94 7.91 13.04 4.50
CA TRP A 94 6.90 12.21 3.78
C TRP A 94 7.62 11.14 2.95
N GLU A 95 6.92 10.17 2.45
CA GLU A 95 7.62 9.12 1.65
C GLU A 95 6.62 8.27 0.87
N TYR A 96 6.96 7.90 -0.34
CA TYR A 96 6.03 7.05 -1.14
C TYR A 96 5.83 5.72 -0.40
N CYS A 97 4.95 4.88 -0.87
CA CYS A 97 4.74 3.59 -0.18
C CYS A 97 5.19 2.41 -1.07
N ASN A 98 5.11 1.21 -0.56
CA ASN A 98 5.57 0.04 -1.36
C ASN A 98 4.44 -0.52 -2.24
N LEU A 99 4.01 0.21 -3.23
CA LEU A 99 2.93 -0.34 -4.10
C LEU A 99 3.52 -0.81 -5.43
N THR A 100 3.09 -1.95 -5.89
CA THR A 100 3.58 -2.45 -7.20
C THR A 100 2.48 -2.31 -8.24
N GLN A 101 2.81 -2.29 -9.49
CA GLN A 101 1.73 -2.16 -10.51
C GLN A 101 0.83 -3.39 -10.45
N CYS A 102 -0.30 -3.29 -9.80
CA CYS A 102 -1.22 -4.46 -9.72
C CYS A 102 -2.45 -4.24 -10.60
N PRO A 103 -2.26 -4.26 -11.89
CA PRO A 103 -3.38 -4.06 -12.84
C PRO A 103 -4.29 -5.30 -12.84
N VAL A 104 -5.14 -5.42 -11.86
CA VAL A 104 -6.05 -6.60 -11.81
C VAL A 104 -7.50 -6.13 -11.67
N THR A 105 -7.73 -4.85 -11.67
CA THR A 105 -9.13 -4.34 -11.55
C THR A 105 -9.71 -4.06 -12.94
N GLU A 106 -9.18 -4.69 -13.95
CA GLU A 106 -9.71 -4.46 -15.33
C GLU A 106 -11.24 -4.42 -15.31
N SER A 107 -11.82 -3.47 -16.00
CA SER A 107 -13.30 -3.37 -16.02
C SER A 107 -13.91 -4.59 -16.72
N SER A 108 -14.04 -4.54 -18.02
CA SER A 108 -14.62 -5.70 -18.74
C SER A 108 -13.51 -6.56 -19.35
N VAL A 109 -13.75 -7.83 -19.53
CA VAL A 109 -12.71 -8.71 -20.11
C VAL A 109 -13.35 -9.86 -20.88
N LEU A 110 -12.70 -10.33 -21.92
CA LEU A 110 -13.27 -11.45 -22.71
C LEU A 110 -12.14 -12.34 -23.25
N ALA A 111 -11.50 -11.93 -24.30
CA ALA A 111 -10.39 -12.75 -24.88
C ALA A 111 -9.26 -12.88 -23.86
N THR A 112 -8.13 -13.40 -24.27
CA THR A 112 -6.98 -13.56 -23.33
C THR A 112 -6.29 -12.22 -23.10
N SER A 113 -5.48 -12.13 -22.07
CA SER A 113 -4.76 -10.85 -21.80
C SER A 113 -4.02 -10.38 -23.06
N THR A 114 -3.69 -9.13 -23.14
CA THR A 114 -2.97 -8.62 -24.35
C THR A 114 -2.14 -7.39 -24.00
N ALA A 115 -0.86 -7.43 -24.25
CA ALA A 115 -0.01 -6.24 -23.94
C ALA A 115 0.25 -5.43 -25.21
N VAL A 116 1.28 -5.74 -25.93
CA VAL A 116 1.58 -4.99 -27.19
C VAL A 116 1.68 -5.95 -28.37
N SER A 117 0.74 -5.89 -29.28
CA SER A 117 0.76 -6.80 -30.45
C SER A 117 1.55 -6.16 -31.60
N GLU A 118 2.60 -6.80 -32.04
CA GLU A 118 3.40 -6.23 -33.17
C GLU A 118 2.47 -5.90 -34.34
N GLN A 119 1.43 -6.66 -34.53
CA GLN A 119 0.49 -6.39 -35.65
C GLN A 119 -0.89 -6.98 -35.34
N ALA A 1 -1.29 -27.12 2.08
CA ALA A 1 0.14 -27.40 1.76
C ALA A 1 0.26 -28.49 0.70
N ARG A 2 0.02 -29.72 1.06
CA ARG A 2 0.12 -30.82 0.06
C ARG A 2 1.47 -30.79 -0.65
N ILE A 3 1.62 -31.53 -1.71
CA ILE A 3 2.91 -31.53 -2.43
C ILE A 3 2.90 -30.48 -3.55
N HIS A 4 3.18 -29.25 -3.22
CA HIS A 4 3.18 -28.18 -4.25
C HIS A 4 4.54 -27.49 -4.31
N HIS A 5 5.31 -27.58 -3.26
CA HIS A 5 6.65 -26.92 -3.26
C HIS A 5 7.39 -27.24 -1.96
N HIS A 6 8.26 -28.22 -2.00
CA HIS A 6 9.02 -28.58 -0.76
C HIS A 6 10.49 -28.82 -1.10
N HIS A 7 11.19 -27.79 -1.51
CA HIS A 7 12.63 -27.97 -1.86
C HIS A 7 13.49 -27.82 -0.61
N HIS A 8 13.45 -28.79 0.27
CA HIS A 8 14.29 -28.70 1.52
C HIS A 8 14.06 -27.34 2.19
N HIS A 9 12.83 -26.91 2.27
CA HIS A 9 12.55 -25.59 2.92
C HIS A 9 11.46 -25.75 3.98
N ILE A 10 11.84 -25.76 5.23
CA ILE A 10 10.82 -25.91 6.31
C ILE A 10 11.08 -24.90 7.42
N GLU A 11 11.62 -23.75 7.09
CA GLU A 11 11.91 -22.73 8.12
C GLU A 11 10.75 -21.73 8.23
N GLY A 12 9.67 -22.13 8.85
CA GLY A 12 8.52 -21.20 8.99
C GLY A 12 7.60 -21.70 10.11
N ARG A 13 7.17 -20.81 10.96
CA ARG A 13 6.28 -21.25 12.08
C ARG A 13 4.82 -20.89 11.75
N ALA A 14 4.57 -19.70 11.30
CA ALA A 14 3.17 -19.29 10.97
C ALA A 14 2.77 -19.86 9.60
N PRO A 15 1.51 -20.21 9.50
CA PRO A 15 0.98 -20.78 8.23
C PRO A 15 0.87 -19.68 7.16
N THR A 16 0.43 -18.52 7.54
CA THR A 16 0.29 -17.42 6.54
C THR A 16 0.24 -16.06 7.26
N GLU A 17 1.38 -15.50 7.57
CA GLU A 17 1.41 -14.19 8.27
C GLU A 17 0.35 -13.25 7.69
N GLN A 18 -0.45 -12.66 8.55
CA GLN A 18 -1.51 -11.73 8.06
C GLN A 18 -0.92 -10.71 7.08
N SER A 19 0.37 -10.47 7.17
CA SER A 19 1.01 -9.49 6.25
C SER A 19 0.84 -9.92 4.80
N PRO A 20 0.97 -8.96 3.92
CA PRO A 20 0.84 -9.23 2.47
C PRO A 20 2.05 -10.01 1.95
N GLY A 21 2.14 -10.21 0.67
CA GLY A 21 3.30 -10.96 0.10
C GLY A 21 4.60 -10.28 0.54
N VAL A 22 5.08 -9.35 -0.23
CA VAL A 22 6.35 -8.66 0.13
C VAL A 22 6.36 -7.23 -0.44
N GLN A 23 6.34 -6.25 0.41
CA GLN A 23 6.36 -4.84 -0.08
C GLN A 23 5.24 -4.63 -1.10
N ASP A 24 4.15 -4.04 -0.69
CA ASP A 24 3.03 -3.81 -1.64
C ASP A 24 3.50 -2.98 -2.83
N CYS A 25 2.60 -2.32 -3.50
CA CYS A 25 3.01 -1.49 -4.68
C CYS A 25 1.93 -0.47 -5.03
N TYR A 26 2.12 0.24 -6.12
CA TYR A 26 1.13 1.27 -6.54
C TYR A 26 1.27 1.54 -8.04
N HIS A 27 0.24 2.02 -8.67
CA HIS A 27 0.33 2.29 -10.13
C HIS A 27 0.60 3.79 -10.38
N GLY A 28 1.16 4.11 -11.51
CA GLY A 28 1.46 5.55 -11.79
C GLY A 28 2.13 6.19 -10.57
N ASP A 29 1.50 7.15 -9.98
CA ASP A 29 2.10 7.80 -8.78
C ASP A 29 1.17 7.63 -7.59
N GLY A 30 0.90 6.41 -7.20
CA GLY A 30 -0.02 6.18 -6.08
C GLY A 30 -1.40 6.69 -6.48
N GLN A 31 -1.56 7.03 -7.74
CA GLN A 31 -2.88 7.56 -8.21
C GLN A 31 -3.84 6.40 -8.51
N SER A 32 -5.07 6.52 -8.09
CA SER A 32 -6.06 5.44 -8.36
C SER A 32 -5.71 4.18 -7.56
N TYR A 33 -4.77 4.27 -6.66
CA TYR A 33 -4.40 3.07 -5.85
C TYR A 33 -5.66 2.32 -5.41
N ARG A 34 -6.06 1.33 -6.15
CA ARG A 34 -7.28 0.56 -5.78
C ARG A 34 -7.00 -0.32 -4.56
N GLY A 35 -7.77 -0.18 -3.52
CA GLY A 35 -7.54 -1.01 -2.30
C GLY A 35 -7.31 -0.10 -1.10
N SER A 36 -7.40 -0.65 0.09
CA SER A 36 -7.18 0.18 1.32
C SER A 36 -5.86 -0.21 1.97
N PHE A 37 -4.75 0.16 1.37
CA PHE A 37 -3.44 -0.20 1.96
C PHE A 37 -3.02 0.84 2.99
N SER A 38 -3.81 1.05 4.00
CA SER A 38 -3.45 2.04 5.05
C SER A 38 -2.22 1.57 5.84
N THR A 39 -1.19 1.14 5.18
CA THR A 39 0.03 0.69 5.91
C THR A 39 1.22 1.59 5.53
N THR A 40 1.90 2.12 6.51
CA THR A 40 3.05 3.02 6.20
C THR A 40 4.30 2.20 5.87
N VAL A 41 5.16 2.74 5.06
CA VAL A 41 6.41 2.02 4.69
C VAL A 41 7.11 1.50 5.96
N THR A 42 6.91 2.16 7.07
CA THR A 42 7.56 1.70 8.33
C THR A 42 6.82 0.48 8.90
N GLY A 43 5.70 0.14 8.32
CA GLY A 43 4.94 -1.04 8.82
C GLY A 43 3.97 -0.59 9.91
N ARG A 44 3.60 0.66 9.91
CA ARG A 44 2.67 1.16 10.96
C ARG A 44 1.26 1.35 10.37
N THR A 45 0.38 1.97 11.10
CA THR A 45 -1.00 2.18 10.58
C THR A 45 -1.24 3.67 10.31
N CYS A 46 -1.50 4.04 9.09
CA CYS A 46 -1.74 5.46 8.76
C CYS A 46 -2.97 5.98 9.52
N GLN A 47 -2.95 7.23 9.89
CA GLN A 47 -4.10 7.82 10.64
C GLN A 47 -5.14 8.41 9.68
N SER A 48 -6.38 8.45 10.09
CA SER A 48 -7.43 9.05 9.21
C SER A 48 -6.89 10.36 8.64
N TRP A 49 -7.22 10.68 7.43
CA TRP A 49 -6.72 11.97 6.87
C TRP A 49 -7.31 13.11 7.70
N SER A 50 -8.55 12.98 8.08
CA SER A 50 -9.21 14.02 8.91
C SER A 50 -8.81 13.90 10.39
N SER A 51 -7.65 13.37 10.67
CA SER A 51 -7.22 13.23 12.10
C SER A 51 -7.12 14.61 12.74
N MET A 52 -7.63 14.75 13.93
CA MET A 52 -7.57 16.09 14.60
C MET A 52 -7.00 15.94 16.02
N THR A 53 -6.79 14.73 16.47
CA THR A 53 -6.24 14.54 17.84
C THR A 53 -4.71 14.62 17.83
N PRO A 54 -4.09 13.69 17.14
CA PRO A 54 -2.60 13.67 17.06
C PRO A 54 -2.10 14.81 16.18
N HIS A 55 -1.96 14.58 14.90
CA HIS A 55 -1.47 15.66 14.00
C HIS A 55 -2.65 16.21 13.18
N TRP A 56 -3.39 17.14 13.72
CA TRP A 56 -4.54 17.71 12.96
C TRP A 56 -4.10 18.13 11.57
N HIS A 57 -4.86 17.80 10.56
CA HIS A 57 -4.48 18.20 9.18
C HIS A 57 -5.65 18.92 8.49
N GLN A 58 -5.42 19.47 7.33
CA GLN A 58 -6.51 20.16 6.60
C GLN A 58 -6.68 19.56 5.20
N ARG A 59 -7.26 20.28 4.28
CA ARG A 59 -7.45 19.73 2.91
C ARG A 59 -7.91 18.27 2.98
N THR A 60 -8.71 17.93 3.94
CA THR A 60 -9.19 16.53 4.06
C THR A 60 -9.60 15.98 2.70
N THR A 61 -9.89 14.71 2.64
CA THR A 61 -10.33 14.13 1.35
C THR A 61 -11.66 14.79 0.98
N GLU A 62 -12.28 15.47 1.92
CA GLU A 62 -13.55 16.14 1.62
C GLU A 62 -13.25 17.26 0.63
N TYR A 63 -12.08 17.82 0.76
CA TYR A 63 -11.67 18.89 -0.18
C TYR A 63 -11.33 18.26 -1.53
N TYR A 64 -11.22 16.95 -1.55
CA TYR A 64 -10.90 16.25 -2.83
C TYR A 64 -12.09 15.40 -3.26
N PRO A 65 -12.42 15.50 -4.53
CA PRO A 65 -13.56 14.73 -5.07
C PRO A 65 -13.20 13.25 -5.14
N ASN A 66 -11.95 12.93 -4.96
CA ASN A 66 -11.53 11.50 -5.00
C ASN A 66 -12.27 10.71 -3.91
N GLY A 67 -12.42 11.30 -2.76
CA GLY A 67 -13.12 10.60 -1.65
C GLY A 67 -12.63 9.15 -1.54
N GLY A 68 -11.44 8.87 -2.00
CA GLY A 68 -10.90 7.50 -1.89
C GLY A 68 -10.16 7.36 -0.56
N LEU A 69 -10.01 8.45 0.15
CA LEU A 69 -9.31 8.41 1.46
C LEU A 69 -10.24 7.85 2.53
N THR A 70 -10.84 6.73 2.29
CA THR A 70 -11.76 6.14 3.30
C THR A 70 -11.09 6.11 4.68
N ARG A 71 -11.61 6.88 5.60
CA ARG A 71 -11.02 6.91 6.97
C ARG A 71 -9.49 7.02 6.88
N ASN A 72 -8.77 6.08 7.46
CA ASN A 72 -7.28 6.16 7.41
C ASN A 72 -6.75 5.42 6.17
N TYR A 73 -7.55 5.29 5.15
CA TYR A 73 -7.09 4.59 3.92
C TYR A 73 -5.88 5.28 3.31
N CYS A 74 -4.95 4.50 2.83
CA CYS A 74 -3.72 5.08 2.21
C CYS A 74 -4.03 5.49 0.77
N ARG A 75 -3.51 6.60 0.33
CA ARG A 75 -3.78 7.05 -1.07
C ARG A 75 -2.71 8.06 -1.49
N ASN A 76 -3.06 8.98 -2.36
CA ASN A 76 -2.06 9.99 -2.80
C ASN A 76 -2.76 11.24 -3.33
N PRO A 77 -3.06 12.13 -2.42
CA PRO A 77 -3.75 13.39 -2.78
C PRO A 77 -2.78 14.32 -3.51
N ASP A 78 -1.52 13.99 -3.51
CA ASP A 78 -0.52 14.86 -4.21
C ASP A 78 0.06 14.12 -5.42
N ALA A 79 0.00 12.82 -5.42
CA ALA A 79 0.53 12.04 -6.57
C ALA A 79 2.07 12.13 -6.62
N GLU A 80 2.72 11.94 -5.50
CA GLU A 80 4.21 12.00 -5.49
C GLU A 80 4.80 10.67 -5.96
N ILE A 81 5.98 10.35 -5.53
CA ILE A 81 6.59 9.06 -5.94
C ILE A 81 5.62 7.91 -5.66
N SER A 82 4.79 8.07 -4.67
CA SER A 82 3.81 7.01 -4.32
C SER A 82 2.77 7.56 -3.33
N PRO A 83 1.83 6.73 -2.99
CA PRO A 83 0.76 7.12 -2.05
C PRO A 83 1.29 7.16 -0.61
N TRP A 84 0.67 7.92 0.24
CA TRP A 84 1.13 8.01 1.67
C TRP A 84 -0.04 8.43 2.57
N CYS A 85 0.24 8.78 3.79
CA CYS A 85 -0.87 9.20 4.70
C CYS A 85 -0.36 9.38 6.13
N TYR A 86 -1.00 10.23 6.89
CA TYR A 86 -0.57 10.48 8.29
C TYR A 86 -0.42 9.16 9.06
N THR A 87 0.06 9.21 10.27
CA THR A 87 0.24 7.95 11.06
C THR A 87 -0.69 7.96 12.29
N MET A 88 -1.25 6.83 12.61
CA MET A 88 -2.15 6.75 13.81
C MET A 88 -1.34 6.99 15.10
N ASP A 89 -0.05 7.17 15.00
CA ASP A 89 0.76 7.41 16.21
C ASP A 89 1.27 8.85 16.22
N PRO A 90 1.26 9.43 17.38
CA PRO A 90 1.73 10.82 17.55
C PRO A 90 3.25 10.91 17.36
N ASN A 91 3.89 9.80 17.16
CA ASN A 91 5.36 9.82 16.96
C ASN A 91 5.66 10.03 15.48
N VAL A 92 4.67 9.89 14.64
CA VAL A 92 4.88 10.09 13.18
C VAL A 92 3.87 11.09 12.63
N ARG A 93 4.30 12.03 11.82
CA ARG A 93 3.35 13.01 11.27
C ARG A 93 2.79 12.49 9.95
N TRP A 94 3.61 11.83 9.18
CA TRP A 94 3.15 11.27 7.88
C TRP A 94 4.13 10.20 7.40
N GLU A 95 3.69 9.27 6.59
CA GLU A 95 4.61 8.21 6.11
C GLU A 95 4.11 7.61 4.79
N TYR A 96 5.00 7.24 3.92
CA TYR A 96 4.56 6.65 2.63
C TYR A 96 4.00 5.26 2.88
N CYS A 97 3.35 4.67 1.92
CA CYS A 97 2.77 3.31 2.12
C CYS A 97 3.73 2.24 1.59
N ASN A 98 3.70 1.08 2.19
CA ASN A 98 4.61 -0.02 1.74
C ASN A 98 4.34 -0.39 0.29
N LEU A 99 4.70 0.45 -0.66
CA LEU A 99 4.44 0.07 -2.07
C LEU A 99 5.42 0.78 -3.01
N THR A 100 5.93 0.05 -3.96
CA THR A 100 6.88 0.63 -4.95
C THR A 100 6.18 0.75 -6.31
N GLN A 101 6.68 1.56 -7.19
CA GLN A 101 6.01 1.70 -8.52
C GLN A 101 5.69 0.31 -9.08
N CYS A 102 4.47 -0.12 -8.93
CA CYS A 102 4.08 -1.47 -9.45
C CYS A 102 4.43 -1.58 -10.93
N PRO A 103 4.02 -0.60 -11.69
CA PRO A 103 4.29 -0.60 -13.14
C PRO A 103 5.74 -0.19 -13.40
N VAL A 104 6.58 -1.12 -13.77
CA VAL A 104 8.00 -0.78 -14.04
C VAL A 104 8.20 -0.42 -15.51
N THR A 105 8.27 -1.40 -16.37
CA THR A 105 8.47 -1.11 -17.82
C THR A 105 7.17 -1.32 -18.59
N GLU A 106 7.17 -1.04 -19.86
CA GLU A 106 5.93 -1.23 -20.67
C GLU A 106 4.77 -0.43 -20.06
N SER A 107 3.76 -0.14 -20.84
CA SER A 107 2.61 0.63 -20.30
C SER A 107 1.28 -0.07 -20.66
N SER A 108 0.18 0.56 -20.37
CA SER A 108 -1.14 -0.07 -20.67
C SER A 108 -1.30 -1.36 -19.86
N VAL A 109 -0.91 -1.34 -18.62
CA VAL A 109 -1.05 -2.55 -17.77
C VAL A 109 -2.52 -2.76 -17.38
N LEU A 110 -3.15 -3.77 -17.91
CA LEU A 110 -4.58 -4.03 -17.57
C LEU A 110 -4.72 -5.36 -16.83
N ALA A 111 -3.94 -6.34 -17.21
CA ALA A 111 -4.02 -7.66 -16.53
C ALA A 111 -2.65 -8.09 -16.02
N THR A 112 -2.41 -7.92 -14.74
CA THR A 112 -1.08 -8.32 -14.18
C THR A 112 -1.01 -9.83 -13.98
N SER A 113 -0.13 -10.49 -14.67
CA SER A 113 -0.02 -11.97 -14.51
C SER A 113 0.55 -12.31 -13.13
N THR A 114 1.02 -13.51 -12.95
CA THR A 114 1.59 -13.89 -11.62
C THR A 114 3.02 -14.41 -11.80
N ALA A 115 3.57 -15.02 -10.78
CA ALA A 115 4.96 -15.55 -10.88
C ALA A 115 4.96 -16.92 -11.57
N VAL A 116 5.90 -17.15 -12.44
CA VAL A 116 5.95 -18.46 -13.16
C VAL A 116 7.41 -18.85 -13.42
N SER A 117 7.84 -19.97 -12.92
CA SER A 117 9.25 -20.40 -13.14
C SER A 117 9.29 -21.59 -14.11
N GLU A 118 9.97 -21.44 -15.22
CA GLU A 118 10.05 -22.56 -16.19
C GLU A 118 10.76 -23.77 -15.56
N GLN A 119 11.96 -23.58 -15.10
CA GLN A 119 12.71 -24.71 -14.48
C GLN A 119 12.81 -24.50 -12.97
N ALA A 1 18.08 -30.02 20.77
CA ALA A 1 16.71 -29.82 21.33
C ALA A 1 16.52 -28.36 21.76
N ARG A 2 17.37 -27.87 22.61
CA ARG A 2 17.24 -26.45 23.06
C ARG A 2 18.60 -25.75 23.00
N ILE A 3 19.07 -25.45 21.83
CA ILE A 3 20.39 -24.76 21.69
C ILE A 3 20.23 -23.47 20.89
N HIS A 4 19.32 -23.45 19.96
CA HIS A 4 19.10 -22.22 19.14
C HIS A 4 18.02 -22.47 18.09
N HIS A 5 18.02 -23.63 17.50
CA HIS A 5 16.98 -23.94 16.46
C HIS A 5 15.69 -24.42 17.14
N HIS A 6 14.70 -24.76 16.36
CA HIS A 6 13.42 -25.24 16.96
C HIS A 6 12.68 -26.14 15.97
N HIS A 7 13.06 -27.40 15.90
CA HIS A 7 12.38 -28.32 14.95
C HIS A 7 11.55 -29.35 15.73
N HIS A 8 10.48 -28.93 16.33
CA HIS A 8 9.63 -29.89 17.10
C HIS A 8 8.14 -29.60 16.88
N HIS A 9 7.33 -29.86 17.87
CA HIS A 9 5.87 -29.61 17.73
C HIS A 9 5.59 -28.13 17.44
N ILE A 10 4.42 -27.82 16.97
CA ILE A 10 4.08 -26.40 16.68
C ILE A 10 2.60 -26.14 17.00
N GLU A 11 2.30 -24.99 17.54
CA GLU A 11 0.87 -24.69 17.88
C GLU A 11 0.33 -23.58 16.99
N GLY A 12 -0.89 -23.73 16.53
CA GLY A 12 -1.49 -22.68 15.66
C GLY A 12 -0.88 -22.77 14.26
N ARG A 13 -1.50 -22.13 13.29
CA ARG A 13 -0.96 -22.17 11.91
C ARG A 13 0.11 -21.08 11.72
N ALA A 14 0.36 -20.70 10.50
CA ALA A 14 1.39 -19.64 10.27
C ALA A 14 0.80 -18.26 10.55
N PRO A 15 1.30 -17.63 11.58
CA PRO A 15 0.82 -16.29 11.97
C PRO A 15 1.27 -15.23 10.95
N THR A 16 0.56 -15.10 9.86
CA THR A 16 0.95 -14.10 8.83
C THR A 16 -0.29 -13.55 8.13
N GLU A 17 -0.22 -12.34 7.63
CA GLU A 17 -1.39 -11.75 6.93
C GLU A 17 -2.03 -12.79 6.00
N GLN A 18 -3.23 -12.52 5.55
CA GLN A 18 -3.90 -13.48 4.64
C GLN A 18 -5.03 -12.76 3.87
N SER A 19 -4.73 -11.67 3.24
CA SER A 19 -5.78 -10.93 2.48
C SER A 19 -5.86 -11.45 1.04
N PRO A 20 -7.01 -11.99 0.70
CA PRO A 20 -7.21 -12.52 -0.67
C PRO A 20 -7.39 -11.38 -1.67
N GLY A 21 -6.35 -11.02 -2.36
CA GLY A 21 -6.46 -9.91 -3.35
C GLY A 21 -5.21 -9.04 -3.28
N VAL A 22 -4.11 -9.52 -3.82
CA VAL A 22 -2.85 -8.71 -3.79
C VAL A 22 -2.20 -8.69 -5.18
N GLN A 23 -1.67 -7.58 -5.57
CA GLN A 23 -1.01 -7.49 -6.90
C GLN A 23 -0.56 -6.06 -7.18
N ASP A 24 0.71 -5.80 -7.09
CA ASP A 24 1.22 -4.41 -7.35
C ASP A 24 0.68 -3.90 -8.69
N CYS A 25 -0.37 -3.14 -8.67
CA CYS A 25 -0.93 -2.62 -9.95
C CYS A 25 -1.85 -1.41 -9.68
N TYR A 26 -2.11 -0.63 -10.70
CA TYR A 26 -3.02 0.54 -10.52
C TYR A 26 -3.56 1.00 -11.87
N HIS A 27 -4.42 1.98 -11.90
CA HIS A 27 -4.96 2.43 -13.21
C HIS A 27 -4.41 3.83 -13.55
N GLY A 28 -5.27 4.83 -13.61
CA GLY A 28 -4.78 6.21 -13.94
C GLY A 28 -3.53 6.53 -13.14
N ASP A 29 -3.68 7.21 -12.04
CA ASP A 29 -2.50 7.54 -11.20
C ASP A 29 -2.73 7.07 -9.78
N GLY A 30 -2.95 5.80 -9.62
CA GLY A 30 -3.24 5.27 -8.27
C GLY A 30 -4.62 5.74 -7.84
N GLN A 31 -5.32 6.42 -8.74
CA GLN A 31 -6.68 6.91 -8.39
C GLN A 31 -7.70 5.78 -8.53
N SER A 32 -8.65 5.71 -7.62
CA SER A 32 -9.69 4.64 -7.70
C SER A 32 -9.05 3.28 -7.38
N TYR A 33 -7.80 3.27 -7.00
CA TYR A 33 -7.14 1.97 -6.67
C TYR A 33 -7.95 1.22 -5.61
N ARG A 34 -8.89 0.42 -6.04
CA ARG A 34 -9.71 -0.35 -5.06
C ARG A 34 -8.83 -1.35 -4.30
N GLY A 35 -8.89 -1.33 -3.01
CA GLY A 35 -8.06 -2.27 -2.21
C GLY A 35 -7.26 -1.51 -1.16
N SER A 36 -6.99 -2.12 -0.04
CA SER A 36 -6.20 -1.43 1.02
C SER A 36 -4.74 -1.90 0.97
N PHE A 37 -4.03 -1.55 -0.05
CA PHE A 37 -2.60 -1.98 -0.17
C PHE A 37 -1.75 -1.42 0.97
N SER A 38 -1.95 -1.90 2.16
CA SER A 38 -1.13 -1.43 3.33
C SER A 38 0.35 -1.79 3.15
N THR A 39 0.91 -1.57 1.99
CA THR A 39 2.35 -1.89 1.78
C THR A 39 3.00 -0.81 0.93
N THR A 40 4.05 -0.21 1.41
CA THR A 40 4.72 0.86 0.61
C THR A 40 5.59 0.25 -0.49
N VAL A 41 6.18 1.06 -1.31
CA VAL A 41 7.04 0.53 -2.41
C VAL A 41 8.00 -0.53 -1.86
N THR A 42 8.31 -0.46 -0.60
CA THR A 42 9.25 -1.46 -0.01
C THR A 42 8.47 -2.67 0.51
N GLY A 43 7.20 -2.51 0.79
CA GLY A 43 6.40 -3.65 1.31
C GLY A 43 6.17 -3.44 2.79
N ARG A 44 6.29 -2.22 3.24
CA ARG A 44 6.10 -1.91 4.69
C ARG A 44 4.62 -2.04 5.08
N THR A 45 4.26 -1.41 6.17
CA THR A 45 2.84 -1.48 6.65
C THR A 45 2.24 -0.08 6.72
N CYS A 46 2.74 0.80 5.90
CA CYS A 46 2.29 2.23 5.86
C CYS A 46 1.56 2.64 7.14
N GLN A 47 2.15 3.47 7.94
CA GLN A 47 1.49 3.89 9.21
C GLN A 47 0.11 4.47 8.93
N SER A 48 -0.91 3.85 9.46
CA SER A 48 -2.29 4.37 9.23
C SER A 48 -2.31 5.89 9.35
N TRP A 49 -3.24 6.52 8.70
CA TRP A 49 -3.33 8.01 8.80
C TRP A 49 -3.72 8.41 10.22
N SER A 50 -4.41 7.54 10.89
CA SER A 50 -4.84 7.85 12.29
C SER A 50 -3.67 7.64 13.26
N SER A 51 -2.49 7.46 12.74
CA SER A 51 -1.30 7.25 13.63
C SER A 51 -0.95 8.54 14.36
N MET A 52 -1.05 8.54 15.66
CA MET A 52 -0.71 9.77 16.42
C MET A 52 0.47 9.50 17.36
N THR A 53 1.26 8.51 17.05
CA THR A 53 2.43 8.19 17.91
C THR A 53 3.72 8.73 17.27
N PRO A 54 4.09 8.15 16.14
CA PRO A 54 5.32 8.61 15.44
C PRO A 54 5.09 9.97 14.78
N HIS A 55 4.65 9.98 13.54
CA HIS A 55 4.40 11.28 12.86
C HIS A 55 2.94 11.70 13.07
N TRP A 56 2.70 12.77 13.77
CA TRP A 56 1.30 13.21 14.02
C TRP A 56 0.87 14.26 12.99
N HIS A 57 -0.35 14.17 12.52
CA HIS A 57 -0.84 15.17 11.53
C HIS A 57 -2.35 15.37 11.68
N GLN A 58 -2.96 16.07 10.76
CA GLN A 58 -4.44 16.31 10.86
C GLN A 58 -5.12 15.95 9.54
N ARG A 59 -4.53 15.10 8.76
CA ARG A 59 -5.15 14.72 7.45
C ARG A 59 -5.68 13.29 7.51
N THR A 60 -5.98 12.80 8.68
CA THR A 60 -6.51 11.41 8.81
C THR A 60 -7.65 11.17 7.83
N THR A 61 -8.15 9.98 7.81
CA THR A 61 -9.29 9.67 6.93
C THR A 61 -10.55 10.24 7.55
N GLU A 62 -10.48 10.63 8.80
CA GLU A 62 -11.68 11.20 9.45
C GLU A 62 -11.95 12.55 8.82
N TYR A 63 -10.94 13.16 8.29
CA TYR A 63 -11.12 14.46 7.62
C TYR A 63 -11.15 14.24 6.11
N TYR A 64 -11.07 13.01 5.66
CA TYR A 64 -11.11 12.73 4.20
C TYR A 64 -11.63 11.32 3.95
N PRO A 65 -12.89 11.14 4.23
CA PRO A 65 -13.53 9.81 4.03
C PRO A 65 -13.80 9.56 2.54
N ASN A 66 -13.40 10.48 1.70
CA ASN A 66 -13.63 10.30 0.24
C ASN A 66 -12.51 9.46 -0.38
N GLY A 67 -11.49 9.16 0.38
CA GLY A 67 -10.37 8.35 -0.17
C GLY A 67 -10.63 6.86 0.08
N GLY A 68 -10.97 6.52 1.29
CA GLY A 68 -11.23 5.08 1.62
C GLY A 68 -9.92 4.42 2.04
N LEU A 69 -9.03 5.17 2.63
CA LEU A 69 -7.74 4.59 3.07
C LEU A 69 -7.64 4.60 4.58
N THR A 70 -8.75 4.51 5.24
CA THR A 70 -8.73 4.52 6.73
C THR A 70 -7.68 3.53 7.23
N ARG A 71 -7.13 3.74 8.39
CA ARG A 71 -6.08 2.82 8.90
C ARG A 71 -4.86 2.91 8.00
N ASN A 72 -4.15 1.83 7.81
CA ASN A 72 -2.97 1.86 6.93
C ASN A 72 -3.37 1.34 5.55
N TYR A 73 -4.09 2.13 4.81
CA TYR A 73 -4.51 1.71 3.45
C TYR A 73 -3.86 2.65 2.41
N CYS A 74 -3.34 2.10 1.36
CA CYS A 74 -2.65 2.93 0.33
C CYS A 74 -3.67 3.65 -0.58
N ARG A 75 -3.61 4.95 -0.60
CA ARG A 75 -4.54 5.73 -1.47
C ARG A 75 -3.77 6.88 -2.13
N ASN A 76 -4.36 7.56 -3.07
CA ASN A 76 -3.63 8.67 -3.75
C ASN A 76 -4.54 9.88 -3.96
N PRO A 77 -4.63 10.70 -2.94
CA PRO A 77 -5.47 11.92 -3.01
C PRO A 77 -4.78 12.98 -3.86
N ASP A 78 -3.62 12.69 -4.38
CA ASP A 78 -2.89 13.69 -5.21
C ASP A 78 -2.91 13.26 -6.69
N ALA A 79 -3.27 12.04 -6.95
CA ALA A 79 -3.32 11.56 -8.37
C ALA A 79 -1.90 11.45 -8.95
N GLU A 80 -0.94 11.11 -8.14
CA GLU A 80 0.45 10.97 -8.65
C GLU A 80 0.63 9.61 -9.32
N ILE A 81 1.84 9.27 -9.70
CA ILE A 81 2.08 7.95 -10.35
C ILE A 81 1.29 6.85 -9.62
N SER A 82 1.20 6.97 -8.32
CA SER A 82 0.45 5.95 -7.54
C SER A 82 0.10 6.53 -6.16
N PRO A 83 -0.55 5.73 -5.37
CA PRO A 83 -0.94 6.17 -4.01
C PRO A 83 0.26 6.09 -3.06
N TRP A 84 0.14 6.68 -1.91
CA TRP A 84 1.26 6.66 -0.93
C TRP A 84 0.72 6.82 0.50
N CYS A 85 1.55 6.62 1.48
CA CYS A 85 1.07 6.78 2.89
C CYS A 85 2.25 6.76 3.87
N TYR A 86 2.02 7.23 5.08
CA TYR A 86 3.12 7.26 6.09
C TYR A 86 3.61 5.84 6.40
N THR A 87 4.77 5.71 6.98
CA THR A 87 5.32 4.36 7.32
C THR A 87 5.16 4.07 8.81
N MET A 88 4.86 2.85 9.18
CA MET A 88 4.73 2.54 10.63
C MET A 88 6.11 2.47 11.30
N ASP A 89 7.14 2.94 10.65
CA ASP A 89 8.49 2.90 11.26
C ASP A 89 9.06 4.32 11.32
N PRO A 90 9.74 4.59 12.39
CA PRO A 90 10.36 5.93 12.59
C PRO A 90 11.53 6.13 11.62
N ASN A 91 11.85 5.13 10.85
CA ASN A 91 12.96 5.28 9.88
C ASN A 91 12.42 5.83 8.56
N VAL A 92 11.12 5.84 8.41
CA VAL A 92 10.52 6.37 7.16
C VAL A 92 9.39 7.34 7.48
N ARG A 93 9.31 8.44 6.78
CA ARG A 93 8.22 9.41 7.05
C ARG A 93 7.00 9.03 6.21
N TRP A 94 7.21 8.75 4.95
CA TRP A 94 6.08 8.34 4.07
C TRP A 94 6.63 7.62 2.83
N GLU A 95 5.82 6.82 2.19
CA GLU A 95 6.32 6.10 0.98
C GLU A 95 5.18 5.86 -0.01
N TYR A 96 5.49 5.53 -1.23
CA TYR A 96 4.43 5.28 -2.24
C TYR A 96 3.92 3.84 -2.13
N CYS A 97 3.04 3.43 -3.00
CA CYS A 97 2.51 2.04 -2.92
C CYS A 97 3.09 1.17 -4.04
N ASN A 98 3.36 -0.08 -3.75
CA ASN A 98 3.94 -0.99 -4.79
C ASN A 98 2.91 -1.33 -5.88
N LEU A 99 2.69 -0.46 -6.82
CA LEU A 99 1.71 -0.78 -7.90
C LEU A 99 2.17 -0.18 -9.24
N THR A 100 2.02 -0.93 -10.30
CA THR A 100 2.44 -0.42 -11.63
C THR A 100 1.20 -0.06 -12.46
N GLN A 101 1.36 0.76 -13.46
CA GLN A 101 0.19 1.14 -14.29
C GLN A 101 -0.51 -0.11 -14.81
N CYS A 102 -1.45 -0.63 -14.07
CA CYS A 102 -2.16 -1.85 -14.52
C CYS A 102 -3.54 -1.49 -15.09
N PRO A 103 -3.76 -1.92 -16.31
CA PRO A 103 -5.05 -1.63 -16.98
C PRO A 103 -6.16 -2.52 -16.44
N VAL A 104 -7.32 -2.48 -17.04
CA VAL A 104 -8.44 -3.34 -16.56
C VAL A 104 -8.78 -4.40 -17.61
N THR A 105 -9.64 -5.32 -17.27
CA THR A 105 -10.01 -6.38 -18.25
C THR A 105 -10.91 -5.80 -19.35
N GLU A 106 -10.35 -5.46 -20.47
CA GLU A 106 -11.17 -4.89 -21.58
C GLU A 106 -10.28 -4.61 -22.80
N SER A 107 -9.06 -4.22 -22.59
CA SER A 107 -8.16 -3.93 -23.74
C SER A 107 -6.79 -4.55 -23.51
N SER A 108 -5.87 -4.37 -24.43
CA SER A 108 -4.51 -4.96 -24.26
C SER A 108 -3.45 -4.01 -24.84
N VAL A 109 -3.57 -2.74 -24.59
CA VAL A 109 -2.57 -1.77 -25.12
C VAL A 109 -1.56 -1.40 -24.02
N LEU A 110 -0.46 -2.10 -23.94
CA LEU A 110 0.55 -1.78 -22.89
C LEU A 110 1.58 -0.77 -23.43
N ALA A 111 1.19 0.04 -24.38
CA ALA A 111 2.13 1.05 -24.93
C ALA A 111 1.40 2.38 -25.14
N THR A 112 1.02 3.02 -24.07
CA THR A 112 0.30 4.33 -24.20
C THR A 112 1.31 5.47 -24.37
N SER A 113 2.54 5.24 -24.04
CA SER A 113 3.57 6.31 -24.18
C SER A 113 3.73 6.70 -25.65
N THR A 114 3.87 5.72 -26.51
CA THR A 114 4.03 6.03 -27.96
C THR A 114 2.69 6.43 -28.57
N ALA A 115 2.12 7.52 -28.12
CA ALA A 115 0.80 7.96 -28.68
C ALA A 115 0.95 9.33 -29.33
N VAL A 116 -0.07 9.78 -30.01
CA VAL A 116 0.01 11.11 -30.68
C VAL A 116 0.23 12.21 -29.64
N SER A 117 0.02 11.90 -28.39
CA SER A 117 0.22 12.95 -27.33
C SER A 117 1.66 12.88 -26.81
N GLU A 118 2.27 14.02 -26.62
CA GLU A 118 3.67 14.03 -26.11
C GLU A 118 4.01 15.41 -25.54
N GLN A 119 3.10 16.01 -24.80
CA GLN A 119 3.37 17.35 -24.22
C GLN A 119 4.12 17.21 -22.89
N ALA A 1 4.02 -10.82 19.72
CA ALA A 1 3.99 -12.27 20.07
C ALA A 1 5.27 -12.96 19.60
N ARG A 2 5.17 -14.20 19.20
CA ARG A 2 6.39 -14.93 18.72
C ARG A 2 6.38 -15.03 17.19
N ILE A 3 7.49 -14.77 16.58
CA ILE A 3 7.55 -14.85 15.09
C ILE A 3 8.41 -16.03 14.65
N HIS A 4 7.97 -17.23 14.96
CA HIS A 4 8.76 -18.43 14.57
C HIS A 4 7.82 -19.61 14.31
N HIS A 5 7.03 -19.54 13.27
CA HIS A 5 6.08 -20.65 12.97
C HIS A 5 5.62 -20.58 11.51
N HIS A 6 4.63 -21.35 11.16
CA HIS A 6 4.13 -21.34 9.75
C HIS A 6 3.13 -20.20 9.57
N HIS A 7 3.51 -19.16 8.88
CA HIS A 7 2.57 -18.02 8.66
C HIS A 7 1.18 -18.56 8.29
N HIS A 8 0.15 -17.94 8.79
CA HIS A 8 -1.22 -18.42 8.47
C HIS A 8 -1.82 -17.58 7.33
N HIS A 9 -1.05 -16.71 6.75
CA HIS A 9 -1.59 -15.88 5.63
C HIS A 9 -1.16 -16.46 4.28
N ILE A 10 -1.80 -17.52 3.85
CA ILE A 10 -1.43 -18.13 2.54
C ILE A 10 -1.81 -17.18 1.39
N GLU A 11 -0.90 -16.94 0.48
CA GLU A 11 -1.21 -16.03 -0.65
C GLU A 11 -1.99 -16.77 -1.74
N GLY A 12 -1.58 -17.98 -2.04
CA GLY A 12 -2.28 -18.77 -3.09
C GLY A 12 -1.33 -19.82 -3.66
N ARG A 13 -0.90 -19.64 -4.87
CA ARG A 13 0.04 -20.64 -5.49
C ARG A 13 1.15 -19.92 -6.26
N ALA A 14 2.12 -19.38 -5.56
CA ALA A 14 3.23 -18.68 -6.25
C ALA A 14 4.58 -19.12 -5.70
N PRO A 15 5.13 -20.13 -6.32
CA PRO A 15 6.44 -20.68 -5.87
C PRO A 15 7.57 -19.74 -6.29
N THR A 16 7.44 -19.11 -7.43
CA THR A 16 8.51 -18.18 -7.90
C THR A 16 7.92 -16.79 -8.18
N GLU A 17 7.17 -16.26 -7.26
CA GLU A 17 6.57 -14.91 -7.47
C GLU A 17 7.56 -13.97 -8.14
N GLN A 18 7.53 -13.87 -9.44
CA GLN A 18 8.48 -12.98 -10.15
C GLN A 18 8.47 -11.58 -9.53
N SER A 19 7.32 -11.06 -9.24
CA SER A 19 7.23 -9.70 -8.64
C SER A 19 7.80 -9.71 -7.21
N PRO A 20 8.64 -8.75 -6.94
CA PRO A 20 9.28 -8.64 -5.60
C PRO A 20 8.25 -8.17 -4.57
N GLY A 21 8.71 -7.62 -3.47
CA GLY A 21 7.74 -7.14 -2.44
C GLY A 21 8.02 -5.68 -2.11
N VAL A 22 9.25 -5.34 -1.84
CA VAL A 22 9.57 -3.91 -1.51
C VAL A 22 10.08 -3.18 -2.76
N GLN A 23 9.88 -1.89 -2.82
CA GLN A 23 10.35 -1.11 -4.00
C GLN A 23 9.75 0.30 -3.96
N ASP A 24 10.58 1.29 -3.74
CA ASP A 24 10.07 2.69 -3.67
C ASP A 24 9.83 3.23 -5.09
N CYS A 25 8.66 3.02 -5.62
CA CYS A 25 8.37 3.53 -7.00
C CYS A 25 6.85 3.60 -7.23
N TYR A 26 6.42 4.54 -8.00
CA TYR A 26 4.95 4.67 -8.28
C TYR A 26 4.74 5.26 -9.68
N HIS A 27 3.55 5.17 -10.20
CA HIS A 27 3.30 5.72 -11.56
C HIS A 27 2.31 6.89 -11.49
N GLY A 28 2.57 7.94 -12.23
CA GLY A 28 1.64 9.11 -12.20
C GLY A 28 1.71 9.79 -10.83
N ASP A 29 0.87 9.39 -9.92
CA ASP A 29 0.89 10.01 -8.56
C ASP A 29 0.83 8.94 -7.48
N GLY A 30 1.09 7.72 -7.85
CA GLY A 30 1.03 6.63 -6.85
C GLY A 30 -0.45 6.40 -6.48
N GLN A 31 -1.34 7.20 -7.01
CA GLN A 31 -2.78 7.02 -6.69
C GLN A 31 -3.25 5.63 -7.13
N SER A 32 -2.74 5.14 -8.23
CA SER A 32 -3.16 3.80 -8.71
C SER A 32 -2.20 2.73 -8.15
N TYR A 33 -1.54 3.03 -7.06
CA TYR A 33 -0.60 2.03 -6.47
C TYR A 33 -1.33 0.72 -6.17
N ARG A 34 -0.68 -0.40 -6.39
CA ARG A 34 -1.33 -1.71 -6.12
C ARG A 34 -0.52 -2.50 -5.08
N GLY A 35 -0.80 -2.31 -3.82
CA GLY A 35 -0.06 -3.05 -2.78
C GLY A 35 -0.14 -2.28 -1.45
N SER A 36 0.20 -2.92 -0.37
CA SER A 36 0.14 -2.25 0.95
C SER A 36 1.49 -1.64 1.31
N PHE A 37 1.95 -0.70 0.54
CA PHE A 37 3.28 -0.07 0.83
C PHE A 37 3.21 0.74 2.13
N SER A 38 2.86 0.11 3.21
CA SER A 38 2.78 0.85 4.51
C SER A 38 4.17 1.35 4.95
N THR A 39 4.92 1.94 4.09
CA THR A 39 6.26 2.45 4.49
C THR A 39 6.29 3.99 4.35
N THR A 40 6.59 4.68 5.41
CA THR A 40 6.62 6.17 5.33
C THR A 40 7.94 6.65 4.71
N VAL A 41 7.98 7.88 4.28
CA VAL A 41 9.22 8.41 3.66
C VAL A 41 10.43 8.16 4.58
N THR A 42 10.22 8.22 5.86
CA THR A 42 11.36 7.98 6.80
C THR A 42 11.63 6.48 6.93
N GLY A 43 10.77 5.66 6.40
CA GLY A 43 10.98 4.19 6.50
C GLY A 43 10.25 3.63 7.71
N ARG A 44 9.44 4.44 8.35
CA ARG A 44 8.69 3.95 9.54
C ARG A 44 7.53 3.04 9.12
N THR A 45 6.67 2.71 10.03
CA THR A 45 5.51 1.83 9.68
C THR A 45 4.20 2.62 9.73
N CYS A 46 3.46 2.62 8.66
CA CYS A 46 2.19 3.38 8.64
C CYS A 46 1.24 2.88 9.74
N GLN A 47 0.47 3.76 10.31
CA GLN A 47 -0.48 3.34 11.38
C GLN A 47 -1.84 2.98 10.77
N SER A 48 -2.41 1.88 11.18
CA SER A 48 -3.74 1.48 10.63
C SER A 48 -4.65 2.70 10.53
N TRP A 49 -5.29 2.90 9.42
CA TRP A 49 -6.20 4.07 9.32
C TRP A 49 -7.17 3.98 10.49
N SER A 50 -7.53 2.78 10.84
CA SER A 50 -8.48 2.55 11.97
C SER A 50 -7.75 2.68 13.32
N SER A 51 -6.68 3.40 13.38
CA SER A 51 -5.94 3.56 14.68
C SER A 51 -6.50 4.78 15.43
N MET A 52 -6.90 4.59 16.65
CA MET A 52 -7.48 5.72 17.45
C MET A 52 -6.66 5.97 18.72
N THR A 53 -5.55 5.31 18.88
CA THR A 53 -4.74 5.49 20.12
C THR A 53 -3.89 6.78 20.03
N PRO A 54 -2.94 6.77 19.13
CA PRO A 54 -2.05 7.95 18.96
C PRO A 54 -2.84 9.09 18.32
N HIS A 55 -2.87 9.14 17.02
CA HIS A 55 -3.61 10.23 16.32
C HIS A 55 -4.87 9.64 15.68
N TRP A 56 -5.97 9.64 16.39
CA TRP A 56 -7.21 9.06 15.80
C TRP A 56 -7.44 9.68 14.42
N HIS A 57 -7.80 8.87 13.46
CA HIS A 57 -8.06 9.41 12.09
C HIS A 57 -9.56 9.37 11.77
N GLN A 58 -9.96 10.01 10.72
CA GLN A 58 -11.41 10.01 10.34
C GLN A 58 -11.57 9.70 8.85
N ARG A 59 -10.98 8.63 8.39
CA ARG A 59 -11.09 8.27 6.95
C ARG A 59 -10.91 6.76 6.78
N THR A 60 -11.37 5.99 7.74
CA THR A 60 -11.21 4.51 7.65
C THR A 60 -11.69 4.00 6.30
N THR A 61 -11.58 2.72 6.08
CA THR A 61 -12.06 2.15 4.81
C THR A 61 -13.58 2.07 4.86
N GLU A 62 -14.15 2.27 6.03
CA GLU A 62 -15.62 2.22 6.13
C GLU A 62 -16.18 3.38 5.34
N TYR A 63 -15.41 4.41 5.23
CA TYR A 63 -15.85 5.58 4.44
C TYR A 63 -15.40 5.39 2.99
N TYR A 64 -14.66 4.33 2.73
CA TYR A 64 -14.20 4.08 1.34
C TYR A 64 -14.27 2.58 1.02
N PRO A 65 -15.32 2.22 0.34
CA PRO A 65 -15.53 0.79 -0.03
C PRO A 65 -14.58 0.39 -1.17
N ASN A 66 -13.87 1.34 -1.72
CA ASN A 66 -12.94 1.02 -2.83
C ASN A 66 -11.62 1.80 -2.66
N GLY A 67 -11.07 1.79 -1.48
CA GLY A 67 -9.79 2.54 -1.27
C GLY A 67 -8.61 1.59 -1.49
N GLY A 68 -8.61 0.46 -0.85
CA GLY A 68 -7.48 -0.50 -1.03
C GLY A 68 -6.42 -0.23 0.04
N LEU A 69 -6.71 0.62 0.98
CA LEU A 69 -5.73 0.93 2.05
C LEU A 69 -6.25 0.47 3.40
N THR A 70 -7.11 -0.50 3.39
CA THR A 70 -7.68 -1.00 4.66
C THR A 70 -6.56 -1.28 5.67
N ARG A 71 -6.83 -1.12 6.93
CA ARG A 71 -5.78 -1.38 7.98
C ARG A 71 -4.70 -0.29 7.92
N ASN A 72 -3.45 -0.65 7.85
CA ASN A 72 -2.36 0.37 7.81
C ASN A 72 -1.82 0.53 6.39
N TYR A 73 -2.46 -0.07 5.42
CA TYR A 73 -1.95 0.05 4.02
C TYR A 73 -1.68 1.52 3.69
N CYS A 74 -0.78 1.76 2.77
CA CYS A 74 -0.46 3.16 2.38
C CYS A 74 -1.10 3.48 1.03
N ARG A 75 -1.91 4.49 0.97
CA ARG A 75 -2.57 4.86 -0.31
C ARG A 75 -2.50 6.37 -0.53
N ASN A 76 -2.89 6.83 -1.69
CA ASN A 76 -2.84 8.30 -1.96
C ASN A 76 -4.24 8.81 -2.31
N PRO A 77 -5.10 8.81 -1.33
CA PRO A 77 -6.49 9.29 -1.54
C PRO A 77 -6.52 10.81 -1.67
N ASP A 78 -5.75 11.34 -2.58
CA ASP A 78 -5.73 12.82 -2.77
C ASP A 78 -5.17 13.15 -4.16
N ALA A 79 -3.88 13.36 -4.27
CA ALA A 79 -3.28 13.68 -5.60
C ALA A 79 -1.87 14.26 -5.41
N GLU A 80 -1.10 13.70 -4.51
CA GLU A 80 0.28 14.21 -4.29
C GLU A 80 1.28 13.42 -5.12
N ILE A 81 2.55 13.60 -4.88
CA ILE A 81 3.57 12.83 -5.65
C ILE A 81 3.37 11.34 -5.41
N SER A 82 2.86 10.99 -4.27
CA SER A 82 2.64 9.55 -3.95
C SER A 82 1.67 9.42 -2.77
N PRO A 83 1.44 8.19 -2.38
CA PRO A 83 0.53 7.91 -1.24
C PRO A 83 1.18 8.30 0.09
N TRP A 84 0.37 8.50 1.09
CA TRP A 84 0.92 8.87 2.44
C TRP A 84 0.32 7.95 3.50
N CYS A 85 0.69 8.10 4.74
CA CYS A 85 0.12 7.21 5.79
C CYS A 85 0.45 7.70 7.20
N TYR A 86 -0.41 7.45 8.14
CA TYR A 86 -0.14 7.89 9.54
C TYR A 86 1.00 7.05 10.10
N THR A 87 1.59 7.47 11.20
CA THR A 87 2.71 6.67 11.78
C THR A 87 2.24 5.88 12.98
N MET A 88 2.61 4.63 13.06
CA MET A 88 2.20 3.79 14.22
C MET A 88 2.78 4.34 15.53
N ASP A 89 3.58 5.38 15.48
CA ASP A 89 4.15 5.95 16.72
C ASP A 89 3.61 7.36 16.96
N PRO A 90 3.34 7.64 18.19
CA PRO A 90 2.81 8.97 18.59
C PRO A 90 3.90 10.03 18.39
N ASN A 91 5.09 9.61 18.07
CA ASN A 91 6.18 10.59 17.85
C ASN A 91 6.05 11.19 16.45
N VAL A 92 5.29 10.55 15.62
CA VAL A 92 5.09 11.06 14.23
C VAL A 92 3.60 11.20 13.93
N ARG A 93 3.21 12.26 13.26
CA ARG A 93 1.78 12.44 12.94
C ARG A 93 1.44 11.69 11.65
N TRP A 94 2.08 12.05 10.57
CA TRP A 94 1.81 11.37 9.27
C TRP A 94 3.00 11.58 8.33
N GLU A 95 3.11 10.81 7.29
CA GLU A 95 4.28 10.98 6.37
C GLU A 95 3.98 10.33 5.02
N TYR A 96 4.59 10.82 3.98
CA TYR A 96 4.35 10.23 2.63
C TYR A 96 4.92 8.80 2.59
N CYS A 97 4.84 8.15 1.47
CA CYS A 97 5.37 6.76 1.39
C CYS A 97 6.60 6.71 0.50
N ASN A 98 7.59 5.94 0.87
CA ASN A 98 8.82 5.83 0.04
C ASN A 98 8.46 5.47 -1.39
N LEU A 99 8.12 6.43 -2.21
CA LEU A 99 7.75 6.10 -3.61
C LEU A 99 8.25 7.17 -4.58
N THR A 100 8.79 6.76 -5.69
CA THR A 100 9.30 7.72 -6.70
C THR A 100 8.60 7.48 -8.03
N GLN A 101 8.59 8.46 -8.90
CA GLN A 101 7.92 8.26 -10.21
C GLN A 101 8.56 7.08 -10.95
N CYS A 102 8.05 5.89 -10.73
CA CYS A 102 8.63 4.70 -11.41
C CYS A 102 8.83 4.99 -12.90
N PRO A 103 9.89 4.43 -13.43
CA PRO A 103 10.22 4.64 -14.86
C PRO A 103 9.24 3.88 -15.75
N VAL A 104 8.56 4.58 -16.63
CA VAL A 104 7.58 3.89 -17.53
C VAL A 104 8.23 2.68 -18.19
N THR A 105 7.46 1.89 -18.87
CA THR A 105 8.03 0.69 -19.55
C THR A 105 8.26 0.98 -21.03
N GLU A 106 8.78 2.14 -21.35
CA GLU A 106 9.02 2.48 -22.78
C GLU A 106 7.84 2.04 -23.64
N SER A 107 8.02 1.98 -24.93
CA SER A 107 6.90 1.56 -25.82
C SER A 107 6.65 0.05 -25.68
N SER A 108 5.86 -0.51 -26.55
CA SER A 108 5.59 -1.98 -26.48
C SER A 108 4.77 -2.42 -27.69
N VAL A 109 4.99 -3.63 -28.15
CA VAL A 109 4.23 -4.12 -29.33
C VAL A 109 3.00 -4.91 -28.88
N LEU A 110 3.13 -5.67 -27.82
CA LEU A 110 1.96 -6.45 -27.32
C LEU A 110 1.56 -5.99 -25.92
N ALA A 111 1.08 -4.79 -25.80
CA ALA A 111 0.67 -4.28 -24.46
C ALA A 111 -0.85 -4.31 -24.33
N THR A 112 -1.35 -4.81 -23.23
CA THR A 112 -2.84 -4.86 -23.04
C THR A 112 -3.19 -4.62 -21.57
N SER A 113 -4.22 -3.86 -21.33
CA SER A 113 -4.62 -3.58 -19.92
C SER A 113 -4.97 -4.89 -19.20
N THR A 114 -4.94 -4.89 -17.90
CA THR A 114 -5.26 -6.13 -17.13
C THR A 114 -6.73 -6.13 -16.71
N ALA A 115 -7.37 -7.27 -16.74
CA ALA A 115 -8.80 -7.32 -16.33
C ALA A 115 -8.95 -8.01 -14.97
N VAL A 116 -10.13 -8.05 -14.43
CA VAL A 116 -10.34 -8.70 -13.11
C VAL A 116 -10.46 -10.21 -13.27
N SER A 117 -9.51 -10.96 -12.75
CA SER A 117 -9.57 -12.44 -12.88
C SER A 117 -9.76 -13.09 -11.51
N GLU A 118 -10.41 -14.23 -11.46
CA GLU A 118 -10.61 -14.90 -10.15
C GLU A 118 -11.21 -16.30 -10.36
N GLN A 119 -12.06 -16.45 -11.35
CA GLN A 119 -12.68 -17.77 -11.62
C GLN A 119 -12.91 -17.96 -13.12
N ALA A 1 24.88 -21.61 10.96
CA ALA A 1 23.39 -21.66 10.89
C ALA A 1 22.92 -23.11 10.84
N ARG A 2 22.98 -23.81 11.95
CA ARG A 2 22.53 -25.22 11.96
C ARG A 2 21.00 -25.29 11.91
N ILE A 3 20.35 -24.64 12.85
CA ILE A 3 18.85 -24.66 12.87
C ILE A 3 18.32 -23.24 13.05
N HIS A 4 19.07 -22.25 12.65
CA HIS A 4 18.61 -20.84 12.80
C HIS A 4 17.82 -20.41 11.57
N HIS A 5 18.41 -20.51 10.41
CA HIS A 5 17.70 -20.10 9.17
C HIS A 5 16.38 -20.89 9.03
N HIS A 6 15.59 -20.56 8.06
CA HIS A 6 14.30 -21.28 7.86
C HIS A 6 13.37 -21.03 9.05
N HIS A 7 12.14 -20.68 8.79
CA HIS A 7 11.19 -20.42 9.91
C HIS A 7 10.85 -21.72 10.63
N HIS A 8 10.97 -21.73 11.93
CA HIS A 8 10.65 -22.97 12.70
C HIS A 8 9.94 -22.63 14.01
N HIS A 9 9.38 -21.45 14.08
CA HIS A 9 8.66 -21.05 15.34
C HIS A 9 7.81 -19.81 15.09
N ILE A 10 7.32 -19.65 13.89
CA ILE A 10 6.48 -18.46 13.57
C ILE A 10 5.12 -18.91 13.06
N GLU A 11 5.03 -19.23 11.79
CA GLU A 11 3.72 -19.67 11.23
C GLU A 11 3.81 -21.14 10.79
N GLY A 12 4.34 -21.39 9.62
CA GLY A 12 4.44 -22.79 9.14
C GLY A 12 4.46 -22.81 7.61
N ARG A 13 4.28 -23.97 7.02
CA ARG A 13 4.29 -24.04 5.53
C ARG A 13 2.90 -24.43 5.02
N ALA A 14 2.76 -24.63 3.73
CA ALA A 14 1.43 -25.01 3.18
C ALA A 14 1.60 -26.09 2.12
N PRO A 15 0.48 -26.64 1.71
CA PRO A 15 0.49 -27.71 0.68
C PRO A 15 0.79 -27.11 -0.69
N THR A 16 -0.22 -26.65 -1.38
CA THR A 16 0.02 -26.05 -2.72
C THR A 16 -0.31 -24.56 -2.71
N GLU A 17 -1.56 -24.20 -2.59
CA GLU A 17 -1.94 -22.77 -2.57
C GLU A 17 -1.27 -22.06 -1.38
N GLN A 18 -0.31 -21.23 -1.64
CA GLN A 18 0.37 -20.51 -0.53
C GLN A 18 -0.28 -19.14 -0.29
N SER A 19 -1.07 -18.69 -1.23
CA SER A 19 -1.73 -17.37 -1.07
C SER A 19 -2.80 -17.44 0.03
N PRO A 20 -2.97 -16.36 0.73
CA PRO A 20 -3.97 -16.31 1.82
C PRO A 20 -5.39 -16.26 1.23
N GLY A 21 -6.39 -16.16 2.07
CA GLY A 21 -7.78 -16.11 1.56
C GLY A 21 -8.29 -14.66 1.59
N VAL A 22 -7.45 -13.72 1.25
CA VAL A 22 -7.88 -12.30 1.26
C VAL A 22 -7.20 -11.53 0.12
N GLN A 23 -7.94 -10.74 -0.60
CA GLN A 23 -7.34 -9.97 -1.71
C GLN A 23 -8.17 -8.71 -1.99
N ASP A 24 -7.96 -7.67 -1.23
CA ASP A 24 -8.72 -6.41 -1.46
C ASP A 24 -8.39 -5.84 -2.85
N CYS A 25 -8.78 -4.64 -3.11
CA CYS A 25 -8.48 -4.04 -4.46
C CYS A 25 -8.60 -2.51 -4.44
N TYR A 26 -8.67 -1.92 -5.61
CA TYR A 26 -8.78 -0.42 -5.70
C TYR A 26 -9.84 -0.01 -6.71
N HIS A 27 -9.78 1.21 -7.17
CA HIS A 27 -10.77 1.68 -8.18
C HIS A 27 -10.07 2.59 -9.19
N GLY A 28 -8.76 2.61 -9.18
CA GLY A 28 -8.02 3.48 -10.13
C GLY A 28 -6.55 3.56 -9.69
N ASP A 29 -6.19 4.62 -9.01
CA ASP A 29 -4.78 4.75 -8.54
C ASP A 29 -4.75 5.13 -7.07
N GLY A 30 -5.56 4.48 -6.28
CA GLY A 30 -5.60 4.82 -4.83
C GLY A 30 -6.36 6.12 -4.67
N GLN A 31 -6.64 6.81 -5.75
CA GLN A 31 -7.42 8.07 -5.65
C GLN A 31 -8.91 7.75 -5.79
N SER A 32 -9.22 6.86 -6.68
CA SER A 32 -10.64 6.48 -6.86
C SER A 32 -11.03 5.46 -5.78
N TYR A 33 -10.09 5.09 -4.95
CA TYR A 33 -10.41 4.10 -3.87
C TYR A 33 -11.45 4.70 -2.92
N ARG A 34 -12.62 4.10 -2.87
CA ARG A 34 -13.68 4.65 -1.97
C ARG A 34 -13.85 3.73 -0.75
N GLY A 35 -13.38 4.14 0.38
CA GLY A 35 -13.51 3.28 1.60
C GLY A 35 -12.42 3.63 2.61
N SER A 36 -12.12 2.73 3.50
CA SER A 36 -11.07 3.00 4.52
C SER A 36 -10.29 1.72 4.82
N PHE A 37 -9.66 1.16 3.82
CA PHE A 37 -8.89 -0.09 4.04
C PHE A 37 -7.46 0.22 4.45
N SER A 38 -7.27 0.80 5.60
CA SER A 38 -5.88 1.13 6.05
C SER A 38 -5.09 -0.15 6.36
N THR A 39 -5.13 -1.13 5.51
CA THR A 39 -4.36 -2.38 5.77
C THR A 39 -3.18 -2.48 4.79
N THR A 40 -2.02 -2.79 5.28
CA THR A 40 -0.84 -2.88 4.37
C THR A 40 -0.70 -4.30 3.82
N VAL A 41 -0.02 -4.44 2.71
CA VAL A 41 0.16 -5.79 2.10
C VAL A 41 0.55 -6.81 3.18
N THR A 42 1.50 -6.48 4.00
CA THR A 42 1.92 -7.44 5.07
C THR A 42 0.75 -7.76 5.98
N GLY A 43 -0.32 -6.99 5.90
CA GLY A 43 -1.50 -7.25 6.77
C GLY A 43 -1.52 -6.26 7.92
N ARG A 44 -0.49 -5.45 8.05
CA ARG A 44 -0.46 -4.46 9.16
C ARG A 44 -1.44 -3.32 8.89
N THR A 45 -1.34 -2.25 9.62
CA THR A 45 -2.26 -1.10 9.41
C THR A 45 -1.45 0.16 9.11
N CYS A 46 -1.97 1.03 8.29
CA CYS A 46 -1.22 2.27 7.97
C CYS A 46 -1.27 3.27 9.13
N GLN A 47 -0.35 4.19 9.17
CA GLN A 47 -0.34 5.20 10.26
C GLN A 47 -1.13 6.44 9.82
N SER A 48 -1.85 7.05 10.72
CA SER A 48 -2.62 8.27 10.34
C SER A 48 -1.73 9.19 9.50
N TRP A 49 -2.28 9.85 8.52
CA TRP A 49 -1.44 10.75 7.69
C TRP A 49 -0.93 11.89 8.57
N SER A 50 -1.69 12.25 9.57
CA SER A 50 -1.27 13.35 10.49
C SER A 50 -0.22 12.85 11.49
N SER A 51 0.36 11.72 11.24
CA SER A 51 1.39 11.19 12.19
C SER A 51 2.64 12.06 12.12
N MET A 52 3.13 12.49 13.25
CA MET A 52 4.33 13.36 13.25
C MET A 52 5.41 12.77 14.18
N THR A 53 5.13 11.64 14.78
CA THR A 53 6.14 11.03 15.69
C THR A 53 7.05 10.07 14.91
N PRO A 54 6.49 9.01 14.41
CA PRO A 54 7.30 8.02 13.64
C PRO A 54 7.66 8.60 12.27
N HIS A 55 6.86 8.36 11.26
CA HIS A 55 7.18 8.89 9.91
C HIS A 55 6.34 10.14 9.63
N TRP A 56 6.79 11.27 10.11
CA TRP A 56 6.03 12.53 9.88
C TRP A 56 5.70 12.69 8.39
N HIS A 57 4.50 13.13 8.08
CA HIS A 57 4.13 13.31 6.64
C HIS A 57 3.76 14.79 6.38
N GLN A 58 3.27 15.09 5.20
CA GLN A 58 2.88 16.49 4.89
C GLN A 58 1.97 16.52 3.66
N ARG A 59 1.14 15.53 3.50
CA ARG A 59 0.22 15.51 2.32
C ARG A 59 -1.16 15.01 2.75
N THR A 60 -1.50 15.19 3.99
CA THR A 60 -2.83 14.73 4.48
C THR A 60 -3.93 15.18 3.54
N THR A 61 -5.14 14.84 3.85
CA THR A 61 -6.28 15.27 3.02
C THR A 61 -6.39 16.80 3.13
N GLU A 62 -5.70 17.38 4.08
CA GLU A 62 -5.76 18.84 4.25
C GLU A 62 -5.17 19.48 3.00
N TYR A 63 -4.24 18.82 2.40
CA TYR A 63 -3.63 19.36 1.16
C TYR A 63 -4.56 19.07 -0.02
N TYR A 64 -5.59 18.30 0.21
CA TYR A 64 -6.53 17.97 -0.90
C TYR A 64 -7.97 18.38 -0.52
N PRO A 65 -8.62 19.04 -1.43
CA PRO A 65 -10.02 19.48 -1.19
C PRO A 65 -10.97 18.28 -1.21
N ASN A 66 -10.45 17.11 -1.48
CA ASN A 66 -11.30 15.89 -1.50
C ASN A 66 -10.44 14.65 -1.32
N GLY A 67 -9.60 14.65 -0.32
CA GLY A 67 -8.73 13.47 -0.08
C GLY A 67 -9.51 12.36 0.64
N GLY A 68 -9.95 12.63 1.84
CA GLY A 68 -10.71 11.59 2.59
C GLY A 68 -9.73 10.73 3.38
N LEU A 69 -8.52 11.19 3.53
CA LEU A 69 -7.50 10.41 4.28
C LEU A 69 -7.77 10.49 5.78
N THR A 70 -8.94 10.08 6.20
CA THR A 70 -9.27 10.13 7.65
C THR A 70 -8.40 9.14 8.43
N ARG A 71 -7.77 9.57 9.48
CA ARG A 71 -6.91 8.65 10.27
C ARG A 71 -5.81 8.07 9.36
N ASN A 72 -5.55 6.79 9.46
CA ASN A 72 -4.50 6.17 8.60
C ASN A 72 -5.11 5.65 7.31
N TYR A 73 -6.29 6.11 6.97
CA TYR A 73 -6.98 5.62 5.74
C TYR A 73 -5.98 5.34 4.61
N CYS A 74 -6.07 4.19 4.02
CA CYS A 74 -5.14 3.82 2.90
C CYS A 74 -5.55 4.53 1.61
N ARG A 75 -4.67 5.31 1.06
CA ARG A 75 -5.00 6.03 -0.20
C ARG A 75 -3.74 6.19 -1.05
N ASN A 76 -3.72 7.12 -1.97
CA ASN A 76 -2.51 7.28 -2.81
C ASN A 76 -2.38 8.73 -3.30
N PRO A 77 -2.23 9.62 -2.36
CA PRO A 77 -2.08 11.06 -2.68
C PRO A 77 -0.62 11.39 -3.02
N ASP A 78 0.09 10.47 -3.64
CA ASP A 78 1.52 10.76 -3.98
C ASP A 78 1.78 10.39 -5.45
N ALA A 79 0.75 10.22 -6.23
CA ALA A 79 0.94 9.87 -7.66
C ALA A 79 1.45 8.42 -7.80
N GLU A 80 1.57 7.72 -6.71
CA GLU A 80 2.05 6.31 -6.79
C GLU A 80 0.94 5.42 -7.36
N ILE A 81 1.25 4.18 -7.64
CA ILE A 81 0.21 3.26 -8.18
C ILE A 81 -1.11 3.47 -7.44
N SER A 82 -1.13 3.15 -6.17
CA SER A 82 -2.37 3.32 -5.37
C SER A 82 -2.19 2.71 -3.96
N PRO A 83 -1.79 1.46 -3.92
CA PRO A 83 -1.58 0.78 -2.61
C PRO A 83 -0.36 1.34 -1.89
N TRP A 84 -0.51 2.37 -1.10
CA TRP A 84 0.68 2.90 -0.38
C TRP A 84 0.26 3.76 0.82
N CYS A 85 0.76 3.48 1.98
CA CYS A 85 0.38 4.28 3.18
C CYS A 85 1.40 4.08 4.30
N TYR A 86 1.67 5.11 5.06
CA TYR A 86 2.65 4.97 6.17
C TYR A 86 2.27 3.77 7.06
N THR A 87 3.06 3.47 8.05
CA THR A 87 2.73 2.31 8.93
C THR A 87 2.51 2.78 10.37
N MET A 88 1.52 2.26 11.03
CA MET A 88 1.27 2.67 12.45
C MET A 88 2.44 2.25 13.35
N ASP A 89 3.45 1.62 12.81
CA ASP A 89 4.60 1.20 13.66
C ASP A 89 5.87 1.92 13.19
N PRO A 90 6.65 2.33 14.15
CA PRO A 90 7.92 3.04 13.87
C PRO A 90 8.95 2.08 13.28
N ASN A 91 8.60 0.83 13.14
CA ASN A 91 9.55 -0.15 12.57
C ASN A 91 9.37 -0.21 11.06
N VAL A 92 8.33 0.40 10.56
CA VAL A 92 8.09 0.39 9.09
C VAL A 92 7.93 1.81 8.57
N ARG A 93 8.66 2.18 7.56
CA ARG A 93 8.51 3.56 7.01
C ARG A 93 7.15 3.69 6.33
N TRP A 94 6.88 2.79 5.42
CA TRP A 94 5.58 2.81 4.69
C TRP A 94 5.33 1.42 4.09
N GLU A 95 4.14 1.15 3.65
CA GLU A 95 3.87 -0.19 3.05
C GLU A 95 2.70 -0.12 2.07
N TYR A 96 2.68 -1.00 1.10
CA TYR A 96 1.57 -0.98 0.12
C TYR A 96 0.32 -1.60 0.76
N CYS A 97 -0.84 -1.34 0.21
CA CYS A 97 -2.08 -1.92 0.79
C CYS A 97 -2.43 -3.25 0.11
N ASN A 98 -3.22 -4.06 0.76
CA ASN A 98 -3.61 -5.37 0.16
C ASN A 98 -4.65 -5.17 -0.94
N LEU A 99 -4.36 -4.43 -1.96
CA LEU A 99 -5.39 -4.24 -3.03
C LEU A 99 -4.77 -3.88 -4.38
N THR A 100 -5.27 -4.46 -5.42
CA THR A 100 -4.77 -4.13 -6.78
C THR A 100 -5.91 -3.48 -7.56
N GLN A 101 -5.60 -2.75 -8.59
CA GLN A 101 -6.69 -2.09 -9.36
C GLN A 101 -7.80 -3.12 -9.66
N CYS A 102 -8.97 -2.93 -9.12
CA CYS A 102 -10.07 -3.91 -9.37
C CYS A 102 -10.33 -4.05 -10.87
N PRO A 103 -10.65 -2.94 -11.48
CA PRO A 103 -10.93 -2.94 -12.94
C PRO A 103 -9.65 -3.16 -13.75
N VAL A 104 -9.79 -3.38 -15.03
CA VAL A 104 -8.58 -3.61 -15.88
C VAL A 104 -7.86 -2.29 -16.14
N THR A 105 -6.61 -2.35 -16.52
CA THR A 105 -5.84 -1.10 -16.79
C THR A 105 -6.21 -0.55 -18.17
N GLU A 106 -5.93 0.71 -18.41
CA GLU A 106 -6.26 1.31 -19.74
C GLU A 106 -5.91 0.33 -20.86
N SER A 107 -6.85 0.06 -21.74
CA SER A 107 -6.57 -0.88 -22.86
C SER A 107 -5.46 -0.34 -23.76
N SER A 108 -5.79 0.58 -24.63
CA SER A 108 -4.75 1.16 -25.53
C SER A 108 -5.16 2.57 -25.97
N VAL A 109 -4.60 3.57 -25.34
CA VAL A 109 -4.94 4.97 -25.72
C VAL A 109 -3.74 5.67 -26.35
N LEU A 110 -3.97 6.51 -27.33
CA LEU A 110 -2.84 7.22 -27.99
C LEU A 110 -2.27 8.28 -27.05
N ALA A 111 -1.33 7.91 -26.21
CA ALA A 111 -0.74 8.89 -25.28
C ALA A 111 0.61 9.37 -25.80
N THR A 112 1.08 10.50 -25.33
CA THR A 112 2.40 11.02 -25.80
C THR A 112 3.54 10.39 -25.00
N SER A 113 3.54 10.57 -23.71
CA SER A 113 4.62 9.99 -22.87
C SER A 113 4.74 8.48 -23.12
N THR A 114 5.91 7.94 -22.91
CA THR A 114 6.09 6.47 -23.12
C THR A 114 6.52 5.81 -21.81
N ALA A 115 7.36 6.46 -21.06
CA ALA A 115 7.82 5.88 -19.77
C ALA A 115 8.29 7.00 -18.84
N VAL A 116 7.73 7.11 -17.67
CA VAL A 116 8.16 8.18 -16.73
C VAL A 116 9.28 7.68 -15.82
N SER A 117 10.18 8.55 -15.45
CA SER A 117 11.30 8.13 -14.56
C SER A 117 11.22 8.89 -13.22
N GLU A 118 11.13 8.18 -12.14
CA GLU A 118 11.05 8.85 -10.82
C GLU A 118 12.05 8.24 -9.84
N GLN A 119 13.27 8.68 -9.87
CA GLN A 119 14.30 8.12 -8.93
C GLN A 119 14.26 8.86 -7.60
N ALA A 1 3.85 -38.46 7.11
CA ALA A 1 4.89 -38.42 8.18
C ALA A 1 6.24 -38.00 7.59
N ARG A 2 6.39 -38.09 6.29
CA ARG A 2 7.68 -37.69 5.66
C ARG A 2 7.84 -36.16 5.72
N ILE A 3 6.75 -35.44 5.64
CA ILE A 3 6.85 -33.95 5.69
C ILE A 3 8.01 -33.46 4.82
N HIS A 4 7.88 -33.53 3.53
CA HIS A 4 8.98 -33.08 2.64
C HIS A 4 8.72 -31.64 2.17
N HIS A 5 7.51 -31.35 1.76
CA HIS A 5 7.20 -29.97 1.29
C HIS A 5 5.69 -29.80 1.10
N HIS A 6 4.90 -30.52 1.86
CA HIS A 6 3.42 -30.39 1.72
C HIS A 6 2.73 -30.62 3.07
N HIS A 7 2.18 -29.59 3.64
CA HIS A 7 1.48 -29.76 4.95
C HIS A 7 0.83 -28.44 5.37
N HIS A 8 0.40 -27.65 4.43
CA HIS A 8 -0.26 -26.35 4.77
C HIS A 8 0.56 -25.62 5.84
N HIS A 9 1.84 -25.46 5.62
CA HIS A 9 2.69 -24.75 6.62
C HIS A 9 2.51 -25.38 8.00
N ILE A 10 3.25 -24.93 8.97
CA ILE A 10 3.12 -25.49 10.34
C ILE A 10 1.65 -25.49 10.77
N GLU A 11 1.25 -26.44 11.58
CA GLU A 11 -0.16 -26.49 12.03
C GLU A 11 -0.59 -25.14 12.59
N GLY A 12 0.18 -24.58 13.49
CA GLY A 12 -0.19 -23.26 14.06
C GLY A 12 0.32 -23.15 15.50
N ARG A 13 1.63 -23.12 15.67
CA ARG A 13 2.18 -23.00 17.06
C ARG A 13 2.34 -21.53 17.44
N ALA A 14 3.20 -20.83 16.75
CA ALA A 14 3.40 -19.39 17.08
C ALA A 14 2.06 -18.64 17.02
N PRO A 15 2.08 -17.42 17.47
CA PRO A 15 0.85 -16.59 17.48
C PRO A 15 0.50 -16.14 16.06
N THR A 16 -0.36 -15.17 15.93
CA THR A 16 -0.74 -14.69 14.57
C THR A 16 -0.29 -13.23 14.40
N GLU A 17 -0.64 -12.40 15.33
CA GLU A 17 -0.23 -10.97 15.24
C GLU A 17 1.29 -10.84 15.28
N GLN A 18 1.85 -10.12 14.35
CA GLN A 18 3.33 -9.95 14.32
C GLN A 18 3.72 -8.73 13.47
N SER A 19 2.79 -7.84 13.25
CA SER A 19 3.11 -6.64 12.43
C SER A 19 4.34 -5.92 12.99
N PRO A 20 5.42 -6.03 12.28
CA PRO A 20 6.68 -5.38 12.71
C PRO A 20 6.67 -3.90 12.33
N GLY A 21 6.13 -3.57 11.19
CA GLY A 21 6.08 -2.15 10.76
C GLY A 21 6.80 -2.00 9.41
N VAL A 22 7.35 -3.07 8.89
CA VAL A 22 8.05 -2.99 7.59
C VAL A 22 7.43 -3.98 6.59
N GLN A 23 7.28 -3.56 5.37
CA GLN A 23 6.69 -4.46 4.34
C GLN A 23 6.61 -3.75 2.99
N ASP A 24 7.73 -3.54 2.35
CA ASP A 24 7.72 -2.84 1.03
C ASP A 24 7.13 -3.76 -0.05
N CYS A 25 5.92 -4.20 0.14
CA CYS A 25 5.29 -5.10 -0.88
C CYS A 25 3.76 -5.08 -0.72
N TYR A 26 3.04 -5.41 -1.75
CA TYR A 26 1.55 -5.41 -1.66
C TYR A 26 0.96 -6.43 -2.64
N HIS A 27 -0.34 -6.54 -2.67
CA HIS A 27 -0.97 -7.52 -3.61
C HIS A 27 -2.01 -6.82 -4.49
N GLY A 28 -1.82 -6.82 -5.78
CA GLY A 28 -2.80 -6.16 -6.68
C GLY A 28 -2.52 -4.66 -6.72
N ASP A 29 -3.00 -3.93 -5.74
CA ASP A 29 -2.76 -2.45 -5.73
C ASP A 29 -2.56 -1.97 -4.30
N GLY A 30 -2.15 -2.84 -3.43
CA GLY A 30 -1.98 -2.42 -2.02
C GLY A 30 -3.33 -1.95 -1.47
N GLN A 31 -4.38 -2.10 -2.24
CA GLN A 31 -5.73 -1.67 -1.75
C GLN A 31 -6.11 -2.47 -0.51
N SER A 32 -5.88 -3.75 -0.53
CA SER A 32 -6.23 -4.59 0.65
C SER A 32 -5.04 -4.64 1.61
N TYR A 33 -4.24 -3.61 1.63
CA TYR A 33 -3.05 -3.60 2.53
C TYR A 33 -3.50 -3.68 4.00
N ARG A 34 -2.63 -4.13 4.87
CA ARG A 34 -3.00 -4.23 6.32
C ARG A 34 -3.79 -2.99 6.74
N GLY A 35 -3.13 -1.98 7.24
CA GLY A 35 -3.87 -0.76 7.66
C GLY A 35 -2.96 0.22 8.40
N SER A 36 -1.70 0.25 8.11
CA SER A 36 -0.81 1.20 8.83
C SER A 36 0.51 1.42 8.07
N PHE A 37 0.47 1.42 6.77
CA PHE A 37 1.74 1.64 6.01
C PHE A 37 2.02 3.14 5.86
N SER A 38 2.03 3.85 6.94
CA SER A 38 2.31 5.31 6.87
C SER A 38 3.74 5.59 6.40
N THR A 39 4.19 4.97 5.35
CA THR A 39 5.58 5.22 4.87
C THR A 39 5.55 5.70 3.41
N THR A 40 6.11 6.84 3.14
CA THR A 40 6.11 7.36 1.75
C THR A 40 7.31 6.81 0.98
N VAL A 41 7.23 6.77 -0.33
CA VAL A 41 8.36 6.25 -1.13
C VAL A 41 9.67 6.90 -0.67
N THR A 42 9.59 8.07 -0.10
CA THR A 42 10.83 8.76 0.36
C THR A 42 11.18 8.31 1.79
N GLY A 43 10.34 7.53 2.39
CA GLY A 43 10.61 7.06 3.78
C GLY A 43 10.08 8.08 4.78
N ARG A 44 9.37 9.07 4.31
CA ARG A 44 8.83 10.10 5.23
C ARG A 44 7.63 9.54 6.00
N THR A 45 6.90 10.39 6.67
CA THR A 45 5.71 9.91 7.44
C THR A 45 4.42 10.46 6.84
N CYS A 46 3.59 9.61 6.31
CA CYS A 46 2.31 10.08 5.71
C CYS A 46 1.63 11.09 6.64
N GLN A 47 1.08 12.14 6.11
CA GLN A 47 0.40 13.13 6.97
C GLN A 47 -1.09 12.74 7.11
N SER A 48 -1.62 12.77 8.30
CA SER A 48 -3.05 12.42 8.50
C SER A 48 -3.89 12.94 7.33
N TRP A 49 -4.77 12.14 6.81
CA TRP A 49 -5.61 12.60 5.69
C TRP A 49 -6.33 13.87 6.15
N SER A 50 -6.85 13.81 7.33
CA SER A 50 -7.54 14.99 7.93
C SER A 50 -6.51 15.99 8.50
N SER A 51 -5.33 16.05 7.92
CA SER A 51 -4.29 16.98 8.43
C SER A 51 -4.79 18.43 8.37
N MET A 52 -4.60 19.17 9.42
CA MET A 52 -5.08 20.58 9.43
C MET A 52 -3.98 21.51 9.94
N THR A 53 -2.81 20.98 10.18
CA THR A 53 -1.69 21.85 10.70
C THR A 53 -0.84 22.39 9.54
N PRO A 54 -0.16 21.51 8.85
CA PRO A 54 0.70 21.94 7.72
C PRO A 54 -0.19 22.36 6.53
N HIS A 55 -0.49 21.43 5.67
CA HIS A 55 -1.37 21.76 4.50
C HIS A 55 -2.77 21.20 4.77
N TRP A 56 -3.62 21.97 5.39
CA TRP A 56 -5.00 21.50 5.69
C TRP A 56 -5.64 20.92 4.42
N HIS A 57 -6.31 19.81 4.56
CA HIS A 57 -6.99 19.19 3.39
C HIS A 57 -8.49 19.06 3.69
N GLN A 58 -9.24 18.42 2.82
CA GLN A 58 -10.70 18.26 3.07
C GLN A 58 -11.24 17.00 2.39
N ARG A 59 -10.85 16.76 1.17
CA ARG A 59 -11.35 15.55 0.45
C ARG A 59 -10.52 14.32 0.82
N THR A 60 -11.14 13.34 1.42
CA THR A 60 -10.39 12.11 1.80
C THR A 60 -11.28 10.89 1.64
N THR A 61 -10.69 9.73 1.62
CA THR A 61 -11.51 8.51 1.56
C THR A 61 -12.00 8.20 2.98
N GLU A 62 -11.42 8.89 3.96
CA GLU A 62 -11.84 8.68 5.36
C GLU A 62 -13.30 9.07 5.47
N TYR A 63 -13.70 10.03 4.67
CA TYR A 63 -15.12 10.44 4.68
C TYR A 63 -15.97 9.29 4.14
N TYR A 64 -15.32 8.29 3.58
CA TYR A 64 -16.04 7.12 3.05
C TYR A 64 -15.74 5.90 3.90
N PRO A 65 -16.70 5.02 4.00
CA PRO A 65 -16.52 3.81 4.82
C PRO A 65 -15.60 2.83 4.09
N ASN A 66 -15.13 3.18 2.92
CA ASN A 66 -14.23 2.27 2.17
C ASN A 66 -12.77 2.60 2.48
N GLY A 67 -12.53 3.63 3.24
CA GLY A 67 -11.13 4.01 3.57
C GLY A 67 -11.08 4.49 5.02
N GLY A 68 -10.95 3.59 5.95
CA GLY A 68 -10.90 4.01 7.38
C GLY A 68 -9.73 4.97 7.58
N LEU A 69 -8.79 4.95 6.69
CA LEU A 69 -7.60 5.86 6.82
C LEU A 69 -7.22 6.03 8.28
N THR A 70 -6.89 4.95 8.93
CA THR A 70 -6.51 5.05 10.37
C THR A 70 -5.49 6.18 10.53
N ARG A 71 -5.85 7.21 11.26
CA ARG A 71 -4.92 8.35 11.46
C ARG A 71 -4.13 8.64 10.17
N ASN A 72 -2.83 8.71 10.23
CA ASN A 72 -2.03 8.97 9.00
C ASN A 72 -1.76 7.65 8.26
N TYR A 73 -2.67 6.72 8.33
CA TYR A 73 -2.45 5.41 7.64
C TYR A 73 -2.40 5.59 6.13
N CYS A 74 -1.54 4.87 5.47
CA CYS A 74 -1.44 4.98 3.98
C CYS A 74 -2.58 4.19 3.33
N ARG A 75 -3.09 4.65 2.22
CA ARG A 75 -4.22 3.92 1.57
C ARG A 75 -4.26 4.19 0.06
N ASN A 76 -4.71 3.25 -0.71
CA ASN A 76 -4.78 3.45 -2.18
C ASN A 76 -6.24 3.50 -2.63
N PRO A 77 -6.87 4.61 -2.36
CA PRO A 77 -8.29 4.81 -2.72
C PRO A 77 -8.43 4.99 -4.24
N ASP A 78 -7.34 4.96 -4.95
CA ASP A 78 -7.41 5.13 -6.43
C ASP A 78 -7.10 3.80 -7.12
N ALA A 79 -6.62 2.84 -6.39
CA ALA A 79 -6.32 1.51 -6.99
C ALA A 79 -5.16 1.62 -8.01
N GLU A 80 -4.19 2.44 -7.73
CA GLU A 80 -3.04 2.57 -8.67
C GLU A 80 -2.02 1.47 -8.38
N ILE A 81 -0.80 1.66 -8.80
CA ILE A 81 0.24 0.63 -8.51
C ILE A 81 0.30 0.37 -7.01
N SER A 82 0.04 1.39 -6.23
CA SER A 82 0.07 1.25 -4.75
C SER A 82 -0.59 2.47 -4.10
N PRO A 83 -0.74 2.39 -2.81
CA PRO A 83 -1.36 3.51 -2.06
C PRO A 83 -0.41 4.69 -1.93
N TRP A 84 -0.94 5.81 -1.53
CA TRP A 84 -0.09 7.03 -1.35
C TRP A 84 -0.51 7.75 -0.07
N CYS A 85 0.10 8.87 0.23
CA CYS A 85 -0.28 9.58 1.48
C CYS A 85 0.38 10.96 1.55
N TYR A 86 -0.31 11.92 2.11
CA TYR A 86 0.28 13.28 2.23
C TYR A 86 1.58 13.19 3.04
N THR A 87 2.29 14.28 3.17
CA THR A 87 3.56 14.23 3.95
C THR A 87 3.40 14.99 5.26
N MET A 88 3.81 14.41 6.34
CA MET A 88 3.70 15.11 7.65
C MET A 88 4.50 16.42 7.64
N ASP A 89 5.24 16.69 6.58
CA ASP A 89 6.02 17.95 6.52
C ASP A 89 5.37 18.92 5.53
N PRO A 90 5.41 20.16 5.89
CA PRO A 90 4.82 21.23 5.04
C PRO A 90 5.69 21.46 3.81
N ASN A 91 6.79 20.77 3.71
CA ASN A 91 7.68 20.94 2.53
C ASN A 91 7.27 19.95 1.44
N VAL A 92 6.41 19.03 1.76
CA VAL A 92 5.97 18.04 0.74
C VAL A 92 4.44 17.98 0.68
N ARG A 93 3.89 17.86 -0.49
CA ARG A 93 2.41 17.80 -0.62
C ARG A 93 1.91 16.37 -0.41
N TRP A 94 2.32 15.46 -1.24
CA TRP A 94 1.88 14.04 -1.10
C TRP A 94 2.90 13.11 -1.77
N GLU A 95 2.90 11.86 -1.41
CA GLU A 95 3.87 10.91 -2.02
C GLU A 95 3.34 9.48 -1.98
N TYR A 96 3.82 8.63 -2.84
CA TYR A 96 3.34 7.22 -2.85
C TYR A 96 3.85 6.48 -1.61
N CYS A 97 3.51 5.23 -1.48
CA CYS A 97 4.00 4.44 -0.30
C CYS A 97 4.96 3.34 -0.76
N ASN A 98 6.03 3.13 -0.05
CA ASN A 98 7.00 2.07 -0.44
C ASN A 98 6.26 0.74 -0.63
N LEU A 99 5.71 0.51 -1.79
CA LEU A 99 4.97 -0.77 -1.99
C LEU A 99 5.21 -1.35 -3.37
N THR A 100 5.39 -2.64 -3.43
CA THR A 100 5.62 -3.34 -4.72
C THR A 100 4.79 -4.62 -4.77
N GLN A 101 4.53 -5.14 -5.92
CA GLN A 101 3.72 -6.39 -5.99
C GLN A 101 4.42 -7.50 -5.18
N CYS A 102 3.93 -7.78 -4.01
CA CYS A 102 4.56 -8.84 -3.16
C CYS A 102 4.62 -10.18 -3.90
N PRO A 103 3.56 -10.52 -4.59
CA PRO A 103 3.52 -11.82 -5.33
C PRO A 103 4.38 -11.74 -6.59
N VAL A 104 4.03 -10.91 -7.53
CA VAL A 104 4.84 -10.81 -8.78
C VAL A 104 5.83 -9.64 -8.67
N THR A 105 6.80 -9.60 -9.52
CA THR A 105 7.80 -8.49 -9.46
C THR A 105 7.90 -7.80 -10.84
N GLU A 106 7.56 -6.55 -10.89
CA GLU A 106 7.63 -5.82 -12.19
C GLU A 106 8.93 -6.18 -12.93
N SER A 107 8.83 -6.51 -14.19
CA SER A 107 10.05 -6.86 -14.96
C SER A 107 9.79 -6.72 -16.46
N SER A 108 9.29 -7.75 -17.08
CA SER A 108 9.01 -7.67 -18.54
C SER A 108 10.29 -7.32 -19.31
N VAL A 109 10.93 -8.32 -19.88
CA VAL A 109 12.19 -8.04 -20.64
C VAL A 109 11.90 -7.11 -21.82
N LEU A 110 11.27 -7.61 -22.86
CA LEU A 110 10.97 -6.75 -24.03
C LEU A 110 9.75 -5.87 -23.73
N ALA A 111 9.66 -4.73 -24.35
CA ALA A 111 8.49 -3.83 -24.11
C ALA A 111 7.36 -4.16 -25.08
N THR A 112 6.44 -4.98 -24.66
CA THR A 112 5.30 -5.33 -25.57
C THR A 112 4.20 -4.28 -25.47
N SER A 113 3.26 -4.29 -26.38
CA SER A 113 2.16 -3.28 -26.33
C SER A 113 1.19 -3.62 -25.20
N THR A 114 1.34 -2.98 -24.08
CA THR A 114 0.41 -3.26 -22.93
C THR A 114 -0.49 -2.05 -22.68
N ALA A 115 -1.06 -1.51 -23.72
CA ALA A 115 -1.96 -0.33 -23.54
C ALA A 115 -3.37 -0.77 -23.14
N VAL A 116 -3.67 -0.74 -21.87
CA VAL A 116 -5.02 -1.17 -21.42
C VAL A 116 -6.05 -0.08 -21.75
N SER A 117 -5.61 1.14 -21.89
CA SER A 117 -6.56 2.25 -22.21
C SER A 117 -6.54 2.54 -23.72
N GLU A 118 -7.67 2.62 -24.34
CA GLU A 118 -7.71 2.90 -25.80
C GLU A 118 -6.73 4.03 -26.13
N GLN A 119 -6.01 3.90 -27.21
CA GLN A 119 -5.03 4.96 -27.59
C GLN A 119 -5.42 5.59 -28.92
N ALA A 1 12.02 -36.48 20.82
CA ALA A 1 10.68 -35.87 21.04
C ALA A 1 10.68 -35.02 22.30
N ARG A 2 9.69 -34.19 22.48
CA ARG A 2 9.63 -33.34 23.69
C ARG A 2 8.26 -32.64 23.80
N ILE A 3 7.68 -32.28 22.68
CA ILE A 3 6.36 -31.61 22.72
C ILE A 3 6.38 -30.44 23.71
N HIS A 4 6.92 -29.32 23.31
CA HIS A 4 6.97 -28.15 24.22
C HIS A 4 5.57 -27.55 24.40
N HIS A 5 5.40 -26.69 25.36
CA HIS A 5 4.06 -26.07 25.58
C HIS A 5 3.52 -25.51 24.26
N HIS A 6 4.20 -24.57 23.68
CA HIS A 6 3.72 -23.99 22.39
C HIS A 6 4.77 -24.21 21.30
N HIS A 7 4.33 -24.46 20.09
CA HIS A 7 5.31 -24.68 18.98
C HIS A 7 5.39 -23.43 18.10
N HIS A 8 6.28 -22.53 18.42
CA HIS A 8 6.40 -21.29 17.60
C HIS A 8 7.76 -21.27 16.88
N HIS A 9 8.72 -21.98 17.40
CA HIS A 9 10.07 -21.99 16.74
C HIS A 9 10.15 -23.12 15.71
N ILE A 10 9.11 -23.90 15.59
CA ILE A 10 9.12 -25.02 14.61
C ILE A 10 8.41 -24.61 13.33
N GLU A 11 8.66 -23.42 12.85
CA GLU A 11 7.99 -22.96 11.61
C GLU A 11 8.81 -21.84 10.96
N GLY A 12 8.30 -21.26 9.90
CA GLY A 12 9.06 -20.17 9.22
C GLY A 12 8.88 -20.28 7.70
N ARG A 13 7.68 -20.47 7.24
CA ARG A 13 7.45 -20.58 5.78
C ARG A 13 7.11 -19.21 5.19
N ALA A 14 6.48 -19.17 4.05
CA ALA A 14 6.12 -17.86 3.43
C ALA A 14 4.71 -17.92 2.84
N PRO A 15 3.73 -17.78 3.69
CA PRO A 15 2.32 -17.82 3.24
C PRO A 15 1.96 -16.51 2.51
N THR A 16 1.92 -16.54 1.21
CA THR A 16 1.58 -15.30 0.46
C THR A 16 0.13 -14.88 0.74
N GLU A 17 -0.08 -14.02 1.69
CA GLU A 17 -1.47 -13.58 2.02
C GLU A 17 -2.29 -13.36 0.74
N GLN A 18 -3.03 -14.35 0.34
CA GLN A 18 -3.85 -14.21 -0.90
C GLN A 18 -4.96 -13.18 -0.70
N SER A 19 -5.29 -12.87 0.54
CA SER A 19 -6.37 -11.89 0.80
C SER A 19 -6.02 -10.53 0.15
N PRO A 20 -4.94 -9.95 0.59
CA PRO A 20 -4.51 -8.64 0.05
C PRO A 20 -3.95 -8.83 -1.37
N GLY A 21 -3.96 -7.79 -2.16
CA GLY A 21 -3.42 -7.92 -3.54
C GLY A 21 -2.15 -7.07 -3.68
N VAL A 22 -1.06 -7.69 -4.07
CA VAL A 22 0.21 -6.93 -4.23
C VAL A 22 0.24 -6.21 -5.58
N GLN A 23 0.74 -5.01 -5.61
CA GLN A 23 0.80 -4.25 -6.90
C GLN A 23 1.27 -2.81 -6.65
N ASP A 24 2.55 -2.58 -6.77
CA ASP A 24 3.08 -1.20 -6.54
C ASP A 24 2.84 -0.32 -7.77
N CYS A 25 1.66 0.25 -7.89
CA CYS A 25 1.37 1.10 -9.07
C CYS A 25 0.17 2.04 -8.76
N TYR A 26 0.24 3.26 -9.19
CA TYR A 26 -0.88 4.21 -8.92
C TYR A 26 -1.13 5.11 -10.13
N HIS A 27 -2.35 5.52 -10.33
CA HIS A 27 -2.67 6.40 -11.49
C HIS A 27 -2.77 7.87 -11.03
N GLY A 28 -2.26 8.78 -11.80
CA GLY A 28 -2.32 10.22 -11.39
C GLY A 28 -1.32 10.47 -10.26
N ASP A 29 -1.80 10.79 -9.09
CA ASP A 29 -0.87 11.04 -7.96
C ASP A 29 -1.36 10.29 -6.73
N GLY A 30 -1.53 9.00 -6.86
CA GLY A 30 -2.04 8.22 -5.70
C GLY A 30 -3.49 8.65 -5.42
N GLN A 31 -4.02 9.50 -6.26
CA GLN A 31 -5.42 9.97 -6.05
C GLN A 31 -6.44 8.91 -6.47
N SER A 32 -6.17 8.21 -7.56
CA SER A 32 -7.13 7.17 -8.01
C SER A 32 -6.84 5.83 -7.30
N TYR A 33 -6.38 5.89 -6.08
CA TYR A 33 -6.08 4.63 -5.34
C TYR A 33 -7.33 4.12 -4.63
N ARG A 34 -8.11 3.30 -5.29
CA ARG A 34 -9.35 2.76 -4.66
C ARG A 34 -9.04 1.47 -3.92
N GLY A 35 -8.03 1.46 -3.09
CA GLY A 35 -7.69 0.21 -2.35
C GLY A 35 -7.06 0.58 -1.00
N SER A 36 -6.80 -0.40 -0.18
CA SER A 36 -6.19 -0.12 1.15
C SER A 36 -4.74 -0.65 1.20
N PHE A 37 -3.86 -0.04 0.47
CA PHE A 37 -2.44 -0.50 0.47
C PHE A 37 -1.77 -0.16 1.80
N SER A 38 -2.13 -0.84 2.85
CA SER A 38 -1.51 -0.56 4.17
C SER A 38 -0.02 -0.96 4.19
N THR A 39 0.72 -0.65 3.16
CA THR A 39 2.18 -1.00 3.15
C THR A 39 3.01 0.22 2.75
N THR A 40 4.22 0.32 3.25
CA THR A 40 5.07 1.50 2.91
C THR A 40 6.01 1.16 1.75
N VAL A 41 6.80 2.11 1.31
CA VAL A 41 7.74 1.85 0.19
C VAL A 41 8.88 0.94 0.64
N THR A 42 9.44 1.21 1.80
CA THR A 42 10.56 0.35 2.29
C THR A 42 10.08 -1.09 2.49
N GLY A 43 8.79 -1.31 2.44
CA GLY A 43 8.27 -2.69 2.62
C GLY A 43 7.90 -2.90 4.09
N ARG A 44 7.91 -1.86 4.87
CA ARG A 44 7.55 -2.00 6.30
C ARG A 44 6.04 -1.91 6.49
N THR A 45 5.59 -1.70 7.69
CA THR A 45 4.12 -1.61 7.93
C THR A 45 3.74 -0.20 8.38
N CYS A 46 3.00 0.52 7.56
CA CYS A 46 2.60 1.89 7.92
C CYS A 46 1.75 1.89 9.21
N GLN A 47 1.78 2.94 9.97
CA GLN A 47 0.99 2.99 11.23
C GLN A 47 -0.40 3.59 11.00
N SER A 48 -1.37 3.14 11.75
CA SER A 48 -2.75 3.69 11.62
C SER A 48 -2.71 5.21 11.73
N TRP A 49 -3.59 5.89 11.05
CA TRP A 49 -3.59 7.37 11.14
C TRP A 49 -4.00 7.78 12.55
N SER A 50 -4.92 7.05 13.14
CA SER A 50 -5.37 7.37 14.52
C SER A 50 -4.35 6.87 15.56
N SER A 51 -3.12 6.68 15.18
CA SER A 51 -2.10 6.20 16.16
C SER A 51 -1.83 7.31 17.17
N MET A 52 -1.77 6.97 18.42
CA MET A 52 -1.53 8.01 19.46
C MET A 52 -0.33 7.60 20.33
N THR A 53 0.26 6.46 20.04
CA THR A 53 1.42 6.00 20.85
C THR A 53 2.74 6.50 20.23
N PRO A 54 3.03 6.03 19.05
CA PRO A 54 4.27 6.45 18.37
C PRO A 54 4.15 7.89 17.86
N HIS A 55 3.67 8.08 16.67
CA HIS A 55 3.54 9.47 16.13
C HIS A 55 2.08 9.93 16.21
N TRP A 56 1.64 10.35 17.37
CA TRP A 56 0.23 10.83 17.50
C TRP A 56 -0.05 11.88 16.42
N HIS A 57 -1.19 11.80 15.76
CA HIS A 57 -1.51 12.81 14.71
C HIS A 57 -2.83 13.52 15.02
N GLN A 58 -3.39 14.17 14.03
CA GLN A 58 -4.69 14.89 14.25
C GLN A 58 -5.56 14.84 13.00
N ARG A 59 -5.40 13.81 12.21
CA ARG A 59 -6.21 13.70 10.96
C ARG A 59 -6.92 12.34 10.91
N THR A 60 -7.29 11.81 12.05
CA THR A 60 -7.99 10.49 12.07
C THR A 60 -9.11 10.46 11.05
N THR A 61 -9.79 9.36 10.99
CA THR A 61 -10.94 9.25 10.06
C THR A 61 -12.03 10.21 10.53
N GLU A 62 -11.89 10.73 11.73
CA GLU A 62 -12.91 11.67 12.23
C GLU A 62 -12.89 12.90 11.33
N TYR A 63 -11.75 13.18 10.78
CA TYR A 63 -11.63 14.33 9.86
C TYR A 63 -11.92 13.85 8.43
N TYR A 64 -12.13 12.57 8.26
CA TYR A 64 -12.42 12.02 6.90
C TYR A 64 -13.59 11.05 6.98
N PRO A 65 -14.75 11.56 6.69
CA PRO A 65 -15.98 10.74 6.74
C PRO A 65 -16.03 9.75 5.57
N ASN A 66 -15.26 9.98 4.54
CA ASN A 66 -15.27 9.05 3.38
C ASN A 66 -13.92 9.08 2.66
N GLY A 67 -12.88 8.64 3.30
CA GLY A 67 -11.54 8.63 2.64
C GLY A 67 -11.00 7.21 2.58
N GLY A 68 -11.49 6.34 3.42
CA GLY A 68 -10.98 4.94 3.43
C GLY A 68 -9.72 4.88 4.27
N LEU A 69 -9.48 5.91 5.05
CA LEU A 69 -8.27 5.93 5.91
C LEU A 69 -8.43 4.97 7.08
N THR A 70 -8.64 3.72 6.79
CA THR A 70 -8.80 2.72 7.88
C THR A 70 -7.44 2.23 8.35
N ARG A 71 -7.30 1.93 9.61
CA ARG A 71 -5.98 1.47 10.14
C ARG A 71 -4.86 2.31 9.53
N ASN A 72 -3.73 1.71 9.24
CA ASN A 72 -2.61 2.50 8.64
C ASN A 72 -2.77 2.56 7.11
N TYR A 73 -3.96 2.33 6.62
CA TYR A 73 -4.19 2.36 5.14
C TYR A 73 -3.37 3.47 4.48
N CYS A 74 -3.01 3.26 3.25
CA CYS A 74 -2.19 4.29 2.52
C CYS A 74 -3.09 5.23 1.71
N ARG A 75 -3.07 6.49 2.03
CA ARG A 75 -3.93 7.46 1.28
C ARG A 75 -3.05 8.61 0.75
N ASN A 76 -3.52 9.33 -0.25
CA ASN A 76 -2.71 10.44 -0.80
C ASN A 76 -3.54 11.74 -0.83
N PRO A 77 -3.75 12.29 0.32
CA PRO A 77 -4.52 13.55 0.43
C PRO A 77 -3.63 14.77 0.15
N ASP A 78 -2.54 14.58 -0.55
CA ASP A 78 -1.64 15.75 -0.85
C ASP A 78 -1.33 15.81 -2.34
N ALA A 79 -1.99 15.02 -3.13
CA ALA A 79 -1.72 15.03 -4.60
C ALA A 79 -0.24 14.74 -4.86
N GLU A 80 0.36 13.92 -4.05
CA GLU A 80 1.80 13.59 -4.26
C GLU A 80 1.95 12.39 -5.19
N ILE A 81 3.16 12.04 -5.55
CA ILE A 81 3.36 10.88 -6.45
C ILE A 81 2.47 9.70 -6.02
N SER A 82 2.30 9.52 -4.73
CA SER A 82 1.45 8.38 -4.26
C SER A 82 1.02 8.61 -2.80
N PRO A 83 0.26 7.67 -2.30
CA PRO A 83 -0.22 7.76 -0.90
C PRO A 83 0.91 7.50 0.10
N TRP A 84 0.92 8.26 1.16
CA TRP A 84 1.98 8.08 2.20
C TRP A 84 1.35 8.07 3.59
N CYS A 85 2.11 7.86 4.63
CA CYS A 85 1.52 7.85 6.00
C CYS A 85 2.59 7.63 7.06
N TYR A 86 2.20 7.29 8.26
CA TYR A 86 3.19 7.06 9.35
C TYR A 86 3.66 5.60 9.34
N THR A 87 4.64 5.27 10.14
CA THR A 87 5.15 3.86 10.17
C THR A 87 4.69 3.17 11.46
N MET A 88 4.34 1.92 11.39
CA MET A 88 3.91 1.18 12.60
C MET A 88 5.10 0.90 13.53
N ASP A 89 6.26 1.44 13.22
CA ASP A 89 7.43 1.21 14.09
C ASP A 89 7.95 2.55 14.61
N PRO A 90 8.41 2.52 15.82
CA PRO A 90 8.95 3.74 16.47
C PRO A 90 10.31 4.12 15.87
N ASN A 91 10.76 3.37 14.89
CA ASN A 91 12.08 3.70 14.27
C ASN A 91 11.85 4.52 13.00
N VAL A 92 10.61 4.68 12.59
CA VAL A 92 10.33 5.46 11.36
C VAL A 92 9.21 6.48 11.63
N ARG A 93 9.33 7.67 11.11
CA ARG A 93 8.27 8.68 11.32
C ARG A 93 7.14 8.49 10.30
N TRP A 94 7.48 8.58 9.03
CA TRP A 94 6.45 8.39 7.97
C TRP A 94 7.14 7.93 6.68
N GLU A 95 6.39 7.41 5.75
CA GLU A 95 7.03 6.96 4.47
C GLU A 95 5.97 6.75 3.39
N TYR A 96 6.37 6.81 2.14
CA TYR A 96 5.39 6.62 1.04
C TYR A 96 5.08 5.13 0.90
N CYS A 97 4.06 4.80 0.15
CA CYS A 97 3.71 3.35 -0.01
C CYS A 97 4.23 2.83 -1.35
N ASN A 98 4.62 1.58 -1.40
CA ASN A 98 5.15 1.01 -2.68
C ASN A 98 4.20 1.31 -3.83
N LEU A 99 4.34 2.45 -4.45
CA LEU A 99 3.43 2.78 -5.58
C LEU A 99 4.17 3.55 -6.67
N THR A 100 3.92 3.20 -7.90
CA THR A 100 4.58 3.90 -9.04
C THR A 100 3.52 4.29 -10.06
N GLN A 101 3.80 5.25 -10.90
CA GLN A 101 2.79 5.66 -11.92
C GLN A 101 2.26 4.44 -12.68
N CYS A 102 1.15 3.90 -12.24
CA CYS A 102 0.58 2.70 -12.92
C CYS A 102 0.27 3.02 -14.38
N PRO A 103 0.54 2.07 -15.24
CA PRO A 103 0.26 2.24 -16.69
C PRO A 103 -1.25 2.18 -16.95
N VAL A 104 -1.74 3.01 -17.82
CA VAL A 104 -3.21 2.98 -18.11
C VAL A 104 -3.46 2.59 -19.57
N THR A 105 -2.86 3.28 -20.50
CA THR A 105 -3.08 2.96 -21.94
C THR A 105 -2.87 1.45 -22.18
N GLU A 106 -1.65 0.99 -22.10
CA GLU A 106 -1.40 -0.47 -22.31
C GLU A 106 -2.12 -0.95 -23.57
N SER A 107 -2.41 -0.06 -24.48
CA SER A 107 -3.12 -0.47 -25.73
C SER A 107 -2.32 -0.04 -26.96
N SER A 108 -1.55 -0.93 -27.52
CA SER A 108 -0.75 -0.57 -28.73
C SER A 108 -1.09 -1.52 -29.88
N VAL A 109 -1.89 -2.51 -29.63
CA VAL A 109 -2.25 -3.47 -30.72
C VAL A 109 -3.15 -2.78 -31.75
N LEU A 110 -3.57 -1.58 -31.47
CA LEU A 110 -4.44 -0.86 -32.44
C LEU A 110 -3.63 0.17 -33.23
N ALA A 111 -3.02 -0.26 -34.30
CA ALA A 111 -2.21 0.69 -35.12
C ALA A 111 -2.68 0.65 -36.58
N THR A 112 -3.16 1.76 -37.09
CA THR A 112 -3.63 1.78 -38.50
C THR A 112 -2.54 1.25 -39.43
N SER A 113 -2.89 0.88 -40.63
CA SER A 113 -1.88 0.34 -41.59
C SER A 113 -0.65 1.27 -41.62
N THR A 114 0.45 0.82 -41.09
CA THR A 114 1.68 1.66 -41.10
C THR A 114 2.57 1.30 -42.29
N ALA A 115 2.44 0.11 -42.80
CA ALA A 115 3.28 -0.30 -43.97
C ALA A 115 2.58 -1.41 -44.76
N VAL A 116 1.39 -1.14 -45.24
CA VAL A 116 0.66 -2.19 -46.03
C VAL A 116 0.39 -1.68 -47.45
N SER A 117 1.37 -1.11 -48.09
CA SER A 117 1.17 -0.59 -49.47
C SER A 117 1.67 -1.62 -50.49
N GLU A 118 0.79 -2.13 -51.31
CA GLU A 118 1.21 -3.14 -52.33
C GLU A 118 1.66 -2.43 -53.61
N GLN A 119 0.77 -1.70 -54.24
CA GLN A 119 1.15 -0.98 -55.50
C GLN A 119 1.23 0.52 -55.24
N ALA A 1 -2.92 -11.55 20.02
CA ALA A 1 -1.66 -11.73 19.23
C ALA A 1 -1.97 -11.70 17.73
N ARG A 2 -1.89 -10.55 17.12
CA ARG A 2 -2.17 -10.45 15.66
C ARG A 2 -3.57 -10.99 15.36
N ILE A 3 -4.08 -10.72 14.19
CA ILE A 3 -5.44 -11.23 13.84
C ILE A 3 -5.35 -12.54 13.05
N HIS A 4 -6.39 -13.32 13.07
CA HIS A 4 -6.37 -14.62 12.32
C HIS A 4 -5.27 -15.53 12.87
N HIS A 5 -5.14 -16.70 12.32
CA HIS A 5 -4.09 -17.65 12.82
C HIS A 5 -2.94 -17.74 11.81
N HIS A 6 -3.05 -17.06 10.70
CA HIS A 6 -1.97 -17.10 9.68
C HIS A 6 -1.65 -15.69 9.17
N HIS A 7 -0.81 -14.99 9.87
CA HIS A 7 -0.45 -13.61 9.42
C HIS A 7 0.71 -13.67 8.42
N HIS A 8 1.22 -12.54 8.02
CA HIS A 8 2.35 -12.54 7.04
C HIS A 8 3.62 -13.08 7.70
N HIS A 9 4.76 -12.60 7.29
CA HIS A 9 6.04 -13.09 7.90
C HIS A 9 6.22 -14.59 7.62
N ILE A 10 5.91 -15.01 6.43
CA ILE A 10 6.06 -16.46 6.09
C ILE A 10 7.50 -16.74 5.63
N GLU A 11 7.83 -17.99 5.46
CA GLU A 11 9.22 -18.34 5.01
C GLU A 11 9.30 -18.30 3.48
N GLY A 12 8.69 -19.25 2.83
CA GLY A 12 8.74 -19.28 1.34
C GLY A 12 10.19 -19.16 0.87
N ARG A 13 10.90 -20.25 0.85
CA ARG A 13 12.32 -20.21 0.39
C ARG A 13 12.57 -21.28 -0.67
N ALA A 14 12.08 -21.07 -1.86
CA ALA A 14 12.29 -22.07 -2.95
C ALA A 14 13.35 -21.58 -3.93
N PRO A 15 13.96 -22.51 -4.61
CA PRO A 15 15.01 -22.18 -5.59
C PRO A 15 14.40 -21.59 -6.87
N THR A 16 13.33 -22.17 -7.34
CA THR A 16 12.70 -21.64 -8.58
C THR A 16 11.67 -20.57 -8.25
N GLU A 17 11.69 -20.06 -7.05
CA GLU A 17 10.70 -19.00 -6.67
C GLU A 17 10.88 -17.78 -7.58
N GLN A 18 9.85 -17.38 -8.27
CA GLN A 18 9.96 -16.22 -9.17
C GLN A 18 8.57 -15.58 -9.38
N SER A 19 7.58 -16.38 -9.65
CA SER A 19 6.21 -15.82 -9.87
C SER A 19 5.65 -15.31 -8.54
N PRO A 20 5.58 -16.20 -7.58
CA PRO A 20 5.06 -15.84 -6.25
C PRO A 20 6.08 -15.01 -5.48
N GLY A 21 5.67 -13.90 -4.92
CA GLY A 21 6.62 -13.04 -4.16
C GLY A 21 5.87 -11.90 -3.50
N VAL A 22 6.11 -11.67 -2.25
CA VAL A 22 5.40 -10.56 -1.54
C VAL A 22 5.99 -9.20 -1.94
N GLN A 23 5.18 -8.31 -2.43
CA GLN A 23 5.69 -6.97 -2.84
C GLN A 23 4.62 -6.21 -3.62
N ASP A 24 3.83 -5.42 -2.95
CA ASP A 24 2.77 -4.65 -3.66
C ASP A 24 3.40 -3.65 -4.63
N CYS A 25 2.60 -2.84 -5.27
CA CYS A 25 3.16 -1.85 -6.23
C CYS A 25 2.14 -0.73 -6.50
N TYR A 26 2.40 0.11 -7.46
CA TYR A 26 1.43 1.20 -7.78
C TYR A 26 1.55 1.62 -9.25
N HIS A 27 0.65 2.45 -9.72
CA HIS A 27 0.71 2.88 -11.14
C HIS A 27 0.71 4.42 -11.22
N GLY A 28 1.88 5.02 -11.32
CA GLY A 28 1.93 6.51 -11.41
C GLY A 28 2.66 7.06 -10.18
N ASP A 29 1.93 7.49 -9.19
CA ASP A 29 2.58 8.04 -7.97
C ASP A 29 1.91 7.48 -6.72
N GLY A 30 1.56 6.22 -6.76
CA GLY A 30 0.87 5.62 -5.58
C GLY A 30 -0.54 6.20 -5.51
N GLN A 31 -0.87 7.09 -6.41
CA GLN A 31 -2.24 7.69 -6.40
C GLN A 31 -3.27 6.68 -6.90
N SER A 32 -4.51 6.86 -6.55
CA SER A 32 -5.58 5.91 -6.99
C SER A 32 -5.45 4.58 -6.25
N TYR A 33 -4.48 4.46 -5.39
CA TYR A 33 -4.30 3.19 -4.63
C TYR A 33 -5.42 3.02 -3.60
N ARG A 34 -6.63 2.82 -4.07
CA ARG A 34 -7.77 2.65 -3.12
C ARG A 34 -7.54 1.45 -2.21
N GLY A 35 -6.90 0.43 -2.71
CA GLY A 35 -6.64 -0.78 -1.86
C GLY A 35 -6.20 -0.34 -0.48
N SER A 36 -6.84 -0.84 0.55
CA SER A 36 -6.43 -0.46 1.94
C SER A 36 -5.06 -1.04 2.27
N PHE A 37 -4.07 -0.69 1.49
CA PHE A 37 -2.70 -1.20 1.76
C PHE A 37 -2.22 -0.75 3.13
N SER A 38 -2.73 -1.35 4.17
CA SER A 38 -2.31 -0.96 5.55
C SER A 38 -0.86 -1.39 5.84
N THR A 39 0.04 -1.21 4.91
CA THR A 39 1.46 -1.62 5.15
C THR A 39 2.40 -0.46 4.81
N THR A 40 3.51 -0.35 5.50
CA THR A 40 4.46 0.75 5.21
C THR A 40 5.63 0.23 4.36
N VAL A 41 6.47 1.11 3.89
CA VAL A 41 7.63 0.67 3.06
C VAL A 41 8.48 -0.34 3.85
N THR A 42 8.85 0.01 5.05
CA THR A 42 9.68 -0.93 5.87
C THR A 42 8.95 -2.26 6.05
N GLY A 43 7.67 -2.29 5.78
CA GLY A 43 6.90 -3.55 5.95
C GLY A 43 6.10 -3.49 7.24
N ARG A 44 6.24 -2.43 7.99
CA ARG A 44 5.48 -2.31 9.27
C ARG A 44 4.02 -1.97 8.99
N THR A 45 3.26 -1.69 10.01
CA THR A 45 1.81 -1.35 9.80
C THR A 45 1.60 0.14 10.09
N CYS A 46 0.94 0.84 9.20
CA CYS A 46 0.72 2.28 9.43
C CYS A 46 -0.45 2.48 10.41
N GLN A 47 -0.26 3.26 11.44
CA GLN A 47 -1.34 3.48 12.42
C GLN A 47 -2.54 4.18 11.78
N SER A 48 -3.72 3.65 11.96
CA SER A 48 -4.91 4.30 11.36
C SER A 48 -4.85 5.81 11.60
N TRP A 49 -5.44 6.58 10.73
CA TRP A 49 -5.40 8.06 10.93
C TRP A 49 -6.24 8.43 12.15
N SER A 50 -7.26 7.66 12.44
CA SER A 50 -8.13 7.96 13.61
C SER A 50 -7.46 7.50 14.92
N SER A 51 -6.19 7.20 14.89
CA SER A 51 -5.52 6.76 16.14
C SER A 51 -5.02 7.98 16.92
N MET A 52 -5.62 8.27 18.04
CA MET A 52 -5.18 9.46 18.83
C MET A 52 -4.36 9.01 20.04
N THR A 53 -3.74 7.88 19.97
CA THR A 53 -2.91 7.40 21.11
C THR A 53 -1.43 7.72 20.87
N PRO A 54 -0.86 7.09 19.87
CA PRO A 54 0.58 7.33 19.56
C PRO A 54 0.74 8.69 18.86
N HIS A 55 0.73 8.71 17.55
CA HIS A 55 0.90 10.01 16.82
C HIS A 55 -0.46 10.69 16.65
N TRP A 56 -0.67 11.80 17.30
CA TRP A 56 -1.97 12.50 17.17
C TRP A 56 -1.91 13.57 16.08
N HIS A 57 -2.96 13.70 15.32
CA HIS A 57 -2.99 14.72 14.23
C HIS A 57 -4.42 14.90 13.72
N GLN A 58 -4.61 15.69 12.70
CA GLN A 58 -5.99 15.88 12.17
C GLN A 58 -5.97 15.98 10.64
N ARG A 59 -4.99 15.38 10.01
CA ARG A 59 -4.92 15.44 8.52
C ARG A 59 -5.58 14.19 7.93
N THR A 60 -6.18 13.38 8.75
CA THR A 60 -6.85 12.15 8.23
C THR A 60 -7.79 12.49 7.08
N THR A 61 -8.52 11.52 6.62
CA THR A 61 -9.49 11.79 5.54
C THR A 61 -10.68 12.53 6.13
N GLU A 62 -10.76 12.58 7.44
CA GLU A 62 -11.88 13.31 8.06
C GLU A 62 -11.84 14.74 7.58
N TYR A 63 -10.67 15.19 7.24
CA TYR A 63 -10.54 16.57 6.73
C TYR A 63 -10.50 16.53 5.19
N TYR A 64 -10.72 15.37 4.63
CA TYR A 64 -10.69 15.25 3.14
C TYR A 64 -11.87 14.40 2.65
N PRO A 65 -12.63 14.96 1.74
CA PRO A 65 -13.79 14.24 1.18
C PRO A 65 -13.33 13.15 0.21
N ASN A 66 -12.04 13.08 -0.04
CA ASN A 66 -11.51 12.05 -0.97
C ASN A 66 -10.41 11.24 -0.29
N GLY A 67 -10.54 11.00 0.99
CA GLY A 67 -9.51 10.21 1.71
C GLY A 67 -10.07 8.82 2.01
N GLY A 68 -10.07 7.96 1.04
CA GLY A 68 -10.59 6.58 1.27
C GLY A 68 -9.52 5.75 1.98
N LEU A 69 -8.88 6.32 2.97
CA LEU A 69 -7.85 5.57 3.71
C LEU A 69 -8.29 5.43 5.15
N THR A 70 -9.56 5.59 5.38
CA THR A 70 -10.10 5.46 6.77
C THR A 70 -9.52 4.22 7.45
N ARG A 71 -9.56 4.16 8.74
CA ARG A 71 -8.98 2.98 9.44
C ARG A 71 -7.47 2.98 9.22
N ASN A 72 -6.88 1.84 9.00
CA ASN A 72 -5.42 1.81 8.75
C ASN A 72 -5.19 1.51 7.27
N TYR A 73 -5.56 2.42 6.41
CA TYR A 73 -5.35 2.20 4.95
C TYR A 73 -4.39 3.27 4.41
N CYS A 74 -3.41 2.85 3.67
CA CYS A 74 -2.41 3.82 3.10
C CYS A 74 -3.06 4.70 2.03
N ARG A 75 -2.60 5.91 1.88
CA ARG A 75 -3.18 6.82 0.85
C ARG A 75 -2.14 7.84 0.38
N ASN A 76 -2.31 8.39 -0.79
CA ASN A 76 -1.32 9.38 -1.30
C ASN A 76 -2.04 10.62 -1.82
N PRO A 77 -2.58 11.38 -0.91
CA PRO A 77 -3.30 12.63 -1.27
C PRO A 77 -2.31 13.77 -1.54
N ASP A 78 -1.04 13.46 -1.66
CA ASP A 78 -0.03 14.53 -1.91
C ASP A 78 0.56 14.38 -3.31
N ALA A 79 0.17 13.34 -4.02
CA ALA A 79 0.71 13.14 -5.40
C ALA A 79 2.19 12.80 -5.36
N GLU A 80 2.64 12.18 -4.31
CA GLU A 80 4.09 11.81 -4.21
C GLU A 80 4.32 10.47 -4.89
N ILE A 81 5.56 10.14 -5.16
CA ILE A 81 5.85 8.82 -5.81
C ILE A 81 5.01 7.73 -5.15
N SER A 82 4.86 7.82 -3.86
CA SER A 82 4.04 6.80 -3.14
C SER A 82 3.31 7.46 -1.97
N PRO A 83 2.33 6.77 -1.46
CA PRO A 83 1.53 7.30 -0.34
C PRO A 83 2.34 7.29 0.96
N TRP A 84 1.70 7.63 2.04
CA TRP A 84 2.39 7.66 3.35
C TRP A 84 1.37 7.54 4.48
N CYS A 85 1.79 7.19 5.66
CA CYS A 85 0.82 7.07 6.78
C CYS A 85 1.55 6.89 8.13
N TYR A 86 0.90 7.24 9.20
CA TYR A 86 1.54 7.08 10.54
C TYR A 86 1.83 5.59 10.80
N THR A 87 2.75 5.29 11.68
CA THR A 87 3.08 3.86 11.95
C THR A 87 2.27 3.35 13.15
N MET A 88 1.74 2.16 13.05
CA MET A 88 0.97 1.58 14.19
C MET A 88 1.77 1.66 15.49
N ASP A 89 3.06 1.89 15.41
CA ASP A 89 3.87 1.98 16.64
C ASP A 89 4.34 3.42 16.86
N PRO A 90 4.29 3.83 18.08
CA PRO A 90 4.72 5.21 18.44
C PRO A 90 6.23 5.34 18.26
N ASN A 91 6.91 4.24 18.08
CA ASN A 91 8.38 4.31 17.90
C ASN A 91 8.68 4.86 16.51
N VAL A 92 7.73 4.81 15.62
CA VAL A 92 7.96 5.34 14.25
C VAL A 92 7.06 6.56 13.99
N ARG A 93 7.61 7.63 13.49
CA ARG A 93 6.79 8.83 13.23
C ARG A 93 5.84 8.56 12.05
N TRP A 94 6.38 8.26 10.91
CA TRP A 94 5.55 7.97 9.72
C TRP A 94 6.37 7.20 8.70
N GLU A 95 5.77 6.75 7.63
CA GLU A 95 6.56 5.99 6.61
C GLU A 95 5.71 5.72 5.37
N TYR A 96 6.32 5.71 4.22
CA TYR A 96 5.56 5.44 2.97
C TYR A 96 5.03 4.01 2.96
N CYS A 97 4.33 3.61 1.94
CA CYS A 97 3.79 2.22 1.90
C CYS A 97 4.48 1.41 0.80
N ASN A 98 4.63 0.13 1.01
CA ASN A 98 5.29 -0.73 -0.02
C ASN A 98 4.69 -0.48 -1.40
N LEU A 99 5.19 0.48 -2.12
CA LEU A 99 4.61 0.75 -3.47
C LEU A 99 5.73 1.10 -4.46
N THR A 100 5.55 0.69 -5.69
CA THR A 100 6.56 0.96 -6.75
C THR A 100 5.87 0.89 -8.11
N GLN A 101 6.45 1.47 -9.11
CA GLN A 101 5.81 1.42 -10.46
C GLN A 101 5.57 -0.05 -10.84
N CYS A 102 4.37 -0.52 -10.70
CA CYS A 102 4.08 -1.94 -11.05
C CYS A 102 4.79 -2.32 -12.36
N PRO A 103 5.40 -3.47 -12.36
CA PRO A 103 6.14 -3.95 -13.56
C PRO A 103 5.16 -4.32 -14.67
N VAL A 104 3.88 -4.26 -14.41
CA VAL A 104 2.89 -4.62 -15.46
C VAL A 104 2.53 -3.37 -16.28
N THR A 105 3.14 -2.26 -15.97
CA THR A 105 2.84 -1.00 -16.74
C THR A 105 3.35 -1.12 -18.17
N GLU A 106 2.52 -1.58 -19.07
CA GLU A 106 2.97 -1.71 -20.50
C GLU A 106 3.78 -0.48 -20.92
N SER A 107 4.71 -0.65 -21.80
CA SER A 107 5.54 0.50 -22.26
C SER A 107 4.69 1.46 -23.12
N SER A 108 5.31 2.43 -23.72
CA SER A 108 4.54 3.39 -24.56
C SER A 108 4.18 2.76 -25.90
N VAL A 109 4.54 1.52 -26.10
CA VAL A 109 4.22 0.84 -27.38
C VAL A 109 2.74 1.03 -27.73
N LEU A 110 2.41 1.01 -28.98
CA LEU A 110 0.97 1.19 -29.39
C LEU A 110 0.34 -0.16 -29.71
N ALA A 111 0.12 -0.98 -28.72
CA ALA A 111 -0.51 -2.31 -28.97
C ALA A 111 -2.03 -2.18 -29.02
N THR A 112 -2.69 -3.05 -29.73
CA THR A 112 -4.17 -2.97 -29.82
C THR A 112 -4.81 -4.15 -29.09
N SER A 113 -6.10 -4.10 -28.88
CA SER A 113 -6.78 -5.22 -28.15
C SER A 113 -6.96 -6.42 -29.10
N THR A 114 -6.20 -7.46 -28.91
CA THR A 114 -6.33 -8.65 -29.80
C THR A 114 -6.70 -9.89 -28.96
N ALA A 115 -7.54 -10.73 -29.49
CA ALA A 115 -7.94 -11.95 -28.73
C ALA A 115 -6.76 -12.91 -28.59
N VAL A 116 -6.24 -13.06 -27.40
CA VAL A 116 -5.08 -13.97 -27.20
C VAL A 116 -5.55 -15.44 -27.29
N SER A 117 -6.81 -15.67 -27.08
CA SER A 117 -7.33 -17.08 -27.16
C SER A 117 -8.33 -17.21 -28.31
N GLU A 118 -8.23 -18.26 -29.07
CA GLU A 118 -9.19 -18.45 -30.20
C GLU A 118 -9.76 -19.87 -30.18
N GLN A 119 -10.80 -20.12 -30.93
CA GLN A 119 -11.41 -21.48 -30.95
C GLN A 119 -12.22 -21.68 -32.22
#